data_8VZB
#
_entry.id   8VZB
#
_cell.length_a   69.709
_cell.length_b   178.005
_cell.length_c   196.111
_cell.angle_alpha   90.000
_cell.angle_beta   90.000
_cell.angle_gamma   90.000
#
_symmetry.space_group_name_H-M   'P 21 21 21'
#
loop_
_entity.id
_entity.type
_entity.pdbx_description
1 polymer 'Oxalyl-CoA decarboxylase'
2 non-polymer 'MAGNESIUM ION'
3 non-polymer '2-[(2R)-3-[(4-azanyl-2-methyl-pyrimidin-5-yl)methyl]-4-methyl-2-oxidanyl-2H-1,3-thiazol-5-yl]ethyl phosphono hydrogen phosphate'
4 non-polymer 'S-{(3S,5R,9R)-1-[(2R,3S,4R,5R)-5-(6-amino-9H-purin-9-yl)-4-hydroxy-3-(phosphonooxy)oxolan-2-yl]-3,5,9-trihydroxy-8,8-dimethyl-3,5,10,14-tetraoxo-2,4,6-trioxa-11,15-diaza-3lambda~5~,5lambda~5~-diphosphaheptadecan-17-yl} (2R)-2-hydroxypropanethioate'
5 non-polymer "ADENOSINE-5'-DIPHOSPHATE"
6 non-polymer 1,2-ETHANEDIOL
7 non-polymer 'ACETIC ACID'
8 non-polymer 'PHOSPHATE ION'
9 non-polymer 'CHLORIDE ION'
10 non-polymer 'ACETYL GROUP'
11 non-polymer DI(HYDROXYETHYL)ETHER
12 water water
#
_entity_poly.entity_id   1
_entity_poly.type   'polypeptide(L)'
_entity_poly.pdbx_seq_one_letter_code
;YFQSNAMAKSEGKVNGATLMARALQQQGVQYMFGIVGFPVIPIAIAAQREGITYIGMRNEQSASYAAQAASYLTGRPQAC
LVVSGPGVVHALAGLANAQVNCWPMLLIGGASAIEQNGMGAFQEERQVLLASPLCKYAHQVERPERIPYYVEQAVRSALF
GRPGAAYLDMPDDVILGEVEEAAVRPAATVGEPPRSLAPQENIEAALDALQSAKRPLVIVGKGMAWSRAENEVRQFIERT
RLPFLATPMGKGVMPDDHPLSVGGARSHALQEADLVFLLGARFNWILHFGLPPRYSKDVRVIQLDLSAEEIGNNRQAEVA
LVGDGKAIVGQLNQALSSRQWFYPAETPWREAIAAKIAGNQAAVAPMIADNTSPMNYYRVYRDIAARLPRNAIIVGEGAN
TMDIGRTQMPNFEPRSRLDAGSYGTMGIGLGFAVAAAAVHPGRPVIAVQGDSAFGFSGMEFETAARYGMPIKVIILNNGG
IGMGSPAPRDGQPGMPHALSHDARYERIAEAFGGAGFYVTDSAELGPALDAAMAFKGPAIVNIKIAATADRKPQQFNWHG
;
_entity_poly.pdbx_strand_id   A,B,C,D
#
# COMPACT_ATOMS: atom_id res chain seq x y z
N TYR A 1 -41.73 29.87 0.05
CA TYR A 1 -41.85 30.41 -1.31
C TYR A 1 -41.85 29.28 -2.33
N PHE A 2 -40.65 28.85 -2.73
CA PHE A 2 -40.51 27.60 -3.48
C PHE A 2 -40.91 26.40 -2.64
N GLN A 3 -41.16 26.59 -1.35
CA GLN A 3 -41.62 25.53 -0.45
C GLN A 3 -43.12 25.56 -0.21
N SER A 4 -43.83 26.53 -0.79
CA SER A 4 -45.29 26.54 -0.70
C SER A 4 -45.87 25.28 -1.32
N ASN A 5 -46.73 24.59 -0.58
CA ASN A 5 -47.30 23.34 -1.07
C ASN A 5 -48.20 23.55 -2.28
N ALA A 6 -48.68 24.77 -2.50
CA ALA A 6 -49.45 25.06 -3.71
C ALA A 6 -48.57 25.04 -4.96
N MET A 7 -47.26 25.23 -4.80
CA MET A 7 -46.34 25.27 -5.92
C MET A 7 -46.17 23.89 -6.53
N ALA A 8 -46.18 23.82 -7.86
CA ALA A 8 -45.83 22.59 -8.55
C ALA A 8 -44.34 22.31 -8.34
N LYS A 9 -44.03 21.13 -7.82
CA LYS A 9 -42.66 20.72 -7.55
C LYS A 9 -42.35 19.41 -8.27
N SER A 10 -41.18 19.34 -8.91
CA SER A 10 -40.72 18.11 -9.53
C SER A 10 -40.10 17.21 -8.46
N GLU A 11 -40.69 16.03 -8.26
CA GLU A 11 -40.29 15.14 -7.18
C GLU A 11 -39.66 13.84 -7.67
N GLY A 12 -39.33 13.75 -8.96
CA GLY A 12 -38.80 12.51 -9.50
C GLY A 12 -37.37 12.19 -9.13
N LYS A 13 -36.59 13.20 -8.75
CA LYS A 13 -35.14 13.04 -8.62
C LYS A 13 -34.69 12.99 -7.16
N VAL A 14 -33.53 12.37 -6.96
CA VAL A 14 -32.92 12.22 -5.64
C VAL A 14 -31.41 12.28 -5.83
N ASN A 15 -30.70 12.88 -4.86
CA ASN A 15 -29.26 13.00 -4.96
C ASN A 15 -28.56 11.94 -4.10
N GLY A 16 -27.23 11.91 -4.20
CA GLY A 16 -26.48 10.87 -3.53
C GLY A 16 -26.54 10.97 -2.01
N ALA A 17 -26.57 12.19 -1.48
CA ALA A 17 -26.69 12.37 -0.04
C ALA A 17 -27.95 11.71 0.49
N THR A 18 -29.08 11.94 -0.19
CA THR A 18 -30.34 11.33 0.23
C THR A 18 -30.33 9.82 0.04
N LEU A 19 -29.79 9.35 -1.08
CA LEU A 19 -29.65 7.91 -1.30
C LEU A 19 -28.79 7.28 -0.21
N MET A 20 -27.68 7.93 0.14
CA MET A 20 -26.82 7.44 1.22
C MET A 20 -27.59 7.37 2.53
N ALA A 21 -28.39 8.40 2.83
CA ALA A 21 -29.13 8.42 4.08
C ALA A 21 -30.17 7.29 4.13
N ARG A 22 -30.88 7.06 3.02
N ARG A 22 -30.90 7.09 3.03
CA ARG A 22 -31.90 6.02 3.01
CA ARG A 22 -31.88 6.02 2.98
C ARG A 22 -31.26 4.63 3.07
C ARG A 22 -31.23 4.65 3.11
N ALA A 23 -30.10 4.45 2.43
CA ALA A 23 -29.44 3.15 2.46
C ALA A 23 -28.90 2.84 3.86
N LEU A 24 -28.32 3.83 4.52
CA LEU A 24 -27.81 3.62 5.88
C LEU A 24 -28.94 3.27 6.84
N GLN A 25 -30.06 3.97 6.72
CA GLN A 25 -31.19 3.70 7.59
C GLN A 25 -31.74 2.29 7.34
N GLN A 26 -31.88 1.92 6.06
CA GLN A 26 -32.36 0.57 5.75
C GLN A 26 -31.44 -0.49 6.33
N GLN A 27 -30.13 -0.24 6.35
CA GLN A 27 -29.17 -1.22 6.82
C GLN A 27 -28.91 -1.15 8.32
N GLY A 28 -29.75 -0.46 9.08
CA GLY A 28 -29.63 -0.49 10.52
C GLY A 28 -28.66 0.49 11.13
N VAL A 29 -28.20 1.49 10.39
CA VAL A 29 -27.35 2.53 10.96
C VAL A 29 -28.26 3.53 11.66
N GLN A 30 -28.18 3.58 13.00
CA GLN A 30 -28.96 4.51 13.79
C GLN A 30 -28.14 5.68 14.32
N TYR A 31 -26.81 5.60 14.27
CA TYR A 31 -25.95 6.59 14.89
C TYR A 31 -24.84 6.98 13.92
N MET A 32 -24.61 8.28 13.78
CA MET A 32 -23.57 8.82 12.91
C MET A 32 -22.81 9.87 13.70
N PHE A 33 -21.54 9.59 13.97
CA PHE A 33 -20.63 10.50 14.68
C PHE A 33 -19.67 11.11 13.67
N GLY A 34 -19.49 12.43 13.72
CA GLY A 34 -18.54 13.05 12.82
C GLY A 34 -18.39 14.54 13.02
N ILE A 35 -17.77 15.16 12.02
CA ILE A 35 -17.58 16.61 11.95
C ILE A 35 -17.82 17.03 10.51
N VAL A 36 -18.77 17.96 10.32
CA VAL A 36 -19.17 18.33 8.96
C VAL A 36 -18.25 19.40 8.38
N GLY A 37 -18.52 19.76 7.14
CA GLY A 37 -17.59 20.52 6.33
C GLY A 37 -17.67 20.00 4.90
N PHE A 38 -16.96 20.67 4.01
CA PHE A 38 -16.91 20.22 2.63
C PHE A 38 -16.39 18.78 2.59
N PRO A 39 -17.06 17.87 1.89
CA PRO A 39 -18.32 18.03 1.17
C PRO A 39 -19.47 17.25 1.81
N VAL A 40 -19.40 16.89 3.10
CA VAL A 40 -20.31 15.91 3.67
C VAL A 40 -21.49 16.54 4.39
N ILE A 41 -21.63 17.85 4.35
CA ILE A 41 -22.76 18.49 5.01
C ILE A 41 -24.11 17.96 4.54
N PRO A 42 -24.35 17.79 3.23
CA PRO A 42 -25.64 17.21 2.82
C PRO A 42 -25.86 15.80 3.37
N ILE A 43 -24.79 15.05 3.63
CA ILE A 43 -24.96 13.69 4.13
C ILE A 43 -25.49 13.70 5.55
N ALA A 44 -24.93 14.56 6.41
CA ALA A 44 -25.39 14.63 7.79
C ALA A 44 -26.83 15.13 7.87
N ILE A 45 -27.17 16.13 7.05
CA ILE A 45 -28.53 16.65 7.04
C ILE A 45 -29.51 15.60 6.55
N ALA A 46 -29.15 14.90 5.47
CA ALA A 46 -30.02 13.84 4.95
C ALA A 46 -30.17 12.70 5.95
N ALA A 47 -29.12 12.40 6.71
CA ALA A 47 -29.21 11.33 7.71
C ALA A 47 -30.24 11.68 8.78
N GLN A 48 -30.22 12.92 9.27
CA GLN A 48 -31.20 13.33 10.27
C GLN A 48 -32.63 13.24 9.72
N ARG A 49 -32.81 13.56 8.44
CA ARG A 49 -34.15 13.50 7.85
C ARG A 49 -34.69 12.08 7.84
N GLU A 50 -33.82 11.08 7.78
CA GLU A 50 -34.23 9.68 7.83
C GLU A 50 -34.32 9.15 9.26
N GLY A 51 -34.14 10.01 10.26
CA GLY A 51 -34.23 9.60 11.65
C GLY A 51 -32.93 9.12 12.25
N ILE A 52 -31.82 9.17 11.51
CA ILE A 52 -30.52 8.80 12.07
C ILE A 52 -30.06 9.87 13.04
N THR A 53 -29.47 9.44 14.15
CA THR A 53 -28.98 10.36 15.17
C THR A 53 -27.57 10.81 14.79
N TYR A 54 -27.43 12.09 14.46
CA TYR A 54 -26.13 12.66 14.15
C TYR A 54 -25.54 13.32 15.39
N ILE A 55 -24.29 12.99 15.68
CA ILE A 55 -23.56 13.52 16.84
C ILE A 55 -22.34 14.25 16.30
N GLY A 56 -22.34 15.58 16.42
CA GLY A 56 -21.19 16.37 16.02
C GLY A 56 -20.11 16.40 17.08
N MET A 57 -18.95 15.83 16.76
CA MET A 57 -17.85 15.71 17.70
C MET A 57 -16.91 16.90 17.57
N ARG A 58 -15.80 16.85 18.32
CA ARG A 58 -14.80 17.91 18.29
C ARG A 58 -13.50 17.50 17.59
N ASN A 59 -13.24 16.21 17.43
CA ASN A 59 -12.13 15.72 16.64
C ASN A 59 -12.55 14.39 16.00
N GLU A 60 -12.10 14.16 14.75
CA GLU A 60 -12.47 12.91 14.08
C GLU A 60 -11.89 11.69 14.79
N GLN A 61 -10.78 11.87 15.51
CA GLN A 61 -10.25 10.79 16.32
C GLN A 61 -11.33 10.19 17.21
N SER A 62 -11.97 11.04 18.02
CA SER A 62 -13.02 10.58 18.92
C SER A 62 -14.26 10.13 18.16
N ALA A 63 -14.56 10.77 17.03
CA ALA A 63 -15.71 10.35 16.24
C ALA A 63 -15.53 8.93 15.71
N SER A 64 -14.33 8.59 15.26
CA SER A 64 -14.09 7.24 14.76
C SER A 64 -14.07 6.22 15.89
N TYR A 65 -13.63 6.63 17.08
CA TYR A 65 -13.71 5.73 18.23
C TYR A 65 -15.15 5.56 18.68
N ALA A 66 -15.95 6.62 18.65
CA ALA A 66 -17.35 6.52 19.06
C ALA A 66 -18.13 5.58 18.13
N ALA A 67 -17.84 5.62 16.83
CA ALA A 67 -18.59 4.82 15.87
C ALA A 67 -18.41 3.32 16.13
N GLN A 68 -17.18 2.89 16.43
CA GLN A 68 -16.95 1.46 16.65
C GLN A 68 -17.48 1.01 18.00
N ALA A 69 -17.41 1.87 19.03
CA ALA A 69 -18.06 1.55 20.28
C ALA A 69 -19.57 1.38 20.09
N ALA A 70 -20.20 2.27 19.32
CA ALA A 70 -21.62 2.14 19.06
C ALA A 70 -21.93 0.87 18.30
N SER A 71 -21.05 0.47 17.38
CA SER A 71 -21.24 -0.77 16.65
C SER A 71 -21.15 -1.97 17.58
N TYR A 72 -20.18 -1.96 18.51
CA TYR A 72 -20.06 -3.02 19.49
C TYR A 72 -21.30 -3.10 20.36
N LEU A 73 -21.83 -1.95 20.79
CA LEU A 73 -22.98 -1.95 21.68
C LEU A 73 -24.27 -2.32 20.94
N THR A 74 -24.44 -1.86 19.70
CA THR A 74 -25.68 -2.15 18.98
C THR A 74 -25.67 -3.52 18.34
N GLY A 75 -24.50 -4.06 18.03
CA GLY A 75 -24.42 -5.27 17.25
C GLY A 75 -24.47 -5.08 15.76
N ARG A 76 -24.49 -3.84 15.28
CA ARG A 76 -24.52 -3.52 13.87
C ARG A 76 -23.57 -2.38 13.57
N PRO A 77 -22.98 -2.34 12.38
CA PRO A 77 -22.06 -1.24 12.06
C PRO A 77 -22.75 0.11 12.14
N GLN A 78 -22.12 1.04 12.85
CA GLN A 78 -22.55 2.42 12.92
C GLN A 78 -21.55 3.29 12.16
N ALA A 79 -21.94 4.52 11.87
CA ALA A 79 -21.25 5.35 10.90
C ALA A 79 -20.37 6.41 11.57
N CYS A 80 -19.23 6.70 10.94
CA CYS A 80 -18.41 7.85 11.24
C CYS A 80 -18.29 8.67 9.96
N LEU A 81 -18.61 9.96 10.03
CA LEU A 81 -18.69 10.83 8.86
C LEU A 81 -17.62 11.91 8.98
N VAL A 82 -16.72 11.97 8.00
CA VAL A 82 -15.60 12.91 8.05
C VAL A 82 -15.44 13.59 6.69
N VAL A 83 -14.79 14.75 6.72
CA VAL A 83 -14.56 15.53 5.50
C VAL A 83 -13.41 14.91 4.72
N SER A 84 -13.16 15.45 3.52
CA SER A 84 -12.08 14.98 2.68
C SER A 84 -10.72 15.26 3.34
N GLY A 85 -9.69 14.60 2.80
CA GLY A 85 -8.32 14.86 3.19
C GLY A 85 -8.03 14.57 4.65
N PRO A 86 -7.72 15.61 5.42
CA PRO A 86 -7.36 15.39 6.83
C PRO A 86 -8.49 14.82 7.67
N GLY A 87 -9.74 14.99 7.26
CA GLY A 87 -10.82 14.33 7.98
C GLY A 87 -10.66 12.82 7.99
N VAL A 88 -10.35 12.25 6.82
CA VAL A 88 -10.13 10.81 6.73
C VAL A 88 -8.86 10.41 7.47
N VAL A 89 -7.77 11.18 7.29
CA VAL A 89 -6.51 10.81 7.92
C VAL A 89 -6.64 10.86 9.44
N HIS A 90 -7.36 11.86 9.97
CA HIS A 90 -7.65 11.87 11.40
C HIS A 90 -8.46 10.64 11.81
N ALA A 91 -9.32 10.14 10.93
CA ALA A 91 -10.19 9.02 11.26
C ALA A 91 -9.50 7.67 11.16
N LEU A 92 -8.29 7.61 10.56
CA LEU A 92 -7.58 6.34 10.47
C LEU A 92 -7.34 5.74 11.85
N ALA A 93 -7.27 6.58 12.88
CA ALA A 93 -7.13 6.09 14.25
C ALA A 93 -8.17 5.04 14.58
N GLY A 94 -9.44 5.33 14.28
CA GLY A 94 -10.51 4.42 14.64
C GLY A 94 -10.54 3.16 13.80
N LEU A 95 -10.18 3.29 12.51
CA LEU A 95 -10.11 2.12 11.65
C LEU A 95 -9.12 1.10 12.20
N ALA A 96 -7.92 1.56 12.58
CA ALA A 96 -6.91 0.66 13.12
C ALA A 96 -7.39 0.01 14.41
N ASN A 97 -7.98 0.79 15.32
CA ASN A 97 -8.47 0.24 16.57
C ASN A 97 -9.58 -0.77 16.34
N ALA A 98 -10.49 -0.49 15.39
CA ALA A 98 -11.55 -1.42 15.10
C ALA A 98 -11.01 -2.71 14.48
N GLN A 99 -10.04 -2.58 13.58
CA GLN A 99 -9.39 -3.76 13.01
C GLN A 99 -8.81 -4.65 14.10
N VAL A 100 -8.06 -4.06 15.04
CA VAL A 100 -7.35 -4.85 16.04
C VAL A 100 -8.33 -5.52 17.00
N ASN A 101 -9.44 -4.86 17.31
CA ASN A 101 -10.41 -5.39 18.26
C ASN A 101 -11.48 -6.25 17.60
N CYS A 102 -11.45 -6.40 16.28
CA CYS A 102 -12.48 -7.14 15.54
C CYS A 102 -13.87 -6.55 15.78
N TRP A 103 -13.93 -5.21 15.82
CA TRP A 103 -15.17 -4.46 15.94
C TRP A 103 -15.57 -3.87 14.59
N PRO A 104 -16.84 -3.97 14.22
CA PRO A 104 -17.28 -3.34 12.97
C PRO A 104 -17.39 -1.84 13.13
N MET A 105 -17.37 -1.15 11.98
CA MET A 105 -17.68 0.26 11.88
C MET A 105 -17.69 0.62 10.40
N LEU A 106 -18.44 1.68 10.08
CA LEU A 106 -18.51 2.19 8.72
C LEU A 106 -18.02 3.64 8.72
N LEU A 107 -16.88 3.87 8.10
CA LEU A 107 -16.36 5.23 7.93
C LEU A 107 -16.78 5.75 6.56
N ILE A 108 -17.48 6.88 6.57
CA ILE A 108 -17.92 7.56 5.36
C ILE A 108 -17.08 8.83 5.22
N GLY A 109 -16.15 8.82 4.28
CA GLY A 109 -15.27 9.95 4.05
C GLY A 109 -15.64 10.65 2.76
N GLY A 110 -15.88 11.95 2.88
CA GLY A 110 -16.03 12.77 1.69
C GLY A 110 -14.75 12.84 0.90
N ALA A 111 -14.89 13.17 -0.39
CA ALA A 111 -13.73 13.32 -1.24
C ALA A 111 -13.97 14.49 -2.18
N SER A 112 -12.86 15.04 -2.70
CA SER A 112 -12.97 16.09 -3.69
C SER A 112 -13.63 15.55 -4.96
N ALA A 113 -14.13 16.48 -5.78
CA ALA A 113 -14.86 16.09 -6.98
C ALA A 113 -13.97 15.28 -7.92
N ILE A 114 -14.56 14.24 -8.51
CA ILE A 114 -13.81 13.36 -9.41
C ILE A 114 -13.23 14.15 -10.58
N GLU A 115 -13.99 15.12 -11.10
CA GLU A 115 -13.54 15.85 -12.29
C GLU A 115 -12.36 16.77 -12.02
N GLN A 116 -11.98 16.97 -10.75
CA GLN A 116 -10.80 17.76 -10.41
C GLN A 116 -9.61 16.91 -10.02
N ASN A 117 -9.71 15.58 -10.15
CA ASN A 117 -8.60 14.71 -9.79
C ASN A 117 -7.37 15.02 -10.63
N GLY A 118 -6.21 15.09 -9.97
CA GLY A 118 -4.97 15.43 -10.62
C GLY A 118 -4.62 16.91 -10.60
N MET A 119 -5.60 17.78 -10.36
CA MET A 119 -5.41 19.22 -10.46
C MET A 119 -4.87 19.84 -9.19
N GLY A 120 -4.75 19.08 -8.10
CA GLY A 120 -4.41 19.65 -6.82
C GLY A 120 -5.61 20.32 -6.20
N ALA A 121 -6.73 19.60 -6.19
CA ALA A 121 -7.98 20.16 -5.68
C ALA A 121 -7.93 20.25 -4.16
N PHE A 122 -8.86 21.03 -3.61
CA PHE A 122 -8.98 21.18 -2.16
C PHE A 122 -9.17 19.82 -1.51
N GLN A 123 -8.17 19.39 -0.73
CA GLN A 123 -8.23 18.15 0.05
C GLN A 123 -8.32 16.91 -0.84
N GLU A 124 -7.81 17.01 -2.07
CA GLU A 124 -7.60 15.82 -2.90
C GLU A 124 -6.62 14.89 -2.20
N GLU A 125 -6.94 13.59 -2.19
CA GLU A 125 -6.15 12.64 -1.42
C GLU A 125 -6.48 11.22 -1.87
N ARG A 126 -5.49 10.33 -1.80
CA ARG A 126 -5.66 8.91 -2.13
C ARG A 126 -6.27 8.19 -0.93
N GLN A 127 -7.55 8.50 -0.68
CA GLN A 127 -8.16 8.15 0.59
C GLN A 127 -8.42 6.64 0.71
N VAL A 128 -8.90 6.00 -0.36
CA VAL A 128 -9.08 4.55 -0.32
C VAL A 128 -7.76 3.85 -0.11
N LEU A 129 -6.70 4.35 -0.74
CA LEU A 129 -5.39 3.72 -0.60
C LEU A 129 -4.87 3.82 0.83
N LEU A 130 -5.06 4.97 1.46
CA LEU A 130 -4.59 5.15 2.84
C LEU A 130 -5.34 4.25 3.81
N ALA A 131 -6.64 4.06 3.59
CA ALA A 131 -7.48 3.34 4.54
C ALA A 131 -7.40 1.83 4.34
N SER A 132 -7.09 1.38 3.12
CA SER A 132 -7.15 -0.04 2.79
C SER A 132 -6.41 -0.96 3.74
N PRO A 133 -5.17 -0.67 4.17
CA PRO A 133 -4.49 -1.60 5.09
C PRO A 133 -5.17 -1.72 6.45
N LEU A 134 -6.12 -0.84 6.77
CA LEU A 134 -6.78 -0.85 8.06
C LEU A 134 -8.22 -1.34 7.98
N CYS A 135 -8.68 -1.81 6.82
CA CYS A 135 -10.08 -2.14 6.61
C CYS A 135 -10.25 -3.54 6.06
N LYS A 136 -11.37 -4.17 6.41
CA LYS A 136 -11.84 -5.34 5.67
C LYS A 136 -12.35 -4.95 4.30
N TYR A 137 -12.89 -3.75 4.17
CA TYR A 137 -13.56 -3.31 2.96
C TYR A 137 -13.31 -1.82 2.79
N ALA A 138 -12.91 -1.43 1.59
CA ALA A 138 -12.70 -0.01 1.28
C ALA A 138 -12.90 0.19 -0.21
N HIS A 139 -13.84 1.07 -0.56
CA HIS A 139 -14.16 1.30 -1.96
C HIS A 139 -14.71 2.71 -2.12
N GLN A 140 -14.52 3.26 -3.30
CA GLN A 140 -15.09 4.56 -3.64
C GLN A 140 -16.43 4.35 -4.34
N VAL A 141 -17.38 5.24 -4.06
CA VAL A 141 -18.66 5.23 -4.74
C VAL A 141 -18.54 6.16 -5.95
N GLU A 142 -18.49 5.58 -7.13
CA GLU A 142 -18.18 6.32 -8.34
C GLU A 142 -19.40 7.00 -8.96
N ARG A 143 -20.59 6.45 -8.77
CA ARG A 143 -21.81 7.02 -9.31
C ARG A 143 -22.89 6.93 -8.23
N PRO A 144 -23.78 7.93 -8.15
CA PRO A 144 -24.77 7.92 -7.06
C PRO A 144 -25.78 6.80 -7.16
N GLU A 145 -26.08 6.29 -8.36
CA GLU A 145 -27.06 5.22 -8.48
C GLU A 145 -26.57 3.91 -7.88
N ARG A 146 -25.27 3.76 -7.63
CA ARG A 146 -24.72 2.55 -7.03
C ARG A 146 -24.60 2.65 -5.52
N ILE A 147 -25.05 3.75 -4.92
CA ILE A 147 -24.95 3.90 -3.47
C ILE A 147 -25.64 2.78 -2.71
N PRO A 148 -26.90 2.41 -3.01
CA PRO A 148 -27.49 1.26 -2.30
C PRO A 148 -26.67 0.00 -2.39
N TYR A 149 -26.04 -0.26 -3.55
CA TYR A 149 -25.19 -1.44 -3.69
C TYR A 149 -24.01 -1.39 -2.74
N TYR A 150 -23.31 -0.26 -2.70
CA TYR A 150 -22.08 -0.17 -1.92
C TYR A 150 -22.36 -0.14 -0.43
N VAL A 151 -23.45 0.52 -0.02
CA VAL A 151 -23.78 0.54 1.41
C VAL A 151 -24.11 -0.87 1.89
N GLU A 152 -24.89 -1.61 1.11
CA GLU A 152 -25.18 -2.99 1.48
C GLU A 152 -23.91 -3.83 1.54
N GLN A 153 -23.02 -3.68 0.55
CA GLN A 153 -21.81 -4.48 0.53
C GLN A 153 -20.85 -4.09 1.66
N ALA A 154 -20.77 -2.79 1.96
CA ALA A 154 -19.87 -2.35 3.02
C ALA A 154 -20.36 -2.81 4.39
N VAL A 155 -21.66 -2.63 4.67
CA VAL A 155 -22.22 -3.06 5.94
C VAL A 155 -22.07 -4.58 6.10
N ARG A 156 -22.36 -5.33 5.04
CA ARG A 156 -22.24 -6.78 5.10
C ARG A 156 -20.80 -7.21 5.36
N SER A 157 -19.84 -6.55 4.70
CA SER A 157 -18.44 -6.91 4.90
C SER A 157 -17.97 -6.58 6.30
N ALA A 158 -18.41 -5.44 6.85
CA ALA A 158 -18.01 -5.08 8.20
C ALA A 158 -18.57 -6.06 9.22
N LEU A 159 -19.80 -6.52 9.01
CA LEU A 159 -20.55 -7.26 10.03
C LEU A 159 -20.35 -8.77 9.96
N PHE A 160 -20.28 -9.34 8.74
CA PHE A 160 -20.21 -10.78 8.61
C PHE A 160 -18.78 -11.28 8.82
N GLY A 161 -18.66 -12.54 9.23
CA GLY A 161 -17.36 -13.12 9.49
C GLY A 161 -16.70 -12.49 10.71
N ARG A 162 -15.38 -12.42 10.68
CA ARG A 162 -14.65 -11.68 11.70
C ARG A 162 -14.88 -10.20 11.47
N PRO A 163 -15.54 -9.48 12.37
CA PRO A 163 -15.90 -8.09 12.08
C PRO A 163 -14.68 -7.20 11.91
N GLY A 164 -14.89 -6.10 11.19
CA GLY A 164 -13.83 -5.14 10.98
C GLY A 164 -14.40 -3.87 10.40
N ALA A 165 -13.49 -2.95 10.06
CA ALA A 165 -13.87 -1.64 9.58
C ALA A 165 -14.13 -1.65 8.08
N ALA A 166 -15.11 -0.86 7.65
CA ALA A 166 -15.41 -0.66 6.25
C ALA A 166 -15.35 0.83 5.93
N TYR A 167 -14.83 1.16 4.74
CA TYR A 167 -14.67 2.54 4.33
C TYR A 167 -15.36 2.76 2.98
N LEU A 168 -16.16 3.82 2.90
CA LEU A 168 -16.79 4.23 1.65
C LEU A 168 -16.37 5.66 1.35
N ASP A 169 -15.77 5.86 0.18
CA ASP A 169 -15.32 7.16 -0.28
C ASP A 169 -16.43 7.81 -1.10
N MET A 170 -16.83 9.03 -0.73
CA MET A 170 -17.97 9.72 -1.32
C MET A 170 -17.54 11.03 -1.97
N PRO A 171 -17.19 11.03 -3.25
CA PRO A 171 -16.79 12.27 -3.92
C PRO A 171 -17.91 13.31 -3.93
N ASP A 172 -17.50 14.58 -3.96
CA ASP A 172 -18.44 15.69 -3.90
C ASP A 172 -19.48 15.61 -5.01
N ASP A 173 -19.06 15.27 -6.24
CA ASP A 173 -20.01 15.21 -7.34
C ASP A 173 -20.90 13.98 -7.30
N VAL A 174 -20.57 13.00 -6.47
CA VAL A 174 -21.50 11.88 -6.24
C VAL A 174 -22.51 12.25 -5.17
N ILE A 175 -22.07 12.99 -4.15
CA ILE A 175 -22.97 13.43 -3.09
C ILE A 175 -24.08 14.31 -3.67
N LEU A 176 -23.72 15.26 -4.51
CA LEU A 176 -24.66 16.20 -5.10
C LEU A 176 -25.25 15.73 -6.42
N GLY A 177 -24.75 14.64 -6.99
CA GLY A 177 -25.29 14.15 -8.25
C GLY A 177 -26.68 13.58 -8.07
N GLU A 178 -27.55 13.84 -9.05
CA GLU A 178 -28.95 13.47 -8.98
C GLU A 178 -29.27 12.33 -9.94
N VAL A 179 -30.15 11.44 -9.52
CA VAL A 179 -30.69 10.37 -10.36
C VAL A 179 -32.19 10.32 -10.16
N GLU A 180 -32.87 9.63 -11.07
CA GLU A 180 -34.30 9.41 -10.95
C GLU A 180 -34.57 8.32 -9.91
N GLU A 181 -35.48 8.61 -8.99
CA GLU A 181 -35.74 7.70 -7.88
C GLU A 181 -36.20 6.33 -8.37
N ALA A 182 -37.05 6.31 -9.40
CA ALA A 182 -37.56 5.05 -9.93
C ALA A 182 -36.51 4.25 -10.68
N ALA A 183 -35.32 4.81 -10.92
CA ALA A 183 -34.28 4.16 -11.68
C ALA A 183 -33.18 3.55 -10.82
N VAL A 184 -33.23 3.73 -9.51
CA VAL A 184 -32.17 3.25 -8.63
C VAL A 184 -32.45 1.80 -8.24
N ARG A 185 -31.49 0.93 -8.49
CA ARG A 185 -31.63 -0.48 -8.12
C ARG A 185 -31.58 -0.63 -6.61
N PRO A 186 -32.63 -1.15 -5.97
CA PRO A 186 -32.59 -1.35 -4.51
C PRO A 186 -31.58 -2.42 -4.13
N ALA A 187 -31.33 -2.50 -2.83
CA ALA A 187 -30.44 -3.50 -2.26
C ALA A 187 -31.16 -4.24 -1.14
N ALA A 188 -30.83 -5.52 -0.99
CA ALA A 188 -31.39 -6.30 0.11
C ALA A 188 -30.87 -5.78 1.44
N THR A 189 -31.68 -5.95 2.48
CA THR A 189 -31.30 -5.54 3.82
C THR A 189 -30.37 -6.57 4.44
N VAL A 190 -29.22 -6.10 4.93
CA VAL A 190 -28.26 -6.98 5.58
C VAL A 190 -28.83 -7.44 6.92
N GLY A 191 -29.02 -8.76 7.08
CA GLY A 191 -29.57 -9.33 8.29
C GLY A 191 -28.54 -9.57 9.36
N GLU A 192 -28.77 -10.62 10.17
CA GLU A 192 -27.85 -11.00 11.23
C GLU A 192 -26.67 -11.78 10.66
N PRO A 193 -25.50 -11.66 11.28
CA PRO A 193 -24.32 -12.41 10.81
C PRO A 193 -24.59 -13.91 10.84
N PRO A 194 -24.13 -14.65 9.83
CA PRO A 194 -24.30 -16.10 9.85
C PRO A 194 -23.55 -16.74 11.01
N ARG A 195 -24.19 -17.70 11.66
CA ARG A 195 -23.58 -18.47 12.73
C ARG A 195 -23.26 -19.86 12.20
N SER A 196 -22.03 -20.32 12.45
CA SER A 196 -21.59 -21.64 12.03
C SER A 196 -21.33 -22.50 13.26
N LEU A 197 -21.42 -23.82 13.08
CA LEU A 197 -21.29 -24.80 14.14
C LEU A 197 -20.03 -25.64 13.95
N ALA A 198 -19.63 -26.35 15.02
CA ALA A 198 -18.49 -27.24 14.93
C ALA A 198 -18.94 -28.66 14.61
N PRO A 199 -18.07 -29.48 14.01
CA PRO A 199 -18.42 -30.89 13.81
C PRO A 199 -18.67 -31.57 15.14
N GLN A 200 -19.56 -32.58 15.10
CA GLN A 200 -19.98 -33.23 16.34
C GLN A 200 -18.81 -33.86 17.07
N GLU A 201 -17.87 -34.47 16.33
CA GLU A 201 -16.73 -35.10 16.99
C GLU A 201 -15.87 -34.09 17.73
N ASN A 202 -15.78 -32.86 17.22
CA ASN A 202 -15.05 -31.82 17.94
C ASN A 202 -15.75 -31.44 19.23
N ILE A 203 -17.09 -31.34 19.18
CA ILE A 203 -17.87 -31.08 20.39
C ILE A 203 -17.61 -32.16 21.43
N GLU A 204 -17.69 -33.43 21.02
CA GLU A 204 -17.45 -34.52 21.96
C GLU A 204 -16.00 -34.56 22.43
N ALA A 205 -15.06 -34.28 21.52
CA ALA A 205 -13.66 -34.26 21.92
C ALA A 205 -13.38 -33.13 22.91
N ALA A 206 -14.08 -32.00 22.77
CA ALA A 206 -13.91 -30.92 23.73
C ALA A 206 -14.40 -31.33 25.12
N LEU A 207 -15.56 -31.98 25.18
CA LEU A 207 -16.09 -32.41 26.47
C LEU A 207 -15.26 -33.53 27.07
N ASP A 208 -14.75 -34.45 26.23
CA ASP A 208 -13.84 -35.48 26.72
C ASP A 208 -12.60 -34.86 27.35
N ALA A 209 -12.05 -33.81 26.73
CA ALA A 209 -10.85 -33.17 27.27
C ALA A 209 -11.15 -32.48 28.60
N LEU A 210 -12.33 -31.87 28.73
CA LEU A 210 -12.70 -31.23 29.98
C LEU A 210 -12.78 -32.25 31.12
N GLN A 211 -13.38 -33.41 30.86
CA GLN A 211 -13.50 -34.43 31.90
C GLN A 211 -12.14 -34.94 32.36
N SER A 212 -11.15 -34.94 31.47
CA SER A 212 -9.84 -35.49 31.80
C SER A 212 -8.95 -34.50 32.55
N ALA A 213 -9.28 -33.21 32.54
CA ALA A 213 -8.41 -32.21 33.12
C ALA A 213 -8.47 -32.23 34.64
N LYS A 214 -7.30 -32.09 35.27
CA LYS A 214 -7.22 -31.93 36.72
C LYS A 214 -7.39 -30.49 37.16
N ARG A 215 -6.92 -29.54 36.35
CA ARG A 215 -6.98 -28.11 36.67
C ARG A 215 -7.52 -27.33 35.47
N PRO A 216 -8.79 -27.48 35.15
CA PRO A 216 -9.35 -26.80 33.98
C PRO A 216 -9.68 -25.34 34.25
N LEU A 217 -9.55 -24.53 33.20
CA LEU A 217 -9.89 -23.11 33.28
C LEU A 217 -10.58 -22.68 32.00
N VAL A 218 -11.76 -22.08 32.13
CA VAL A 218 -12.44 -21.46 31.02
C VAL A 218 -12.05 -19.99 30.97
N ILE A 219 -11.67 -19.50 29.81
CA ILE A 219 -11.35 -18.08 29.62
C ILE A 219 -12.41 -17.48 28.72
N VAL A 220 -13.08 -16.45 29.22
CA VAL A 220 -14.24 -15.84 28.57
C VAL A 220 -13.80 -14.49 28.03
N GLY A 221 -13.73 -14.38 26.69
CA GLY A 221 -13.27 -13.18 26.03
C GLY A 221 -14.41 -12.36 25.44
N LYS A 222 -14.04 -11.18 24.91
CA LYS A 222 -15.06 -10.28 24.40
C LYS A 222 -15.65 -10.76 23.07
N GLY A 223 -15.05 -11.77 22.43
CA GLY A 223 -15.70 -12.40 21.30
C GLY A 223 -17.04 -13.01 21.68
N MET A 224 -17.16 -13.51 22.92
CA MET A 224 -18.45 -14.00 23.39
C MET A 224 -19.42 -12.86 23.66
N ALA A 225 -18.90 -11.70 24.06
CA ALA A 225 -19.76 -10.54 24.24
C ALA A 225 -20.27 -10.03 22.90
N TRP A 226 -19.39 -9.97 21.89
CA TRP A 226 -19.83 -9.57 20.56
C TRP A 226 -20.87 -10.55 20.01
N SER A 227 -20.65 -11.85 20.24
CA SER A 227 -21.53 -12.88 19.72
C SER A 227 -22.88 -12.93 20.42
N ARG A 228 -23.06 -12.15 21.48
CA ARG A 228 -24.26 -12.19 22.32
C ARG A 228 -24.48 -13.61 22.87
N ALA A 229 -23.40 -14.24 23.32
CA ALA A 229 -23.44 -15.61 23.82
C ALA A 229 -23.56 -15.69 25.33
N GLU A 230 -23.91 -14.60 26.01
CA GLU A 230 -23.88 -14.60 27.47
C GLU A 230 -24.83 -15.63 28.06
N ASN A 231 -26.02 -15.79 27.48
CA ASN A 231 -26.98 -16.75 28.03
C ASN A 231 -26.42 -18.16 27.97
N GLU A 232 -25.84 -18.53 26.83
CA GLU A 232 -25.29 -19.88 26.68
C GLU A 232 -24.07 -20.09 27.55
N VAL A 233 -23.21 -19.08 27.67
CA VAL A 233 -22.02 -19.19 28.51
C VAL A 233 -22.42 -19.37 29.97
N ARG A 234 -23.42 -18.61 30.44
CA ARG A 234 -23.85 -18.74 31.82
C ARG A 234 -24.44 -20.12 32.09
N GLN A 235 -25.22 -20.66 31.14
CA GLN A 235 -25.72 -22.02 31.29
C GLN A 235 -24.58 -23.04 31.28
N PHE A 236 -23.56 -22.80 30.45
CA PHE A 236 -22.43 -23.73 30.37
C PHE A 236 -21.66 -23.77 31.69
N ILE A 237 -21.40 -22.60 32.28
CA ILE A 237 -20.63 -22.55 33.53
C ILE A 237 -21.47 -23.10 34.68
N GLU A 238 -22.75 -22.73 34.75
CA GLU A 238 -23.61 -23.26 35.81
C GLU A 238 -23.81 -24.76 35.69
N ARG A 239 -23.70 -25.30 34.47
CA ARG A 239 -23.82 -26.75 34.28
C ARG A 239 -22.53 -27.47 34.63
N THR A 240 -21.39 -26.97 34.14
CA THR A 240 -20.12 -27.68 34.32
C THR A 240 -19.46 -27.42 35.67
N ARG A 241 -19.79 -26.30 36.34
CA ARG A 241 -19.14 -25.88 37.58
C ARG A 241 -17.64 -25.61 37.38
N LEU A 242 -17.24 -25.20 36.16
CA LEU A 242 -15.84 -24.98 35.85
C LEU A 242 -15.39 -23.58 36.29
N PRO A 243 -14.18 -23.45 36.82
CA PRO A 243 -13.62 -22.12 37.07
C PRO A 243 -13.47 -21.35 35.76
N PHE A 244 -13.67 -20.03 35.83
CA PHE A 244 -13.54 -19.19 34.66
C PHE A 244 -12.74 -17.93 34.98
N LEU A 245 -12.08 -17.40 33.96
CA LEU A 245 -11.38 -16.12 34.01
C LEU A 245 -11.90 -15.24 32.89
N ALA A 246 -12.28 -14.02 33.24
CA ALA A 246 -12.72 -13.04 32.24
C ALA A 246 -11.52 -12.25 31.74
N THR A 247 -11.54 -11.95 30.44
CA THR A 247 -10.61 -10.99 29.87
C THR A 247 -11.08 -9.58 30.23
N PRO A 248 -10.25 -8.56 30.00
CA PRO A 248 -10.66 -7.19 30.36
C PRO A 248 -12.05 -6.80 29.90
N MET A 249 -12.36 -6.90 28.60
CA MET A 249 -13.70 -6.55 28.15
C MET A 249 -14.61 -7.77 28.02
N GLY A 250 -14.12 -8.96 28.36
CA GLY A 250 -15.02 -10.07 28.60
C GLY A 250 -15.72 -10.03 29.95
N LYS A 251 -15.30 -9.12 30.83
CA LYS A 251 -15.99 -8.94 32.11
C LYS A 251 -17.47 -8.67 31.86
N GLY A 252 -18.32 -9.36 32.63
CA GLY A 252 -19.74 -9.19 32.54
C GLY A 252 -20.46 -10.28 31.76
N VAL A 253 -19.77 -10.92 30.81
CA VAL A 253 -20.38 -12.05 30.10
C VAL A 253 -20.87 -13.08 31.12
N MET A 254 -19.99 -13.46 32.04
CA MET A 254 -20.30 -13.97 33.36
C MET A 254 -20.30 -12.82 34.36
N PRO A 255 -21.22 -12.78 35.33
CA PRO A 255 -21.14 -11.71 36.34
C PRO A 255 -19.83 -11.79 37.10
N ASP A 256 -19.22 -10.63 37.33
CA ASP A 256 -17.93 -10.59 38.01
C ASP A 256 -18.02 -11.06 39.46
N ASP A 257 -19.21 -11.08 40.06
CA ASP A 257 -19.37 -11.54 41.43
C ASP A 257 -19.68 -13.04 41.51
N HIS A 258 -19.66 -13.75 40.38
CA HIS A 258 -19.95 -15.17 40.40
C HIS A 258 -18.88 -15.93 41.19
N PRO A 259 -19.28 -16.88 42.04
CA PRO A 259 -18.29 -17.57 42.89
C PRO A 259 -17.31 -18.45 42.13
N LEU A 260 -17.55 -18.74 40.85
CA LEU A 260 -16.61 -19.55 40.07
C LEU A 260 -15.53 -18.72 39.39
N SER A 261 -15.56 -17.40 39.54
CA SER A 261 -14.53 -16.56 38.95
C SER A 261 -13.19 -16.74 39.65
N VAL A 262 -12.12 -16.77 38.86
CA VAL A 262 -10.76 -16.82 39.38
C VAL A 262 -10.05 -15.48 39.17
N GLY A 263 -10.81 -14.40 38.97
CA GLY A 263 -10.21 -13.12 38.66
C GLY A 263 -9.20 -12.67 39.70
N GLY A 264 -9.48 -12.94 40.98
CA GLY A 264 -8.59 -12.57 42.05
C GLY A 264 -7.40 -13.48 42.25
N ALA A 265 -7.26 -14.51 41.41
CA ALA A 265 -6.12 -15.42 41.42
C ALA A 265 -5.65 -15.66 39.99
N ARG A 266 -5.59 -14.58 39.20
CA ARG A 266 -5.42 -14.71 37.75
C ARG A 266 -4.08 -15.33 37.39
N SER A 267 -2.99 -14.84 37.99
CA SER A 267 -1.67 -15.33 37.61
C SER A 267 -1.50 -16.79 37.97
N HIS A 268 -2.00 -17.21 39.13
CA HIS A 268 -1.90 -18.62 39.51
C HIS A 268 -2.71 -19.50 38.58
N ALA A 269 -3.91 -19.05 38.19
CA ALA A 269 -4.79 -19.86 37.35
C ALA A 269 -4.16 -20.12 35.99
N LEU A 270 -3.61 -19.07 35.37
CA LEU A 270 -2.97 -19.26 34.07
C LEU A 270 -1.72 -20.12 34.19
N GLN A 271 -0.97 -19.96 35.30
CA GLN A 271 0.29 -20.67 35.45
C GLN A 271 0.07 -22.17 35.64
N GLU A 272 -0.92 -22.55 36.42
CA GLU A 272 -1.04 -23.94 36.87
C GLU A 272 -2.12 -24.74 36.14
N ALA A 273 -2.94 -24.10 35.32
CA ALA A 273 -3.94 -24.84 34.57
C ALA A 273 -3.27 -25.86 33.66
N ASP A 274 -3.84 -27.08 33.62
CA ASP A 274 -3.41 -28.08 32.66
C ASP A 274 -4.26 -28.09 31.40
N LEU A 275 -5.40 -27.39 31.40
CA LEU A 275 -6.23 -27.24 30.22
C LEU A 275 -6.89 -25.88 30.24
N VAL A 276 -6.86 -25.18 29.11
CA VAL A 276 -7.45 -23.87 28.96
C VAL A 276 -8.49 -23.93 27.84
N PHE A 277 -9.70 -23.47 28.14
CA PHE A 277 -10.80 -23.39 27.17
C PHE A 277 -10.98 -21.92 26.79
N LEU A 278 -10.47 -21.56 25.61
CA LEU A 278 -10.59 -20.19 25.10
C LEU A 278 -11.95 -20.02 24.43
N LEU A 279 -12.76 -19.11 24.98
CA LEU A 279 -14.06 -18.74 24.39
C LEU A 279 -13.92 -17.33 23.84
N GLY A 280 -13.75 -17.21 22.53
CA GLY A 280 -13.69 -15.90 21.90
C GLY A 280 -12.64 -14.99 22.50
N ALA A 281 -11.46 -15.55 22.79
CA ALA A 281 -10.33 -14.80 23.30
C ALA A 281 -9.07 -15.28 22.60
N ARG A 282 -8.15 -14.37 22.31
CA ARG A 282 -6.94 -14.71 21.59
C ARG A 282 -5.76 -14.91 22.53
N PHE A 283 -4.83 -15.77 22.11
CA PHE A 283 -3.53 -15.89 22.77
C PHE A 283 -2.58 -14.82 22.23
N ASN A 284 -3.01 -13.57 22.37
CA ASN A 284 -2.16 -12.43 22.08
C ASN A 284 -1.59 -11.91 23.40
N TRP A 285 -1.12 -10.66 23.41
CA TRP A 285 -0.46 -10.12 24.60
C TRP A 285 -1.39 -10.05 25.81
N ILE A 286 -2.69 -9.89 25.59
CA ILE A 286 -3.61 -9.76 26.72
C ILE A 286 -3.69 -11.08 27.51
N LEU A 287 -3.50 -12.21 26.84
CA LEU A 287 -3.43 -13.51 27.52
C LEU A 287 -2.02 -14.09 27.51
N HIS A 288 -1.00 -13.25 27.29
CA HIS A 288 0.40 -13.65 27.42
C HIS A 288 0.74 -14.84 26.52
N PHE A 289 0.11 -14.88 25.34
CA PHE A 289 0.46 -15.77 24.24
C PHE A 289 0.26 -17.24 24.55
N GLY A 290 -0.33 -17.58 25.71
CA GLY A 290 -0.51 -18.96 26.07
C GLY A 290 0.76 -19.75 26.26
N LEU A 291 1.88 -19.07 26.54
CA LEU A 291 3.20 -19.67 26.58
C LEU A 291 3.88 -19.37 27.90
N PRO A 292 4.96 -20.10 28.22
CA PRO A 292 5.80 -19.70 29.34
C PRO A 292 6.32 -18.29 29.16
N PRO A 293 6.59 -17.58 30.26
CA PRO A 293 6.56 -18.04 31.65
C PRO A 293 5.19 -17.93 32.33
N ARG A 294 4.11 -17.64 31.61
CA ARG A 294 2.81 -17.46 32.25
C ARG A 294 1.92 -18.70 32.19
N TYR A 295 2.29 -19.70 31.39
CA TYR A 295 1.52 -20.94 31.29
C TYR A 295 2.47 -22.13 31.40
N SER A 296 1.90 -23.27 31.75
CA SER A 296 2.61 -24.53 31.62
C SER A 296 3.02 -24.76 30.16
N LYS A 297 4.20 -25.35 29.96
CA LYS A 297 4.64 -25.69 28.61
C LYS A 297 3.66 -26.63 27.92
N ASP A 298 3.02 -27.51 28.67
CA ASP A 298 2.18 -28.57 28.11
C ASP A 298 0.70 -28.28 28.24
N VAL A 299 0.31 -27.01 28.40
CA VAL A 299 -1.09 -26.69 28.62
C VAL A 299 -1.91 -27.11 27.41
N ARG A 300 -3.01 -27.81 27.67
CA ARG A 300 -3.91 -28.25 26.62
C ARG A 300 -4.93 -27.16 26.35
N VAL A 301 -5.24 -26.94 25.08
CA VAL A 301 -6.06 -25.81 24.67
C VAL A 301 -7.26 -26.31 23.90
N ILE A 302 -8.45 -25.98 24.38
CA ILE A 302 -9.67 -25.97 23.57
C ILE A 302 -9.89 -24.53 23.14
N GLN A 303 -10.07 -24.31 21.84
CA GLN A 303 -10.10 -22.95 21.30
C GLN A 303 -11.37 -22.75 20.48
N LEU A 304 -12.25 -21.88 20.96
CA LEU A 304 -13.44 -21.48 20.22
C LEU A 304 -13.18 -20.10 19.59
N ASP A 305 -13.17 -20.05 18.26
CA ASP A 305 -13.01 -18.78 17.58
C ASP A 305 -13.72 -18.85 16.23
N LEU A 306 -14.29 -17.72 15.82
CA LEU A 306 -14.92 -17.65 14.51
C LEU A 306 -13.90 -17.71 13.39
N SER A 307 -12.67 -17.25 13.66
CA SER A 307 -11.61 -17.20 12.66
C SER A 307 -10.80 -18.49 12.68
N ALA A 308 -10.86 -19.25 11.59
CA ALA A 308 -10.11 -20.50 11.52
C ALA A 308 -8.62 -20.24 11.55
N GLU A 309 -8.16 -19.17 10.90
CA GLU A 309 -6.74 -18.86 10.85
C GLU A 309 -6.15 -18.58 12.23
N GLU A 310 -6.98 -18.18 13.19
CA GLU A 310 -6.50 -17.88 14.54
C GLU A 310 -6.20 -19.13 15.35
N ILE A 311 -6.74 -20.28 14.96
CA ILE A 311 -6.63 -21.50 15.76
C ILE A 311 -5.18 -21.94 15.85
N GLY A 312 -4.71 -22.18 17.07
CA GLY A 312 -3.36 -22.68 17.28
C GLY A 312 -2.27 -21.63 17.22
N ASN A 313 -2.62 -20.34 17.19
CA ASN A 313 -1.62 -19.29 17.17
C ASN A 313 -0.82 -19.29 18.47
N ASN A 314 0.51 -19.28 18.34
CA ASN A 314 1.45 -19.30 19.46
C ASN A 314 1.43 -20.64 20.21
N ARG A 315 0.25 -21.10 20.63
CA ARG A 315 0.12 -22.36 21.34
C ARG A 315 -0.90 -23.23 20.62
N GLN A 316 -0.48 -24.43 20.22
CA GLN A 316 -1.32 -25.32 19.44
C GLN A 316 -2.61 -25.67 20.18
N ALA A 317 -3.68 -25.87 19.42
CA ALA A 317 -4.98 -26.22 19.99
C ALA A 317 -5.19 -27.72 19.88
N GLU A 318 -5.38 -28.38 21.02
CA GLU A 318 -5.67 -29.81 21.00
C GLU A 318 -7.06 -30.07 20.40
N VAL A 319 -8.03 -29.22 20.70
CA VAL A 319 -9.36 -29.29 20.13
C VAL A 319 -9.71 -27.92 19.55
N ALA A 320 -10.07 -27.90 18.27
CA ALA A 320 -10.45 -26.67 17.60
C ALA A 320 -11.97 -26.60 17.45
N LEU A 321 -12.53 -25.43 17.73
CA LEU A 321 -13.97 -25.18 17.63
C LEU A 321 -14.17 -23.91 16.81
N VAL A 322 -14.17 -24.06 15.49
CA VAL A 322 -14.28 -22.92 14.59
C VAL A 322 -15.75 -22.68 14.28
N GLY A 323 -16.22 -21.49 14.63
CA GLY A 323 -17.60 -21.13 14.40
C GLY A 323 -18.03 -20.04 15.35
N ASP A 324 -19.35 -19.84 15.44
CA ASP A 324 -19.89 -18.77 16.24
C ASP A 324 -19.95 -19.16 17.72
N GLY A 325 -19.63 -18.20 18.58
CA GLY A 325 -19.57 -18.49 20.01
C GLY A 325 -20.90 -18.94 20.58
N LYS A 326 -21.99 -18.26 20.22
CA LYS A 326 -23.31 -18.61 20.76
C LYS A 326 -23.74 -19.98 20.27
N ALA A 327 -23.58 -20.27 18.98
CA ALA A 327 -24.01 -21.56 18.44
C ALA A 327 -23.19 -22.71 19.00
N ILE A 328 -21.88 -22.51 19.18
CA ILE A 328 -21.01 -23.62 19.57
C ILE A 328 -21.21 -23.97 21.03
N VAL A 329 -21.30 -22.96 21.91
CA VAL A 329 -21.57 -23.25 23.31
C VAL A 329 -22.97 -23.86 23.46
N GLY A 330 -23.92 -23.44 22.63
CA GLY A 330 -25.19 -24.14 22.57
C GLY A 330 -25.02 -25.62 22.24
N GLN A 331 -24.16 -25.93 21.27
CA GLN A 331 -23.83 -27.33 20.98
C GLN A 331 -23.26 -28.02 22.20
N LEU A 332 -22.35 -27.36 22.91
CA LEU A 332 -21.76 -27.97 24.09
C LEU A 332 -22.81 -28.22 25.16
N ASN A 333 -23.74 -27.28 25.35
CA ASN A 333 -24.80 -27.48 26.33
C ASN A 333 -25.69 -28.65 25.96
N GLN A 334 -25.98 -28.81 24.67
N GLN A 334 -25.98 -28.82 24.67
CA GLN A 334 -26.80 -29.92 24.22
CA GLN A 334 -26.82 -29.94 24.26
C GLN A 334 -26.08 -31.25 24.42
C GLN A 334 -26.08 -31.26 24.43
N ALA A 335 -24.78 -31.28 24.14
CA ALA A 335 -24.02 -32.51 24.29
C ALA A 335 -23.82 -32.87 25.76
N LEU A 336 -23.79 -31.86 26.64
CA LEU A 336 -23.63 -32.14 28.07
C LEU A 336 -24.86 -32.81 28.66
N SER A 337 -26.00 -32.76 27.98
CA SER A 337 -27.22 -33.37 28.51
C SER A 337 -27.14 -34.89 28.54
N SER A 338 -26.19 -35.49 27.83
N SER A 338 -26.19 -35.50 27.84
CA SER A 338 -26.02 -36.93 27.81
CA SER A 338 -26.03 -36.94 27.82
C SER A 338 -24.90 -37.41 28.72
C SER A 338 -24.94 -37.42 28.77
N ARG A 339 -24.34 -36.52 29.54
CA ARG A 339 -23.22 -36.85 30.40
C ARG A 339 -23.54 -36.52 31.85
N GLN A 340 -23.15 -37.41 32.75
CA GLN A 340 -23.29 -37.15 34.18
C GLN A 340 -22.15 -36.30 34.73
N TRP A 341 -21.12 -36.03 33.94
CA TRP A 341 -19.94 -35.35 34.45
C TRP A 341 -20.23 -33.90 34.79
N PHE A 342 -19.62 -33.44 35.88
CA PHE A 342 -19.45 -32.02 36.16
C PHE A 342 -18.17 -31.89 36.98
N TYR A 343 -17.56 -30.72 36.95
CA TYR A 343 -16.33 -30.55 37.70
C TYR A 343 -16.62 -30.69 39.20
N PRO A 344 -15.98 -31.61 39.91
CA PRO A 344 -16.42 -31.97 41.26
C PRO A 344 -16.40 -30.79 42.23
N ALA A 345 -17.19 -30.94 43.30
CA ALA A 345 -17.38 -29.86 44.27
C ALA A 345 -16.09 -29.52 45.00
N GLU A 346 -15.26 -30.52 45.29
CA GLU A 346 -14.03 -30.30 46.06
C GLU A 346 -12.86 -30.97 45.34
N THR A 347 -11.89 -30.17 44.93
CA THR A 347 -10.68 -30.62 44.28
C THR A 347 -9.53 -29.77 44.82
N PRO A 348 -8.29 -30.28 44.76
CA PRO A 348 -7.15 -29.43 45.12
C PRO A 348 -7.07 -28.17 44.28
N TRP A 349 -7.51 -28.23 43.02
CA TRP A 349 -7.53 -27.05 42.16
C TRP A 349 -8.44 -25.96 42.73
N ARG A 350 -9.63 -26.33 43.21
CA ARG A 350 -10.52 -25.35 43.82
C ARG A 350 -9.89 -24.74 45.07
N GLU A 351 -9.27 -25.59 45.91
CA GLU A 351 -8.67 -25.10 47.15
C GLU A 351 -7.52 -24.15 46.86
N ALA A 352 -6.70 -24.45 45.86
CA ALA A 352 -5.59 -23.56 45.53
C ALA A 352 -6.11 -22.23 45.00
N ILE A 353 -7.14 -22.25 44.17
CA ILE A 353 -7.73 -21.02 43.66
C ILE A 353 -8.27 -20.18 44.80
N ALA A 354 -9.02 -20.81 45.70
CA ALA A 354 -9.63 -20.06 46.80
C ALA A 354 -8.59 -19.46 47.73
N ALA A 355 -7.52 -20.21 48.01
CA ALA A 355 -6.47 -19.69 48.88
C ALA A 355 -5.77 -18.51 48.23
N LYS A 356 -5.50 -18.58 46.92
CA LYS A 356 -4.82 -17.49 46.26
C LYS A 356 -5.70 -16.25 46.18
N ILE A 357 -7.01 -16.44 46.00
CA ILE A 357 -7.94 -15.30 46.02
C ILE A 357 -7.85 -14.59 47.36
N ALA A 358 -7.86 -15.35 48.46
CA ALA A 358 -7.80 -14.75 49.79
C ALA A 358 -6.47 -14.03 50.02
N GLY A 359 -5.38 -14.57 49.45
CA GLY A 359 -4.10 -13.92 49.61
C GLY A 359 -4.01 -12.58 48.90
N ASN A 360 -4.56 -12.49 47.68
CA ASN A 360 -4.55 -11.24 46.96
C ASN A 360 -5.50 -10.22 47.60
N GLN A 361 -6.64 -10.71 48.13
CA GLN A 361 -7.55 -9.83 48.85
C GLN A 361 -6.88 -9.20 50.07
N ALA A 362 -6.17 -10.02 50.85
CA ALA A 362 -5.48 -9.50 52.02
C ALA A 362 -4.29 -8.62 51.64
N ALA A 363 -3.74 -8.79 50.44
CA ALA A 363 -2.61 -7.96 50.03
C ALA A 363 -3.05 -6.54 49.70
N VAL A 364 -4.26 -6.35 49.17
CA VAL A 364 -4.74 -5.02 48.82
C VAL A 364 -5.67 -4.43 49.88
N ALA A 365 -6.14 -5.24 50.83
CA ALA A 365 -7.03 -4.73 51.88
C ALA A 365 -6.48 -3.51 52.61
N PRO A 366 -5.21 -3.47 53.04
CA PRO A 366 -4.73 -2.26 53.72
C PRO A 366 -4.79 -1.00 52.86
N MET A 367 -4.51 -1.13 51.56
CA MET A 367 -4.53 0.05 50.70
C MET A 367 -5.95 0.55 50.49
N ILE A 368 -6.91 -0.37 50.35
CA ILE A 368 -8.31 0.02 50.18
C ILE A 368 -8.79 0.80 51.40
N ALA A 369 -8.35 0.41 52.59
CA ALA A 369 -8.82 1.03 53.82
C ALA A 369 -8.00 2.25 54.22
N ASP A 370 -6.88 2.52 53.55
CA ASP A 370 -6.00 3.62 53.92
C ASP A 370 -6.63 4.95 53.52
N ASN A 371 -7.06 5.73 54.51
CA ASN A 371 -7.65 7.04 54.28
C ASN A 371 -6.60 8.15 54.19
N THR A 372 -5.32 7.80 54.10
CA THR A 372 -4.27 8.80 53.96
C THR A 372 -4.47 9.62 52.70
N SER A 373 -4.29 10.94 52.83
CA SER A 373 -4.34 11.87 51.72
C SER A 373 -2.97 12.49 51.48
N PRO A 374 -2.51 12.61 50.23
CA PRO A 374 -3.16 12.21 48.98
C PRO A 374 -3.38 10.70 48.87
N MET A 375 -4.50 10.30 48.27
CA MET A 375 -4.94 8.92 48.32
C MET A 375 -4.21 8.05 47.29
N ASN A 376 -4.20 6.75 47.57
CA ASN A 376 -3.75 5.76 46.60
C ASN A 376 -4.93 5.34 45.72
N TYR A 377 -4.62 4.53 44.70
CA TYR A 377 -5.64 4.14 43.72
C TYR A 377 -6.75 3.32 44.37
N TYR A 378 -6.39 2.36 45.22
CA TYR A 378 -7.39 1.46 45.78
C TYR A 378 -8.35 2.19 46.72
N ARG A 379 -7.83 3.16 47.49
CA ARG A 379 -8.69 3.97 48.34
C ARG A 379 -9.68 4.77 47.51
N VAL A 380 -9.21 5.36 46.40
CA VAL A 380 -10.10 6.13 45.54
C VAL A 380 -11.20 5.24 44.97
N TYR A 381 -10.84 4.03 44.52
CA TYR A 381 -11.83 3.15 43.93
C TYR A 381 -12.80 2.58 44.97
N ARG A 382 -12.43 2.59 46.25
CA ARG A 382 -13.37 2.17 47.28
C ARG A 382 -14.64 3.02 47.23
N ASP A 383 -14.49 4.33 47.11
CA ASP A 383 -15.65 5.22 47.03
C ASP A 383 -16.30 5.20 45.65
N ILE A 384 -15.51 5.02 44.59
CA ILE A 384 -16.07 4.94 43.24
C ILE A 384 -16.92 3.68 43.09
N ALA A 385 -16.36 2.53 43.48
CA ALA A 385 -17.06 1.26 43.26
C ALA A 385 -18.34 1.18 44.06
N ALA A 386 -18.38 1.76 45.26
CA ALA A 386 -19.58 1.73 46.08
C ALA A 386 -20.71 2.57 45.50
N ARG A 387 -20.43 3.42 44.51
CA ARG A 387 -21.42 4.31 43.94
C ARG A 387 -21.70 4.03 42.46
N LEU A 388 -21.16 2.94 41.92
CA LEU A 388 -21.44 2.55 40.56
C LEU A 388 -22.74 1.75 40.53
N PRO A 389 -23.76 2.18 39.77
CA PRO A 389 -24.95 1.35 39.62
C PRO A 389 -24.61 0.05 38.90
N ARG A 390 -25.37 -1.00 39.21
CA ARG A 390 -25.07 -2.32 38.67
C ARG A 390 -25.39 -2.44 37.18
N ASN A 391 -26.07 -1.46 36.59
CA ASN A 391 -26.32 -1.45 35.15
C ASN A 391 -25.52 -0.37 34.44
N ALA A 392 -24.48 0.15 35.08
CA ALA A 392 -23.70 1.22 34.49
C ALA A 392 -22.88 0.71 33.31
N ILE A 393 -22.57 1.62 32.40
CA ILE A 393 -21.57 1.36 31.36
C ILE A 393 -20.30 2.08 31.77
N ILE A 394 -19.22 1.32 31.92
CA ILE A 394 -17.98 1.81 32.50
C ILE A 394 -16.95 1.97 31.39
N VAL A 395 -16.37 3.17 31.28
CA VAL A 395 -15.26 3.43 30.38
C VAL A 395 -14.01 3.65 31.22
N GLY A 396 -12.97 2.89 30.94
CA GLY A 396 -11.72 2.98 31.68
C GLY A 396 -10.55 3.24 30.76
N GLU A 397 -9.66 4.13 31.18
CA GLU A 397 -8.59 4.57 30.29
C GLU A 397 -7.44 5.14 31.11
N GLY A 398 -6.23 4.76 30.76
CA GLY A 398 -5.01 5.13 31.43
C GLY A 398 -4.14 3.90 31.60
N ALA A 399 -3.11 4.03 32.43
CA ALA A 399 -2.27 2.89 32.76
C ALA A 399 -2.68 2.34 34.12
N ASN A 400 -2.20 2.97 35.20
CA ASN A 400 -2.58 2.50 36.53
C ASN A 400 -4.06 2.74 36.81
N THR A 401 -4.59 3.90 36.40
CA THR A 401 -6.02 4.18 36.57
C THR A 401 -6.86 3.07 35.96
N MET A 402 -6.54 2.69 34.72
CA MET A 402 -7.36 1.71 34.02
C MET A 402 -7.17 0.30 34.60
N ASP A 403 -5.91 -0.10 34.79
CA ASP A 403 -5.65 -1.48 35.20
C ASP A 403 -6.17 -1.75 36.60
N ILE A 404 -5.97 -0.82 37.53
CA ILE A 404 -6.50 -1.01 38.88
C ILE A 404 -8.03 -0.93 38.86
N GLY A 405 -8.58 0.00 38.08
CA GLY A 405 -10.02 0.06 37.95
C GLY A 405 -10.63 -1.20 37.37
N ARG A 406 -9.87 -1.93 36.55
CA ARG A 406 -10.36 -3.18 35.99
C ARG A 406 -10.68 -4.19 37.08
N THR A 407 -9.85 -4.25 38.13
CA THR A 407 -10.11 -5.18 39.22
C THR A 407 -11.08 -4.63 40.26
N GLN A 408 -11.16 -3.31 40.39
CA GLN A 408 -11.97 -2.69 41.44
C GLN A 408 -13.37 -2.30 40.99
N MET A 409 -13.68 -2.42 39.71
CA MET A 409 -15.01 -2.08 39.18
C MET A 409 -15.62 -3.31 38.54
N PRO A 410 -16.45 -4.06 39.24
CA PRO A 410 -17.05 -5.26 38.65
C PRO A 410 -18.18 -4.93 37.68
N ASN A 411 -18.34 -5.80 36.68
CA ASN A 411 -19.41 -5.70 35.71
C ASN A 411 -20.28 -6.94 35.81
N PHE A 412 -21.60 -6.73 35.83
CA PHE A 412 -22.53 -7.82 36.05
C PHE A 412 -23.32 -8.22 34.80
N GLU A 413 -23.29 -7.39 33.76
CA GLU A 413 -23.87 -7.71 32.47
C GLU A 413 -22.84 -7.47 31.38
N PRO A 414 -22.93 -8.17 30.26
CA PRO A 414 -21.90 -8.04 29.22
C PRO A 414 -21.99 -6.70 28.49
N ARG A 415 -20.94 -6.42 27.71
CA ARG A 415 -20.87 -5.22 26.86
C ARG A 415 -21.08 -3.94 27.66
N SER A 416 -20.60 -3.93 28.90
CA SER A 416 -20.80 -2.79 29.79
C SER A 416 -19.47 -2.22 30.28
N ARG A 417 -18.36 -2.68 29.72
CA ARG A 417 -17.06 -2.11 29.97
C ARG A 417 -16.40 -1.81 28.63
N LEU A 418 -15.91 -0.60 28.47
CA LEU A 418 -15.22 -0.18 27.25
C LEU A 418 -13.88 0.42 27.64
N ASP A 419 -12.77 -0.23 27.26
CA ASP A 419 -11.47 0.30 27.66
C ASP A 419 -10.47 0.37 26.51
N ALA A 420 -9.18 0.49 26.84
CA ALA A 420 -8.15 0.70 25.83
C ALA A 420 -8.06 -0.44 24.83
N GLY A 421 -8.56 -1.62 25.18
CA GLY A 421 -8.70 -2.70 24.21
C GLY A 421 -7.39 -3.35 23.79
N SER A 422 -7.50 -4.12 22.69
CA SER A 422 -6.39 -4.91 22.19
C SER A 422 -5.27 -4.08 21.59
N TYR A 423 -5.50 -2.81 21.33
CA TYR A 423 -4.52 -1.89 20.77
C TYR A 423 -3.85 -1.03 21.83
N GLY A 424 -4.30 -1.11 23.08
CA GLY A 424 -3.76 -0.28 24.15
C GLY A 424 -3.89 1.20 23.88
N THR A 425 -5.04 1.63 23.36
CA THR A 425 -5.18 2.97 22.80
C THR A 425 -5.59 3.98 23.87
N MET A 426 -4.79 5.05 23.98
CA MET A 426 -5.20 6.26 24.68
C MET A 426 -5.89 7.17 23.66
N GLY A 427 -7.04 7.74 24.06
CA GLY A 427 -7.82 8.58 23.17
C GLY A 427 -9.23 8.09 22.92
N ILE A 428 -9.57 6.88 23.39
CA ILE A 428 -10.91 6.33 23.20
C ILE A 428 -11.91 6.81 24.24
N GLY A 429 -11.43 7.43 25.32
CA GLY A 429 -12.22 7.68 26.51
C GLY A 429 -13.58 8.32 26.32
N LEU A 430 -13.60 9.62 26.00
CA LEU A 430 -14.88 10.31 25.91
C LEU A 430 -15.63 9.96 24.64
N GLY A 431 -14.92 9.54 23.59
CA GLY A 431 -15.61 9.02 22.41
C GLY A 431 -16.42 7.78 22.72
N PHE A 432 -15.83 6.84 23.46
CA PHE A 432 -16.57 5.67 23.91
C PHE A 432 -17.73 6.07 24.82
N ALA A 433 -17.51 7.06 25.69
CA ALA A 433 -18.55 7.48 26.62
C ALA A 433 -19.71 8.14 25.89
N VAL A 434 -19.40 8.97 24.90
CA VAL A 434 -20.45 9.59 24.09
C VAL A 434 -21.24 8.53 23.34
N ALA A 435 -20.55 7.54 22.79
CA ALA A 435 -21.22 6.43 22.13
C ALA A 435 -22.15 5.70 23.09
N ALA A 436 -21.65 5.39 24.29
CA ALA A 436 -22.47 4.67 25.27
C ALA A 436 -23.69 5.49 25.68
N ALA A 437 -23.51 6.80 25.84
CA ALA A 437 -24.64 7.65 26.24
C ALA A 437 -25.66 7.79 25.12
N ALA A 438 -25.21 7.74 23.86
CA ALA A 438 -26.13 7.82 22.74
C ALA A 438 -26.91 6.53 22.55
N VAL A 439 -26.26 5.38 22.76
CA VAL A 439 -26.90 4.09 22.48
C VAL A 439 -27.80 3.66 23.64
N HIS A 440 -27.38 3.94 24.88
CA HIS A 440 -28.12 3.55 26.07
C HIS A 440 -28.35 4.78 26.95
N PRO A 441 -29.19 5.72 26.50
CA PRO A 441 -29.43 6.92 27.31
C PRO A 441 -30.13 6.64 28.63
N GLY A 442 -30.82 5.51 28.76
CA GLY A 442 -31.45 5.15 30.01
C GLY A 442 -30.53 4.53 31.04
N ARG A 443 -29.25 4.37 30.73
CA ARG A 443 -28.28 3.76 31.62
C ARG A 443 -27.20 4.76 31.98
N PRO A 444 -26.68 4.69 33.21
CA PRO A 444 -25.60 5.61 33.61
C PRO A 444 -24.30 5.27 32.91
N VAL A 445 -23.53 6.31 32.61
CA VAL A 445 -22.27 6.19 31.89
C VAL A 445 -21.18 6.87 32.72
N ILE A 446 -20.19 6.09 33.16
CA ILE A 446 -19.13 6.58 34.03
C ILE A 446 -17.80 6.28 33.37
N ALA A 447 -17.02 7.32 33.10
CA ALA A 447 -15.68 7.20 32.53
C ALA A 447 -14.66 7.55 33.60
N VAL A 448 -13.78 6.61 33.91
CA VAL A 448 -12.71 6.80 34.87
C VAL A 448 -11.40 6.83 34.09
N GLN A 449 -10.77 8.01 34.03
CA GLN A 449 -9.58 8.22 33.22
C GLN A 449 -8.44 8.75 34.09
N GLY A 450 -7.21 8.40 33.71
CA GLY A 450 -6.05 9.09 34.23
C GLY A 450 -5.96 10.48 33.65
N ASP A 451 -5.06 11.29 34.23
CA ASP A 451 -4.96 12.67 33.77
C ASP A 451 -4.39 12.73 32.35
N SER A 452 -3.46 11.83 32.02
CA SER A 452 -2.94 11.81 30.65
C SER A 452 -4.03 11.39 29.66
N ALA A 453 -4.74 10.30 29.97
CA ALA A 453 -5.78 9.81 29.07
C ALA A 453 -6.83 10.88 28.81
N PHE A 454 -7.23 11.63 29.85
CA PHE A 454 -8.25 12.65 29.67
C PHE A 454 -7.83 13.71 28.67
N GLY A 455 -6.54 14.04 28.62
CA GLY A 455 -6.06 15.06 27.71
C GLY A 455 -6.24 14.72 26.24
N PHE A 456 -6.33 13.43 25.90
CA PHE A 456 -6.46 13.06 24.50
C PHE A 456 -7.81 13.48 23.92
N SER A 457 -8.88 13.37 24.71
CA SER A 457 -10.22 13.56 24.17
C SER A 457 -11.08 14.44 25.07
N GLY A 458 -10.46 15.19 25.99
CA GLY A 458 -11.22 15.93 26.98
C GLY A 458 -12.19 16.93 26.39
N MET A 459 -11.89 17.47 25.20
CA MET A 459 -12.77 18.46 24.60
C MET A 459 -14.14 17.90 24.25
N GLU A 460 -14.26 16.58 24.13
CA GLU A 460 -15.56 15.98 23.82
C GLU A 460 -16.56 16.13 24.95
N PHE A 461 -16.15 16.66 26.10
CA PHE A 461 -17.11 17.02 27.14
C PHE A 461 -18.12 18.04 26.62
N GLU A 462 -17.68 18.92 25.73
CA GLU A 462 -18.62 19.86 25.10
C GLU A 462 -19.67 19.11 24.29
N THR A 463 -19.27 18.03 23.60
CA THR A 463 -20.23 17.22 22.86
C THR A 463 -21.29 16.64 23.79
N ALA A 464 -20.86 16.01 24.89
CA ALA A 464 -21.81 15.46 25.84
C ALA A 464 -22.75 16.52 26.38
N ALA A 465 -22.22 17.69 26.73
CA ALA A 465 -23.07 18.77 27.21
C ALA A 465 -24.05 19.24 26.14
N ARG A 466 -23.58 19.38 24.90
CA ARG A 466 -24.44 19.87 23.83
C ARG A 466 -25.58 18.92 23.52
N TYR A 467 -25.39 17.62 23.73
CA TYR A 467 -26.45 16.64 23.49
C TYR A 467 -27.12 16.16 24.77
N GLY A 468 -26.88 16.82 25.90
CA GLY A 468 -27.54 16.48 27.14
C GLY A 468 -27.20 15.09 27.65
N MET A 469 -25.96 14.64 27.43
CA MET A 469 -25.54 13.32 27.90
C MET A 469 -24.95 13.46 29.29
N PRO A 470 -25.58 12.89 30.32
CA PRO A 470 -25.06 13.04 31.70
C PRO A 470 -23.90 12.09 31.99
N ILE A 471 -22.84 12.21 31.18
CA ILE A 471 -21.65 11.38 31.38
C ILE A 471 -20.93 11.83 32.64
N LYS A 472 -20.51 10.87 33.45
CA LYS A 472 -19.80 11.14 34.69
C LYS A 472 -18.31 10.84 34.47
N VAL A 473 -17.52 11.90 34.40
CA VAL A 473 -16.08 11.80 34.11
C VAL A 473 -15.32 11.92 35.42
N ILE A 474 -14.57 10.88 35.76
CA ILE A 474 -13.78 10.84 36.98
C ILE A 474 -12.30 10.75 36.59
N ILE A 475 -11.53 11.76 36.98
CA ILE A 475 -10.12 11.87 36.60
C ILE A 475 -9.27 11.58 37.83
N LEU A 476 -8.40 10.59 37.72
CA LEU A 476 -7.41 10.30 38.75
C LEU A 476 -6.11 10.96 38.30
N ASN A 477 -5.71 12.02 38.98
CA ASN A 477 -4.63 12.90 38.53
C ASN A 477 -3.43 12.73 39.44
N ASN A 478 -2.44 11.98 38.98
CA ASN A 478 -1.14 11.90 39.64
C ASN A 478 -0.11 12.82 39.01
N GLY A 479 -0.49 13.57 37.98
CA GLY A 479 0.41 14.52 37.38
C GLY A 479 1.39 13.96 36.37
N GLY A 480 1.05 12.86 35.72
CA GLY A 480 1.97 12.31 34.74
C GLY A 480 1.43 11.06 34.09
N ILE A 481 2.26 10.53 33.20
CA ILE A 481 1.93 9.33 32.43
C ILE A 481 2.41 8.13 33.24
N GLY A 482 1.46 7.42 33.85
CA GLY A 482 1.76 6.24 34.66
C GLY A 482 2.17 6.51 36.10
N MET A 483 2.82 7.65 36.34
CA MET A 483 3.16 8.06 37.69
C MET A 483 3.46 9.55 37.68
N GLY A 484 3.48 10.14 38.86
CA GLY A 484 3.79 11.55 39.02
C GLY A 484 5.27 11.83 38.86
N SER A 485 5.63 13.09 39.15
CA SER A 485 7.01 13.53 39.02
C SER A 485 7.23 14.73 39.92
N PRO A 486 8.37 14.82 40.59
CA PRO A 486 8.66 16.03 41.37
C PRO A 486 8.75 17.25 40.46
N ALA A 487 8.43 18.41 41.02
CA ALA A 487 8.49 19.64 40.24
C ALA A 487 9.94 19.92 39.83
N PRO A 488 10.17 20.41 38.60
CA PRO A 488 11.52 20.62 38.06
C PRO A 488 12.34 21.62 38.88
N GLN A 492 16.71 22.50 35.33
CA GLN A 492 16.31 21.20 34.83
C GLN A 492 14.94 21.26 34.16
N PRO A 493 14.84 20.66 32.97
CA PRO A 493 13.54 20.60 32.29
C PRO A 493 12.63 19.54 32.90
N GLY A 494 11.35 19.65 32.58
CA GLY A 494 10.39 18.68 33.06
C GLY A 494 10.62 17.31 32.46
N MET A 495 10.32 16.29 33.25
CA MET A 495 10.42 14.92 32.77
C MET A 495 9.45 14.71 31.60
N PRO A 496 9.83 13.88 30.62
CA PRO A 496 8.94 13.65 29.47
C PRO A 496 7.57 13.12 29.84
N HIS A 497 7.47 12.34 30.90
CA HIS A 497 6.20 11.76 31.32
C HIS A 497 5.39 12.68 32.23
N ALA A 498 5.95 13.82 32.65
CA ALA A 498 5.29 14.66 33.64
C ALA A 498 4.19 15.51 33.02
N LEU A 499 3.10 15.67 33.76
CA LEU A 499 2.05 16.60 33.37
C LEU A 499 1.86 17.64 34.47
N SER A 500 0.63 18.02 34.77
CA SER A 500 0.34 19.06 35.76
C SER A 500 -0.43 18.43 36.92
N HIS A 501 0.26 18.18 38.04
CA HIS A 501 -0.42 17.60 39.19
C HIS A 501 -1.45 18.55 39.78
N ASP A 502 -1.23 19.85 39.68
CA ASP A 502 -2.14 20.85 40.24
C ASP A 502 -3.20 21.32 39.26
N ALA A 503 -3.30 20.69 38.08
CA ALA A 503 -4.29 21.10 37.10
C ALA A 503 -5.71 20.96 37.66
N ARG A 504 -6.55 21.93 37.32
CA ARG A 504 -7.95 21.94 37.75
C ARG A 504 -8.82 21.55 36.57
N TYR A 505 -8.69 20.29 36.15
CA TYR A 505 -9.43 19.79 34.99
C TYR A 505 -10.93 19.99 35.12
N GLU A 506 -11.45 19.96 36.35
CA GLU A 506 -12.90 20.03 36.55
C GLU A 506 -13.49 21.33 36.04
N ARG A 507 -12.69 22.39 35.95
CA ARG A 507 -13.19 23.65 35.41
C ARG A 507 -13.52 23.56 33.93
N ILE A 508 -13.08 22.51 33.24
CA ILE A 508 -13.50 22.29 31.86
C ILE A 508 -15.00 22.01 31.80
N ALA A 509 -15.52 21.29 32.80
CA ALA A 509 -16.96 21.06 32.85
C ALA A 509 -17.71 22.37 32.96
N GLU A 510 -17.21 23.30 33.77
CA GLU A 510 -17.86 24.59 33.94
C GLU A 510 -17.76 25.46 32.70
N ALA A 511 -16.82 25.16 31.79
CA ALA A 511 -16.78 25.85 30.52
C ALA A 511 -18.00 25.53 29.67
N PHE A 512 -18.63 24.37 29.87
CA PHE A 512 -19.70 23.91 28.99
C PHE A 512 -20.98 23.58 29.74
N GLY A 513 -21.20 24.16 30.93
CA GLY A 513 -22.45 24.00 31.64
C GLY A 513 -22.57 22.77 32.50
N GLY A 514 -21.49 22.01 32.69
CA GLY A 514 -21.51 20.86 33.55
C GLY A 514 -21.04 21.19 34.95
N ALA A 515 -21.14 20.20 35.83
CA ALA A 515 -20.71 20.36 37.21
C ALA A 515 -19.26 19.89 37.35
N GLY A 516 -18.46 20.68 38.04
CA GLY A 516 -17.06 20.34 38.29
C GLY A 516 -16.79 20.18 39.77
N PHE A 517 -15.99 19.17 40.12
CA PHE A 517 -15.67 18.87 41.51
C PHE A 517 -14.18 18.57 41.62
N TYR A 518 -13.55 19.13 42.64
CA TYR A 518 -12.12 18.96 42.90
C TYR A 518 -11.96 18.29 44.25
N VAL A 519 -11.21 17.19 44.29
CA VAL A 519 -10.98 16.41 45.50
C VAL A 519 -9.48 16.27 45.71
N THR A 520 -9.00 16.62 46.91
CA THR A 520 -7.64 16.33 47.31
C THR A 520 -7.55 15.51 48.60
N ASP A 521 -8.57 15.56 49.45
CA ASP A 521 -8.58 14.82 50.71
C ASP A 521 -9.65 13.74 50.65
N SER A 522 -9.41 12.65 51.39
CA SER A 522 -10.34 11.52 51.36
C SER A 522 -11.72 11.89 51.89
N ALA A 523 -11.80 12.86 52.80
CA ALA A 523 -13.09 13.28 53.33
C ALA A 523 -13.96 13.97 52.28
N GLU A 524 -13.36 14.51 51.22
CA GLU A 524 -14.12 15.19 50.17
C GLU A 524 -14.63 14.24 49.09
N LEU A 525 -14.08 13.03 49.00
CA LEU A 525 -14.33 12.17 47.84
C LEU A 525 -15.78 11.69 47.80
N GLY A 526 -16.28 11.19 48.91
CA GLY A 526 -17.65 10.73 49.00
C GLY A 526 -18.67 11.76 48.59
N PRO A 527 -18.71 12.89 49.31
CA PRO A 527 -19.68 13.95 48.95
C PRO A 527 -19.55 14.45 47.53
N ALA A 528 -18.33 14.50 46.98
CA ALA A 528 -18.16 14.95 45.60
C ALA A 528 -18.74 13.94 44.61
N LEU A 529 -18.51 12.65 44.86
CA LEU A 529 -19.08 11.63 43.98
C LEU A 529 -20.60 11.59 44.10
N ASP A 530 -21.11 11.75 45.33
CA ASP A 530 -22.56 11.83 45.52
C ASP A 530 -23.18 12.95 44.68
N ALA A 531 -22.60 14.15 44.76
CA ALA A 531 -23.15 15.28 44.04
C ALA A 531 -22.98 15.13 42.54
N ALA A 532 -21.85 14.56 42.09
CA ALA A 532 -21.64 14.38 40.66
C ALA A 532 -22.61 13.36 40.08
N MET A 533 -22.85 12.26 40.79
CA MET A 533 -23.78 11.27 40.28
C MET A 533 -25.21 11.77 40.28
N ALA A 534 -25.56 12.64 41.24
CA ALA A 534 -26.91 13.17 41.34
C ALA A 534 -27.15 14.36 40.41
N PHE A 535 -26.10 15.07 40.02
CA PHE A 535 -26.27 16.23 39.14
C PHE A 535 -26.89 15.80 37.81
N LYS A 536 -27.93 16.52 37.39
CA LYS A 536 -28.66 16.21 36.17
C LYS A 536 -27.94 16.84 34.98
N GLY A 537 -26.86 16.18 34.59
CA GLY A 537 -26.02 16.66 33.50
C GLY A 537 -24.65 16.02 33.58
N PRO A 538 -23.78 16.35 32.63
CA PRO A 538 -22.42 15.79 32.65
C PRO A 538 -21.61 16.43 33.76
N ALA A 539 -20.60 15.71 34.25
CA ALA A 539 -19.83 16.18 35.38
C ALA A 539 -18.39 15.67 35.28
N ILE A 540 -17.48 16.42 35.88
CA ILE A 540 -16.08 16.01 36.02
C ILE A 540 -15.72 16.04 37.50
N VAL A 541 -15.20 14.93 38.01
CA VAL A 541 -14.61 14.86 39.34
C VAL A 541 -13.11 14.70 39.16
N ASN A 542 -12.36 15.73 39.55
CA ASN A 542 -10.91 15.76 39.43
C ASN A 542 -10.32 15.40 40.80
N ILE A 543 -9.72 14.22 40.88
CA ILE A 543 -9.16 13.70 42.13
C ILE A 543 -7.65 13.75 42.03
N LYS A 544 -7.02 14.55 42.88
CA LYS A 544 -5.57 14.60 42.95
C LYS A 544 -5.09 13.45 43.83
N ILE A 545 -4.45 12.46 43.22
CA ILE A 545 -3.99 11.28 43.93
C ILE A 545 -2.48 11.37 44.16
N ALA A 546 -1.95 10.48 44.99
CA ALA A 546 -0.53 10.49 45.32
C ALA A 546 0.30 10.25 44.06
N ALA A 547 1.37 11.04 43.93
CA ALA A 547 2.20 10.98 42.72
C ALA A 547 2.91 9.65 42.56
N THR A 548 3.07 8.88 43.65
CA THR A 548 3.80 7.61 43.61
C THR A 548 2.89 6.40 43.86
N ALA A 549 1.58 6.59 43.88
CA ALA A 549 0.68 5.44 44.06
C ALA A 549 0.83 4.49 42.89
N ASP A 550 0.78 3.19 43.18
CA ASP A 550 1.04 2.17 42.19
C ASP A 550 0.05 1.02 42.39
N ARG A 551 0.13 0.04 41.50
CA ARG A 551 -0.72 -1.15 41.59
C ARG A 551 -0.10 -2.17 42.55
N LYS A 552 -0.88 -3.18 42.89
CA LYS A 552 -0.40 -4.25 43.76
C LYS A 552 0.81 -4.93 43.11
N PRO A 553 1.87 -5.19 43.87
CA PRO A 553 3.00 -5.94 43.31
C PRO A 553 2.56 -7.31 42.80
N GLN A 554 3.21 -7.74 41.72
CA GLN A 554 2.91 -9.02 41.10
C GLN A 554 4.21 -9.75 40.78
N GLN A 555 4.09 -11.06 40.56
CA GLN A 555 5.25 -11.85 40.17
C GLN A 555 5.73 -11.46 38.78
N PHE A 556 4.82 -11.14 37.86
CA PHE A 556 5.15 -10.85 36.48
C PHE A 556 4.65 -9.46 36.10
N ASN A 557 5.45 -8.77 35.29
CA ASN A 557 5.01 -7.54 34.65
C ASN A 557 3.90 -7.83 33.65
N TRP A 558 2.96 -6.89 33.51
CA TRP A 558 1.84 -7.11 32.61
C TRP A 558 2.29 -7.32 31.18
N HIS A 559 3.39 -6.68 30.78
CA HIS A 559 3.90 -6.78 29.42
C HIS A 559 4.95 -7.88 29.28
N GLY A 560 5.90 -7.95 30.22
CA GLY A 560 6.94 -8.95 30.19
C GLY A 560 8.02 -8.66 29.15
N TYR B 1 24.50 4.88 45.06
CA TYR B 1 24.94 3.49 45.04
C TYR B 1 25.78 3.21 43.80
N PHE B 2 25.13 2.69 42.76
CA PHE B 2 25.80 2.54 41.47
C PHE B 2 26.11 3.87 40.80
N GLN B 3 25.68 4.98 41.40
CA GLN B 3 25.98 6.32 40.90
C GLN B 3 27.17 6.96 41.60
N SER B 4 27.93 6.18 42.37
CA SER B 4 29.12 6.71 43.04
C SER B 4 30.30 6.68 42.08
N ASN B 5 31.04 7.79 42.03
CA ASN B 5 32.16 7.89 41.09
C ASN B 5 33.35 7.02 41.48
N ALA B 6 33.41 6.56 42.73
CA ALA B 6 34.51 5.73 43.19
C ALA B 6 34.42 4.29 42.67
N MET B 7 33.27 3.90 42.14
CA MET B 7 33.03 2.54 41.71
C MET B 7 33.44 2.34 40.26
N ALA B 8 33.87 1.12 39.93
CA ALA B 8 34.23 0.79 38.56
C ALA B 8 32.98 0.67 37.69
N LYS B 9 32.97 1.37 36.56
CA LYS B 9 31.87 1.33 35.60
C LYS B 9 32.37 0.78 34.27
N SER B 10 31.50 0.04 33.57
CA SER B 10 31.86 -0.53 32.28
C SER B 10 32.17 0.57 31.27
N GLU B 11 31.21 1.47 31.05
CA GLU B 11 31.41 2.71 30.30
C GLU B 11 31.81 2.49 28.84
N GLY B 12 31.83 1.25 28.37
CA GLY B 12 32.21 0.98 27.00
C GLY B 12 31.06 0.85 26.03
N LYS B 13 29.86 0.58 26.55
CA LYS B 13 28.70 0.27 25.72
C LYS B 13 27.78 1.49 25.60
N VAL B 14 26.89 1.42 24.61
CA VAL B 14 25.89 2.45 24.38
C VAL B 14 24.68 1.80 23.74
N ASN B 15 23.47 2.26 24.10
CA ASN B 15 22.27 1.64 23.59
C ASN B 15 21.62 2.48 22.48
N GLY B 16 20.56 1.92 21.91
CA GLY B 16 19.95 2.55 20.75
C GLY B 16 19.33 3.90 21.05
N ALA B 17 18.70 4.03 22.21
CA ALA B 17 18.12 5.31 22.60
C ALA B 17 19.17 6.41 22.62
N THR B 18 20.35 6.11 23.18
CA THR B 18 21.41 7.10 23.27
C THR B 18 21.98 7.44 21.89
N LEU B 19 22.25 6.41 21.07
CA LEU B 19 22.73 6.64 19.72
C LEU B 19 21.74 7.49 18.92
N MET B 20 20.45 7.21 19.08
CA MET B 20 19.42 7.99 18.41
C MET B 20 19.50 9.46 18.83
N ALA B 21 19.58 9.72 20.14
CA ALA B 21 19.63 11.08 20.63
C ALA B 21 20.85 11.82 20.09
N ARG B 22 22.02 11.16 20.10
CA ARG B 22 23.24 11.80 19.60
C ARG B 22 23.14 12.07 18.10
N ALA B 23 22.59 11.12 17.34
CA ALA B 23 22.44 11.32 15.90
C ALA B 23 21.48 12.47 15.61
N LEU B 24 20.36 12.53 16.33
CA LEU B 24 19.42 13.63 16.15
C LEU B 24 20.07 14.98 16.45
N GLN B 25 20.83 15.04 17.55
CA GLN B 25 21.51 16.27 17.90
C GLN B 25 22.56 16.64 16.86
N GLN B 26 23.29 15.63 16.34
CA GLN B 26 24.29 15.91 15.33
C GLN B 26 23.65 16.48 14.06
N GLN B 27 22.45 16.00 13.72
CA GLN B 27 21.78 16.41 12.50
C GLN B 27 20.92 17.66 12.67
N GLY B 28 21.10 18.40 13.76
CA GLY B 28 20.41 19.67 13.91
C GLY B 28 19.01 19.60 14.47
N VAL B 29 18.59 18.47 15.01
CA VAL B 29 17.29 18.39 15.66
C VAL B 29 17.42 19.04 17.03
N GLN B 30 16.66 20.12 17.25
CA GLN B 30 16.65 20.81 18.53
C GLN B 30 15.34 20.65 19.29
N TYR B 31 14.27 20.21 18.62
CA TYR B 31 12.96 20.14 19.22
C TYR B 31 12.33 18.79 18.91
N MET B 32 11.73 18.19 19.93
CA MET B 32 11.05 16.90 19.81
C MET B 32 9.72 17.01 20.51
N PHE B 33 8.63 16.87 19.75
CA PHE B 33 7.27 16.92 20.27
C PHE B 33 6.68 15.52 20.25
N GLY B 34 6.08 15.11 21.34
CA GLY B 34 5.41 13.81 21.33
C GLY B 34 4.79 13.47 22.66
N ILE B 35 4.46 12.19 22.80
CA ILE B 35 3.91 11.64 24.03
C ILE B 35 4.62 10.32 24.29
N VAL B 36 5.14 10.17 25.50
CA VAL B 36 5.96 9.00 25.80
C VAL B 36 5.10 7.83 26.27
N GLY B 37 5.76 6.71 26.51
CA GLY B 37 5.10 5.44 26.71
C GLY B 37 5.99 4.36 26.12
N PHE B 38 5.57 3.12 26.32
CA PHE B 38 6.27 2.01 25.70
C PHE B 38 6.27 2.23 24.18
N PRO B 39 7.41 2.06 23.50
CA PRO B 39 8.74 1.77 24.04
C PRO B 39 9.70 2.96 23.97
N VAL B 40 9.19 4.19 23.89
CA VAL B 40 10.01 5.34 23.50
C VAL B 40 10.42 6.20 24.68
N ILE B 41 10.07 5.82 25.91
CA ILE B 41 10.50 6.58 27.08
C ILE B 41 12.02 6.78 27.10
N PRO B 42 12.86 5.76 26.86
CA PRO B 42 14.31 6.00 26.83
C PRO B 42 14.74 7.00 25.75
N ILE B 43 14.01 7.09 24.64
CA ILE B 43 14.40 8.01 23.58
C ILE B 43 14.24 9.45 24.04
N ALA B 44 13.11 9.78 24.66
CA ALA B 44 12.87 11.14 25.11
C ALA B 44 13.86 11.56 26.19
N ILE B 45 14.18 10.65 27.11
CA ILE B 45 15.14 10.96 28.17
C ILE B 45 16.52 11.18 27.61
N ALA B 46 16.96 10.31 26.69
CA ALA B 46 18.27 10.46 26.07
C ALA B 46 18.35 11.74 25.26
N ALA B 47 17.26 12.12 24.61
CA ALA B 47 17.24 13.36 23.85
C ALA B 47 17.45 14.57 24.76
N GLN B 48 16.81 14.57 25.93
CA GLN B 48 17.01 15.66 26.88
C GLN B 48 18.45 15.71 27.36
N ARG B 49 19.08 14.55 27.55
CA ARG B 49 20.46 14.52 28.01
C ARG B 49 21.41 15.11 26.98
N GLU B 50 21.08 15.00 25.69
CA GLU B 50 21.89 15.63 24.64
C GLU B 50 21.53 17.10 24.42
N GLY B 51 20.60 17.66 25.20
CA GLY B 51 20.23 19.05 25.05
C GLY B 51 19.07 19.33 24.11
N ILE B 52 18.45 18.28 23.55
CA ILE B 52 17.27 18.48 22.73
C ILE B 52 16.11 18.90 23.62
N THR B 53 15.30 19.83 23.15
CA THR B 53 14.12 20.27 23.89
C THR B 53 12.97 19.30 23.61
N TYR B 54 12.53 18.58 24.64
CA TYR B 54 11.41 17.67 24.51
C TYR B 54 10.14 18.35 25.04
N ILE B 55 9.09 18.34 24.21
CA ILE B 55 7.81 18.96 24.54
C ILE B 55 6.77 17.84 24.56
N GLY B 56 6.29 17.50 25.75
CA GLY B 56 5.25 16.50 25.89
C GLY B 56 3.86 17.06 25.65
N MET B 57 3.16 16.53 24.65
CA MET B 57 1.87 17.07 24.22
C MET B 57 0.74 16.24 24.83
N ARG B 58 -0.49 16.60 24.46
CA ARG B 58 -1.67 15.90 24.95
C ARG B 58 -2.30 14.98 23.91
N ASN B 59 -1.94 15.12 22.63
CA ASN B 59 -2.35 14.21 21.58
C ASN B 59 -1.25 14.16 20.52
N GLU B 60 -1.01 12.97 19.96
CA GLU B 60 0.00 12.85 18.91
C GLU B 60 -0.34 13.67 17.68
N GLN B 61 -1.64 13.90 17.45
CA GLN B 61 -2.07 14.72 16.34
C GLN B 61 -1.40 16.09 16.38
N SER B 62 -1.55 16.79 17.50
CA SER B 62 -0.91 18.09 17.64
C SER B 62 0.61 17.98 17.66
N ALA B 63 1.15 16.89 18.22
CA ALA B 63 2.60 16.71 18.24
C ALA B 63 3.17 16.60 16.82
N SER B 64 2.49 15.85 15.96
CA SER B 64 2.98 15.72 14.59
C SER B 64 2.81 17.02 13.81
N TYR B 65 1.81 17.83 14.19
CA TYR B 65 1.66 19.16 13.59
C TYR B 65 2.72 20.12 14.11
N ALA B 66 2.98 20.11 15.42
CA ALA B 66 4.03 20.94 15.99
C ALA B 66 5.38 20.64 15.34
N ALA B 67 5.67 19.36 15.08
CA ALA B 67 6.96 18.98 14.54
C ALA B 67 7.24 19.63 13.19
N GLN B 68 6.25 19.63 12.29
CA GLN B 68 6.51 20.19 10.96
C GLN B 68 6.52 21.71 10.97
N ALA B 69 5.75 22.35 11.85
CA ALA B 69 5.83 23.79 11.97
C ALA B 69 7.19 24.23 12.48
N ALA B 70 7.72 23.51 13.47
CA ALA B 70 9.07 23.79 13.95
C ALA B 70 10.09 23.58 12.83
N SER B 71 9.87 22.56 11.99
CA SER B 71 10.74 22.36 10.84
C SER B 71 10.69 23.56 9.90
N TYR B 72 9.49 24.02 9.58
CA TYR B 72 9.33 25.19 8.73
C TYR B 72 10.01 26.41 9.32
N LEU B 73 9.86 26.63 10.62
CA LEU B 73 10.40 27.83 11.25
C LEU B 73 11.92 27.78 11.37
N THR B 74 12.48 26.59 11.57
CA THR B 74 13.93 26.48 11.73
C THR B 74 14.66 26.24 10.42
N GLY B 75 13.94 25.82 9.37
CA GLY B 75 14.59 25.42 8.14
C GLY B 75 15.27 24.08 8.21
N ARG B 76 14.89 23.24 9.17
CA ARG B 76 15.61 22.07 9.56
C ARG B 76 14.63 21.02 10.07
N PRO B 77 14.74 19.75 9.66
CA PRO B 77 13.78 18.74 10.12
C PRO B 77 13.82 18.56 11.64
N GLN B 78 12.65 18.72 12.26
CA GLN B 78 12.47 18.52 13.69
C GLN B 78 11.58 17.30 13.92
N ALA B 79 11.61 16.79 15.15
CA ALA B 79 11.15 15.44 15.44
C ALA B 79 9.79 15.40 16.13
N CYS B 80 9.03 14.35 15.79
CA CYS B 80 7.84 13.94 16.54
C CYS B 80 8.08 12.52 17.04
N LEU B 81 7.78 12.28 18.32
CA LEU B 81 8.05 10.99 18.96
C LEU B 81 6.75 10.40 19.50
N VAL B 82 6.39 9.23 18.98
CA VAL B 82 5.13 8.57 19.34
C VAL B 82 5.39 7.12 19.70
N VAL B 83 4.43 6.54 20.42
CA VAL B 83 4.53 5.14 20.83
C VAL B 83 4.11 4.25 19.67
N SER B 84 4.29 2.94 19.83
CA SER B 84 3.88 1.97 18.84
C SER B 84 2.37 2.00 18.63
N GLY B 85 1.94 1.36 17.55
CA GLY B 85 0.53 1.18 17.26
C GLY B 85 -0.21 2.48 17.08
N PRO B 86 -1.20 2.74 17.95
CA PRO B 86 -2.01 3.95 17.80
C PRO B 86 -1.23 5.24 17.94
N GLY B 87 -0.05 5.20 18.57
CA GLY B 87 0.80 6.39 18.56
C GLY B 87 1.15 6.82 17.15
N VAL B 88 1.58 5.85 16.33
CA VAL B 88 1.92 6.13 14.94
C VAL B 88 0.66 6.50 14.15
N VAL B 89 -0.44 5.77 14.35
CA VAL B 89 -1.64 6.04 13.57
C VAL B 89 -2.15 7.45 13.83
N HIS B 90 -2.16 7.86 15.10
CA HIS B 90 -2.54 9.24 15.43
C HIS B 90 -1.65 10.25 14.72
N ALA B 91 -0.36 9.95 14.59
CA ALA B 91 0.59 10.89 14.00
C ALA B 91 0.55 10.90 12.48
N LEU B 92 -0.19 9.98 11.85
CA LEU B 92 -0.32 10.01 10.39
C LEU B 92 -0.90 11.33 9.90
N ALA B 93 -1.67 12.02 10.74
CA ALA B 93 -2.23 13.31 10.36
C ALA B 93 -1.12 14.30 9.98
N GLY B 94 -0.08 14.37 10.81
CA GLY B 94 1.00 15.31 10.52
C GLY B 94 1.81 14.92 9.30
N LEU B 95 2.03 13.63 9.09
CA LEU B 95 2.72 13.18 7.87
C LEU B 95 1.97 13.65 6.63
N ALA B 96 0.65 13.44 6.61
CA ALA B 96 -0.16 13.86 5.47
C ALA B 96 -0.08 15.36 5.26
N ASN B 97 -0.19 16.13 6.34
CA ASN B 97 -0.17 17.59 6.20
C ASN B 97 1.21 18.08 5.76
N ALA B 98 2.27 17.44 6.25
CA ALA B 98 3.62 17.85 5.86
C ALA B 98 3.91 17.50 4.40
N GLN B 99 3.41 16.36 3.94
CA GLN B 99 3.55 16.00 2.53
C GLN B 99 2.89 17.03 1.62
N VAL B 100 1.67 17.45 1.97
CA VAL B 100 0.91 18.33 1.08
C VAL B 100 1.49 19.73 1.05
N ASN B 101 2.11 20.17 2.15
CA ASN B 101 2.70 21.50 2.22
C ASN B 101 4.17 21.55 1.83
N CYS B 102 4.77 20.40 1.51
CA CYS B 102 6.21 20.31 1.21
C CYS B 102 7.05 20.82 2.38
N TRP B 103 6.66 20.43 3.60
CA TRP B 103 7.42 20.75 4.79
C TRP B 103 8.16 19.51 5.30
N PRO B 104 9.40 19.66 5.74
CA PRO B 104 10.12 18.51 6.26
C PRO B 104 9.64 18.13 7.65
N MET B 105 9.98 16.91 8.04
CA MET B 105 9.44 16.35 9.27
C MET B 105 10.08 15.00 9.51
N LEU B 106 10.44 14.72 10.76
CA LEU B 106 10.94 13.41 11.15
C LEU B 106 10.02 12.85 12.22
N LEU B 107 9.26 11.83 11.87
CA LEU B 107 8.45 11.08 12.83
C LEU B 107 9.25 9.87 13.30
N ILE B 108 9.50 9.79 14.59
CA ILE B 108 10.13 8.63 15.21
C ILE B 108 9.04 7.87 15.96
N GLY B 109 8.71 6.68 15.49
CA GLY B 109 7.68 5.86 16.09
C GLY B 109 8.28 4.60 16.68
N GLY B 110 7.96 4.35 17.95
CA GLY B 110 8.31 3.10 18.56
C GLY B 110 7.59 1.94 17.90
N ALA B 111 8.16 0.74 18.06
CA ALA B 111 7.55 -0.48 17.58
C ALA B 111 7.73 -1.56 18.63
N SER B 112 6.87 -2.57 18.57
CA SER B 112 7.05 -3.72 19.43
C SER B 112 8.32 -4.48 19.05
N ALA B 113 8.80 -5.30 19.98
CA ALA B 113 10.06 -6.01 19.78
C ALA B 113 9.98 -6.89 18.54
N ILE B 114 11.09 -6.97 17.81
CA ILE B 114 11.14 -7.75 16.58
C ILE B 114 10.93 -9.23 16.87
N GLU B 115 11.47 -9.72 18.00
CA GLU B 115 11.37 -11.13 18.33
C GLU B 115 9.93 -11.58 18.60
N GLN B 116 9.00 -10.66 18.82
CA GLN B 116 7.61 -11.01 19.05
C GLN B 116 6.73 -10.81 17.81
N ASN B 117 7.31 -10.43 16.66
CA ASN B 117 6.50 -10.24 15.46
C ASN B 117 5.77 -11.54 15.10
N GLY B 118 4.52 -11.39 14.69
CA GLY B 118 3.66 -12.52 14.39
C GLY B 118 2.85 -13.05 15.55
N MET B 119 3.21 -12.71 16.78
CA MET B 119 2.58 -13.30 17.95
C MET B 119 1.36 -12.55 18.45
N GLY B 120 1.07 -11.38 17.90
CA GLY B 120 0.05 -10.52 18.48
C GLY B 120 0.58 -9.73 19.65
N ALA B 121 1.78 -9.16 19.52
CA ALA B 121 2.40 -8.41 20.60
C ALA B 121 1.64 -7.12 20.86
N PHE B 122 1.87 -6.56 22.05
CA PHE B 122 1.29 -5.29 22.43
C PHE B 122 1.63 -4.20 21.42
N GLN B 123 0.62 -3.69 20.73
CA GLN B 123 0.74 -2.60 19.75
C GLN B 123 1.61 -2.99 18.55
N GLU B 124 1.66 -4.27 18.24
CA GLU B 124 2.25 -4.73 16.98
C GLU B 124 1.46 -4.16 15.81
N GLU B 125 2.17 -3.68 14.80
CA GLU B 125 1.52 -2.99 13.69
C GLU B 125 2.49 -2.88 12.53
N ARG B 126 1.92 -2.84 11.31
CA ARG B 126 2.70 -2.66 10.08
C ARG B 126 2.94 -1.17 9.85
N GLN B 127 3.82 -0.60 10.68
CA GLN B 127 3.91 0.84 10.80
C GLN B 127 4.61 1.48 9.60
N VAL B 128 5.68 0.87 9.09
CA VAL B 128 6.31 1.40 7.88
C VAL B 128 5.32 1.37 6.71
N LEU B 129 4.52 0.31 6.63
CA LEU B 129 3.55 0.20 5.54
C LEU B 129 2.48 1.27 5.62
N LEU B 130 1.98 1.57 6.83
CA LEU B 130 0.95 2.59 6.98
C LEU B 130 1.49 3.98 6.66
N ALA B 131 2.72 4.26 7.06
CA ALA B 131 3.28 5.60 6.91
C ALA B 131 3.78 5.86 5.49
N SER B 132 4.21 4.81 4.78
CA SER B 132 4.87 4.99 3.48
C SER B 132 4.11 5.89 2.51
N PRO B 133 2.80 5.72 2.27
CA PRO B 133 2.13 6.59 1.29
C PRO B 133 2.18 8.08 1.63
N LEU B 134 2.52 8.43 2.88
CA LEU B 134 2.54 9.83 3.30
C LEU B 134 3.95 10.35 3.52
N CYS B 135 4.98 9.59 3.15
CA CYS B 135 6.36 9.97 3.44
C CYS B 135 7.19 9.98 2.18
N LYS B 136 8.20 10.87 2.16
CA LYS B 136 9.30 10.74 1.20
C LYS B 136 10.20 9.58 1.57
N TYR B 137 10.35 9.32 2.86
CA TYR B 137 11.29 8.34 3.37
C TYR B 137 10.63 7.64 4.55
N ALA B 138 10.72 6.32 4.58
CA ALA B 138 10.15 5.55 5.67
C ALA B 138 10.90 4.23 5.76
N HIS B 139 11.44 3.93 6.93
CA HIS B 139 12.23 2.72 7.08
C HIS B 139 12.26 2.33 8.55
N GLN B 140 12.49 1.04 8.78
CA GLN B 140 12.68 0.52 10.13
C GLN B 140 14.17 0.36 10.41
N VAL B 141 14.56 0.79 11.60
CA VAL B 141 15.94 0.61 12.08
C VAL B 141 16.02 -0.79 12.69
N GLU B 142 16.66 -1.72 11.97
CA GLU B 142 16.66 -3.12 12.37
C GLU B 142 17.72 -3.45 13.42
N ARG B 143 18.79 -2.66 13.50
CA ARG B 143 19.90 -2.92 14.40
C ARG B 143 20.41 -1.58 14.95
N PRO B 144 20.77 -1.54 16.24
CA PRO B 144 21.13 -0.25 16.84
C PRO B 144 22.39 0.37 16.24
N GLU B 145 23.36 -0.43 15.80
CA GLU B 145 24.58 0.15 15.24
C GLU B 145 24.32 0.91 13.94
N ARG B 146 23.16 0.75 13.32
CA ARG B 146 22.84 1.45 12.07
C ARG B 146 22.02 2.70 12.31
N ILE B 147 21.84 3.11 13.56
CA ILE B 147 21.07 4.31 13.86
C ILE B 147 21.68 5.57 13.25
N PRO B 148 22.99 5.83 13.37
CA PRO B 148 23.54 7.04 12.71
C PRO B 148 23.31 7.05 11.21
N TYR B 149 23.45 5.90 10.55
CA TYR B 149 23.20 5.83 9.12
C TYR B 149 21.76 6.21 8.79
N TYR B 150 20.79 5.65 9.51
CA TYR B 150 19.39 5.87 9.18
C TYR B 150 18.96 7.30 9.52
N VAL B 151 19.43 7.85 10.64
CA VAL B 151 19.07 9.21 11.00
C VAL B 151 19.61 10.19 9.97
N GLU B 152 20.83 9.94 9.48
CA GLU B 152 21.39 10.82 8.45
C GLU B 152 20.59 10.74 7.16
N GLN B 153 20.28 9.51 6.72
CA GLN B 153 19.54 9.34 5.48
C GLN B 153 18.12 9.89 5.60
N ALA B 154 17.47 9.71 6.76
CA ALA B 154 16.12 10.22 6.94
C ALA B 154 16.09 11.74 6.94
N VAL B 155 16.98 12.37 7.70
CA VAL B 155 17.05 13.83 7.73
C VAL B 155 17.33 14.37 6.33
N ARG B 156 18.34 13.80 5.66
CA ARG B 156 18.68 14.26 4.31
C ARG B 156 17.49 14.14 3.35
N SER B 157 16.82 12.98 3.37
CA SER B 157 15.68 12.78 2.49
C SER B 157 14.57 13.79 2.77
N ALA B 158 14.31 14.05 4.05
CA ALA B 158 13.25 14.99 4.40
C ALA B 158 13.59 16.42 3.99
N LEU B 159 14.88 16.76 3.99
CA LEU B 159 15.32 18.14 3.82
C LEU B 159 15.72 18.51 2.40
N PHE B 160 16.30 17.58 1.65
CA PHE B 160 16.81 17.87 0.31
C PHE B 160 15.69 17.72 -0.72
N GLY B 161 15.86 18.38 -1.87
CA GLY B 161 14.84 18.36 -2.88
C GLY B 161 13.56 19.01 -2.39
N ARG B 162 12.43 18.55 -2.93
CA ARG B 162 11.14 19.01 -2.42
C ARG B 162 10.94 18.43 -1.03
N PRO B 163 10.87 19.26 0.02
CA PRO B 163 10.85 18.71 1.38
C PRO B 163 9.58 17.90 1.64
N GLY B 164 9.69 17.00 2.63
CA GLY B 164 8.58 16.14 2.97
C GLY B 164 8.88 15.36 4.23
N ALA B 165 7.97 14.47 4.57
CA ALA B 165 8.04 13.73 5.83
C ALA B 165 8.93 12.50 5.72
N ALA B 166 9.71 12.25 6.77
CA ALA B 166 10.46 11.02 6.91
C ALA B 166 10.02 10.30 8.18
N TYR B 167 10.03 8.97 8.13
CA TYR B 167 9.59 8.15 9.25
C TYR B 167 10.65 7.11 9.57
N LEU B 168 11.01 7.00 10.85
CA LEU B 168 11.91 5.97 11.35
C LEU B 168 11.18 5.11 12.36
N ASP B 169 11.19 3.80 12.12
CA ASP B 169 10.55 2.83 12.99
C ASP B 169 11.60 2.27 13.94
N MET B 170 11.37 2.42 15.24
CA MET B 170 12.34 2.03 16.27
C MET B 170 11.80 0.91 17.14
N PRO B 171 12.12 -0.35 16.83
CA PRO B 171 11.64 -1.46 17.67
C PRO B 171 12.22 -1.40 19.08
N ASP B 172 11.45 -1.96 20.02
CA ASP B 172 11.84 -1.94 21.43
C ASP B 172 13.23 -2.53 21.65
N ASP B 173 13.51 -3.67 21.01
CA ASP B 173 14.81 -4.32 21.22
C ASP B 173 15.95 -3.60 20.51
N VAL B 174 15.65 -2.67 19.61
CA VAL B 174 16.69 -1.81 19.04
C VAL B 174 16.94 -0.62 19.95
N ILE B 175 15.86 -0.06 20.52
CA ILE B 175 15.98 1.05 21.47
C ILE B 175 16.83 0.65 22.66
N LEU B 176 16.60 -0.54 23.21
CA LEU B 176 17.32 -1.02 24.38
C LEU B 176 18.57 -1.82 24.03
N GLY B 177 18.73 -2.26 22.79
CA GLY B 177 19.92 -3.00 22.44
C GLY B 177 21.18 -2.17 22.60
N GLU B 178 22.27 -2.83 22.97
CA GLU B 178 23.53 -2.17 23.27
C GLU B 178 24.61 -2.59 22.28
N VAL B 179 25.47 -1.66 21.91
CA VAL B 179 26.62 -1.92 21.05
C VAL B 179 27.83 -1.22 21.64
N GLU B 180 29.02 -1.66 21.22
CA GLU B 180 30.26 -1.02 21.65
C GLU B 180 30.39 0.35 21.01
N GLU B 181 30.74 1.35 21.82
CA GLU B 181 30.86 2.72 21.34
C GLU B 181 31.84 2.82 20.19
N ALA B 182 33.04 2.24 20.35
CA ALA B 182 34.08 2.34 19.34
C ALA B 182 33.75 1.59 18.06
N ALA B 183 32.68 0.80 18.05
CA ALA B 183 32.31 0.00 16.88
C ALA B 183 31.21 0.64 16.03
N VAL B 184 30.63 1.75 16.47
CA VAL B 184 29.51 2.35 15.75
C VAL B 184 30.03 3.21 14.62
N ARG B 185 29.65 2.88 13.39
CA ARG B 185 30.04 3.67 12.23
C ARG B 185 29.40 5.05 12.30
N PRO B 186 30.19 6.12 12.31
CA PRO B 186 29.60 7.46 12.33
C PRO B 186 29.00 7.83 10.99
N ALA B 187 28.17 8.87 11.01
CA ALA B 187 27.55 9.39 9.80
C ALA B 187 27.88 10.86 9.66
N ALA B 188 27.92 11.33 8.41
CA ALA B 188 28.22 12.73 8.15
C ALA B 188 27.05 13.62 8.58
N THR B 189 27.35 14.87 8.88
CA THR B 189 26.33 15.84 9.24
C THR B 189 25.65 16.36 7.98
N VAL B 190 24.31 16.35 7.97
CA VAL B 190 23.57 16.87 6.82
C VAL B 190 23.66 18.39 6.83
N GLY B 191 24.15 18.96 5.72
CA GLY B 191 24.31 20.39 5.59
C GLY B 191 23.07 21.07 5.08
N GLU B 192 23.27 22.25 4.50
CA GLU B 192 22.17 22.99 3.90
C GLU B 192 21.68 22.25 2.66
N PRO B 193 20.39 22.36 2.34
CA PRO B 193 19.87 21.72 1.13
C PRO B 193 20.52 22.32 -0.11
N PRO B 194 20.83 21.50 -1.11
CA PRO B 194 21.45 22.03 -2.33
C PRO B 194 20.53 22.99 -3.05
N ARG B 195 21.11 24.09 -3.54
CA ARG B 195 20.41 25.05 -4.36
C ARG B 195 20.82 24.86 -5.81
N SER B 196 19.85 24.88 -6.71
CA SER B 196 20.11 24.73 -8.14
C SER B 196 19.71 26.00 -8.87
N LEU B 197 20.36 26.24 -10.00
CA LEU B 197 20.14 27.44 -10.80
C LEU B 197 19.48 27.09 -12.12
N ALA B 198 18.86 28.10 -12.74
CA ALA B 198 18.24 27.91 -14.04
C ALA B 198 19.23 28.23 -15.15
N PRO B 199 19.06 27.64 -16.33
CA PRO B 199 19.91 28.00 -17.46
C PRO B 199 19.74 29.47 -17.81
N GLN B 200 20.82 30.08 -18.31
CA GLN B 200 20.82 31.52 -18.54
C GLN B 200 19.76 31.93 -19.55
N GLU B 201 19.52 31.10 -20.57
CA GLU B 201 18.54 31.48 -21.57
C GLU B 201 17.12 31.45 -21.00
N ASN B 202 16.88 30.65 -19.96
CA ASN B 202 15.60 30.69 -19.28
C ASN B 202 15.46 31.97 -18.46
N ILE B 203 16.57 32.41 -17.85
CA ILE B 203 16.57 33.69 -17.13
C ILE B 203 16.21 34.82 -18.09
N GLU B 204 16.91 34.89 -19.22
CA GLU B 204 16.66 35.98 -20.16
C GLU B 204 15.27 35.89 -20.78
N ALA B 205 14.75 34.68 -20.99
CA ALA B 205 13.41 34.53 -21.53
C ALA B 205 12.36 35.03 -20.54
N ALA B 206 12.57 34.81 -19.25
CA ALA B 206 11.63 35.31 -18.26
C ALA B 206 11.58 36.83 -18.29
N LEU B 207 12.74 37.47 -18.38
CA LEU B 207 12.77 38.94 -18.44
C LEU B 207 12.17 39.44 -19.76
N ASP B 208 12.43 38.74 -20.87
CA ASP B 208 11.76 39.06 -22.13
C ASP B 208 10.25 39.08 -21.96
N ALA B 209 9.71 38.07 -21.29
CA ALA B 209 8.27 37.97 -21.14
C ALA B 209 7.73 39.06 -20.23
N LEU B 210 8.45 39.38 -19.15
CA LEU B 210 8.01 40.46 -18.28
C LEU B 210 7.95 41.80 -19.00
N GLN B 211 8.94 42.09 -19.84
CA GLN B 211 8.98 43.37 -20.55
C GLN B 211 7.83 43.50 -21.54
N SER B 212 7.29 42.39 -22.02
CA SER B 212 6.25 42.42 -23.04
C SER B 212 4.84 42.41 -22.47
N ALA B 213 4.68 42.24 -21.16
CA ALA B 213 3.36 42.10 -20.57
C ALA B 213 2.73 43.45 -20.31
N LYS B 214 1.44 43.57 -20.63
CA LYS B 214 0.70 44.78 -20.29
C LYS B 214 0.21 44.75 -18.84
N ARG B 215 -0.16 43.58 -18.34
CA ARG B 215 -0.72 43.44 -17.00
C ARG B 215 -0.01 42.31 -16.25
N PRO B 216 1.25 42.51 -15.90
CA PRO B 216 1.99 41.45 -15.21
C PRO B 216 1.63 41.37 -13.73
N LEU B 217 1.76 40.16 -13.18
CA LEU B 217 1.51 39.93 -11.77
C LEU B 217 2.50 38.90 -11.24
N VAL B 218 3.19 39.26 -10.16
CA VAL B 218 4.09 38.34 -9.46
C VAL B 218 3.33 37.75 -8.28
N ILE B 219 3.37 36.43 -8.14
CA ILE B 219 2.71 35.73 -7.04
C ILE B 219 3.79 35.11 -6.16
N VAL B 220 3.80 35.51 -4.89
CA VAL B 220 4.84 35.11 -3.94
C VAL B 220 4.24 34.04 -3.02
N GLY B 221 4.72 32.80 -3.17
CA GLY B 221 4.23 31.68 -2.38
C GLY B 221 5.17 31.33 -1.23
N LYS B 222 4.70 30.40 -0.40
CA LYS B 222 5.50 30.05 0.78
C LYS B 222 6.72 29.21 0.44
N GLY B 223 6.86 28.79 -0.82
CA GLY B 223 8.11 28.19 -1.25
C GLY B 223 9.28 29.15 -1.18
N MET B 224 9.01 30.44 -1.39
CA MET B 224 10.04 31.46 -1.23
C MET B 224 10.36 31.69 0.24
N ALA B 225 9.35 31.61 1.11
CA ALA B 225 9.60 31.70 2.55
C ALA B 225 10.45 30.52 3.02
N TRP B 226 10.13 29.31 2.55
CA TRP B 226 10.94 28.15 2.91
C TRP B 226 12.38 28.31 2.42
N SER B 227 12.55 28.83 1.20
CA SER B 227 13.86 28.99 0.59
C SER B 227 14.67 30.12 1.22
N ARG B 228 14.06 30.91 2.13
CA ARG B 228 14.71 32.07 2.73
C ARG B 228 15.14 33.07 1.66
N ALA B 229 14.24 33.32 0.71
CA ALA B 229 14.52 34.16 -0.45
C ALA B 229 14.02 35.59 -0.28
N GLU B 230 13.64 36.00 0.94
CA GLU B 230 12.95 37.28 1.11
C GLU B 230 13.81 38.45 0.64
N ASN B 231 15.11 38.41 0.94
CA ASN B 231 16.00 39.48 0.49
C ASN B 231 15.96 39.61 -1.03
N GLU B 232 16.07 38.48 -1.74
CA GLU B 232 16.13 38.50 -3.19
C GLU B 232 14.79 38.92 -3.80
N VAL B 233 13.68 38.46 -3.21
CA VAL B 233 12.36 38.83 -3.70
C VAL B 233 12.12 40.32 -3.51
N ARG B 234 12.49 40.85 -2.34
CA ARG B 234 12.26 42.26 -2.07
C ARG B 234 13.08 43.15 -3.00
N GLN B 235 14.30 42.74 -3.33
CA GLN B 235 15.10 43.49 -4.28
C GLN B 235 14.50 43.40 -5.69
N PHE B 236 14.03 42.22 -6.08
CA PHE B 236 13.47 42.04 -7.41
C PHE B 236 12.22 42.87 -7.61
N ILE B 237 11.32 42.88 -6.63
CA ILE B 237 10.09 43.67 -6.75
C ILE B 237 10.42 45.16 -6.72
N GLU B 238 11.35 45.57 -5.87
CA GLU B 238 11.70 46.98 -5.77
C GLU B 238 12.29 47.50 -7.08
N ARG B 239 13.13 46.70 -7.74
CA ARG B 239 13.77 47.15 -8.96
C ARG B 239 12.83 47.07 -10.16
N THR B 240 11.99 46.03 -10.24
CA THR B 240 11.06 45.92 -11.35
C THR B 240 9.82 46.78 -11.19
N ARG B 241 9.50 47.19 -9.95
CA ARG B 241 8.25 47.90 -9.64
C ARG B 241 7.03 47.09 -10.07
N LEU B 242 7.12 45.77 -10.01
CA LEU B 242 6.03 44.90 -10.45
C LEU B 242 4.99 44.73 -9.36
N PRO B 243 3.70 44.78 -9.69
CA PRO B 243 2.67 44.43 -8.71
C PRO B 243 2.79 42.97 -8.30
N PHE B 244 2.52 42.70 -7.03
CA PHE B 244 2.67 41.35 -6.52
C PHE B 244 1.46 40.97 -5.65
N LEU B 245 1.23 39.67 -5.55
CA LEU B 245 0.20 39.10 -4.69
C LEU B 245 0.81 38.01 -3.82
N ALA B 246 0.58 38.11 -2.52
CA ALA B 246 1.05 37.08 -1.61
C ALA B 246 0.00 35.98 -1.46
N THR B 247 0.47 34.74 -1.36
CA THR B 247 -0.37 33.61 -1.00
C THR B 247 -0.63 33.66 0.51
N PRO B 248 -1.57 32.85 1.01
CA PRO B 248 -1.86 32.89 2.46
C PRO B 248 -0.63 32.84 3.37
N MET B 249 0.24 31.85 3.19
CA MET B 249 1.45 31.78 4.00
C MET B 249 2.67 32.35 3.31
N GLY B 250 2.51 32.84 2.06
CA GLY B 250 3.55 33.67 1.48
C GLY B 250 3.56 35.08 2.04
N LYS B 251 2.49 35.49 2.74
CA LYS B 251 2.46 36.78 3.39
C LYS B 251 3.70 36.98 4.24
N GLY B 252 4.34 38.15 4.11
CA GLY B 252 5.50 38.51 4.87
C GLY B 252 6.79 38.46 4.10
N VAL B 253 6.90 37.59 3.09
CA VAL B 253 8.08 37.59 2.23
C VAL B 253 8.31 38.98 1.68
N MET B 254 7.29 39.55 1.05
CA MET B 254 7.15 40.99 0.94
C MET B 254 6.32 41.51 2.12
N PRO B 255 6.67 42.67 2.68
CA PRO B 255 5.83 43.24 3.73
C PRO B 255 4.43 43.52 3.18
N ASP B 256 3.42 43.18 3.98
CA ASP B 256 2.04 43.34 3.53
C ASP B 256 1.65 44.80 3.33
N ASP B 257 2.39 45.74 3.90
CA ASP B 257 2.12 47.16 3.69
C ASP B 257 2.88 47.75 2.50
N HIS B 258 3.53 46.91 1.70
CA HIS B 258 4.26 47.40 0.55
C HIS B 258 3.27 47.94 -0.49
N PRO B 259 3.54 49.12 -1.06
CA PRO B 259 2.57 49.74 -1.97
C PRO B 259 2.32 48.96 -3.26
N LEU B 260 3.15 47.97 -3.58
CA LEU B 260 2.94 47.18 -4.79
C LEU B 260 2.07 45.96 -4.56
N SER B 261 1.63 45.70 -3.33
CA SER B 261 0.75 44.58 -3.08
C SER B 261 -0.62 44.81 -3.71
N VAL B 262 -1.15 43.77 -4.36
CA VAL B 262 -2.50 43.80 -4.89
C VAL B 262 -3.45 42.99 -4.01
N GLY B 263 -3.07 42.74 -2.75
CA GLY B 263 -3.89 41.89 -1.88
C GLY B 263 -5.33 42.35 -1.77
N GLY B 264 -5.55 43.66 -1.77
CA GLY B 264 -6.90 44.19 -1.74
C GLY B 264 -7.63 44.20 -3.06
N ALA B 265 -7.03 43.69 -4.12
CA ALA B 265 -7.66 43.57 -5.43
C ALA B 265 -7.35 42.21 -6.03
N ARG B 266 -7.43 41.17 -5.20
CA ARG B 266 -6.91 39.86 -5.58
C ARG B 266 -7.65 39.29 -6.79
N SER B 267 -8.98 39.32 -6.76
CA SER B 267 -9.74 38.67 -7.81
C SER B 267 -9.57 39.37 -9.16
N HIS B 268 -9.53 40.70 -9.17
CA HIS B 268 -9.30 41.41 -10.42
C HIS B 268 -7.91 41.16 -10.97
N ALA B 269 -6.91 41.09 -10.09
CA ALA B 269 -5.53 40.88 -10.56
C ALA B 269 -5.39 39.51 -11.22
N LEU B 270 -5.94 38.48 -10.58
CA LEU B 270 -5.89 37.14 -11.18
C LEU B 270 -6.71 37.09 -12.47
N GLN B 271 -7.84 37.80 -12.51
CA GLN B 271 -8.73 37.71 -13.65
C GLN B 271 -8.14 38.39 -14.89
N GLU B 272 -7.46 39.52 -14.70
CA GLU B 272 -7.08 40.38 -15.81
C GLU B 272 -5.60 40.35 -16.16
N ALA B 273 -4.76 39.70 -15.36
CA ALA B 273 -3.34 39.65 -15.69
C ALA B 273 -3.13 38.91 -17.01
N ASP B 274 -2.26 39.46 -17.85
CA ASP B 274 -1.88 38.74 -19.05
C ASP B 274 -0.62 37.89 -18.83
N LEU B 275 0.09 38.10 -17.72
CA LEU B 275 1.26 37.30 -17.40
C LEU B 275 1.34 37.16 -15.88
N VAL B 276 1.56 35.92 -15.43
CA VAL B 276 1.68 35.60 -14.01
C VAL B 276 3.05 34.98 -13.77
N PHE B 277 3.76 35.50 -12.77
CA PHE B 277 5.08 35.00 -12.39
C PHE B 277 4.94 34.27 -11.05
N LEU B 278 4.91 32.94 -11.10
CA LEU B 278 4.78 32.13 -9.89
C LEU B 278 6.13 31.99 -9.20
N LEU B 279 6.22 32.46 -7.96
CA LEU B 279 7.42 32.33 -7.14
C LEU B 279 7.11 31.36 -6.00
N GLY B 280 7.54 30.11 -6.15
CA GLY B 280 7.33 29.14 -5.09
C GLY B 280 5.88 28.94 -4.72
N ALA B 281 5.00 28.93 -5.71
CA ALA B 281 3.56 28.78 -5.51
C ALA B 281 3.02 27.87 -6.60
N ARG B 282 2.03 27.07 -6.25
CA ARG B 282 1.46 26.09 -7.16
C ARG B 282 0.12 26.57 -7.70
N PHE B 283 -0.18 26.14 -8.93
CA PHE B 283 -1.51 26.31 -9.51
C PHE B 283 -2.43 25.18 -9.02
N ASN B 284 -2.56 25.09 -7.70
CA ASN B 284 -3.53 24.20 -7.08
C ASN B 284 -4.76 25.01 -6.68
N TRP B 285 -5.54 24.50 -5.74
CA TRP B 285 -6.80 25.15 -5.37
C TRP B 285 -6.58 26.52 -4.71
N ILE B 286 -5.45 26.70 -4.03
CA ILE B 286 -5.16 27.99 -3.39
C ILE B 286 -5.15 29.11 -4.44
N LEU B 287 -4.57 28.84 -5.61
CA LEU B 287 -4.53 29.81 -6.69
C LEU B 287 -5.51 29.50 -7.80
N HIS B 288 -6.51 28.65 -7.53
CA HIS B 288 -7.62 28.39 -8.45
C HIS B 288 -7.12 27.83 -9.78
N PHE B 289 -6.06 27.01 -9.72
CA PHE B 289 -5.58 26.19 -10.82
C PHE B 289 -5.05 26.99 -12.00
N GLY B 290 -4.95 28.31 -11.88
CA GLY B 290 -4.49 29.13 -13.00
C GLY B 290 -5.40 29.10 -14.22
N LEU B 291 -6.66 28.77 -14.04
CA LEU B 291 -7.60 28.49 -15.12
C LEU B 291 -8.85 29.33 -14.99
N PRO B 292 -9.61 29.48 -16.07
CA PRO B 292 -10.93 30.10 -15.95
C PRO B 292 -11.78 29.31 -14.98
N PRO B 293 -12.76 29.96 -14.33
CA PRO B 293 -13.20 31.35 -14.51
C PRO B 293 -12.39 32.38 -13.73
N ARG B 294 -11.25 32.04 -13.16
CA ARG B 294 -10.49 32.96 -12.31
C ARG B 294 -9.30 33.61 -13.02
N TYR B 295 -8.92 33.11 -14.19
CA TYR B 295 -7.81 33.66 -14.95
C TYR B 295 -8.24 33.83 -16.40
N SER B 296 -7.50 34.67 -17.13
CA SER B 296 -7.66 34.71 -18.57
C SER B 296 -7.27 33.37 -19.16
N LYS B 297 -8.04 32.90 -20.16
CA LYS B 297 -7.73 31.62 -20.79
C LYS B 297 -6.37 31.62 -21.47
N ASP B 298 -5.82 32.80 -21.78
CA ASP B 298 -4.56 32.91 -22.49
C ASP B 298 -3.44 33.47 -21.60
N VAL B 299 -3.55 33.28 -20.29
CA VAL B 299 -2.56 33.85 -19.38
C VAL B 299 -1.21 33.20 -19.60
N ARG B 300 -0.17 34.02 -19.73
CA ARG B 300 1.20 33.54 -19.86
C ARG B 300 1.80 33.36 -18.48
N VAL B 301 2.62 32.32 -18.33
CA VAL B 301 3.09 31.91 -17.00
C VAL B 301 4.61 31.77 -17.01
N ILE B 302 5.26 32.47 -16.09
CA ILE B 302 6.62 32.17 -15.65
C ILE B 302 6.51 31.46 -14.31
N GLN B 303 7.10 30.26 -14.21
CA GLN B 303 6.92 29.41 -13.04
C GLN B 303 8.27 29.04 -12.46
N LEU B 304 8.56 29.54 -11.26
CA LEU B 304 9.74 29.17 -10.51
C LEU B 304 9.34 28.15 -9.45
N ASP B 305 9.85 26.93 -9.58
CA ASP B 305 9.62 25.88 -8.60
C ASP B 305 10.82 24.95 -8.56
N LEU B 306 11.07 24.38 -7.38
CA LEU B 306 12.16 23.41 -7.26
C LEU B 306 11.79 22.08 -7.87
N SER B 307 10.50 21.75 -7.92
CA SER B 307 10.03 20.47 -8.45
C SER B 307 9.82 20.61 -9.95
N ALA B 308 10.64 19.89 -10.73
CA ALA B 308 10.49 19.91 -12.18
C ALA B 308 9.13 19.36 -12.60
N GLU B 309 8.65 18.33 -11.91
CA GLU B 309 7.37 17.73 -12.27
C GLU B 309 6.19 18.67 -12.06
N GLU B 310 6.35 19.71 -11.24
CA GLU B 310 5.27 20.66 -11.00
C GLU B 310 5.08 21.65 -12.15
N ILE B 311 6.08 21.79 -13.02
CA ILE B 311 6.04 22.81 -14.07
C ILE B 311 4.95 22.47 -15.07
N GLY B 312 4.02 23.39 -15.28
CA GLY B 312 2.98 23.23 -16.26
C GLY B 312 1.72 22.55 -15.78
N ASN B 313 1.60 22.27 -14.48
CA ASN B 313 0.38 21.65 -13.98
C ASN B 313 -0.81 22.58 -14.20
N ASN B 314 -1.89 22.01 -14.75
CA ASN B 314 -3.14 22.71 -15.04
C ASN B 314 -2.99 23.76 -16.13
N ARG B 315 -2.00 24.65 -16.02
CA ARG B 315 -1.77 25.71 -16.98
C ARG B 315 -0.32 25.68 -17.43
N GLN B 316 -0.10 25.55 -18.73
CA GLN B 316 1.25 25.46 -19.27
C GLN B 316 2.11 26.63 -18.83
N ALA B 317 3.41 26.38 -18.69
CA ALA B 317 4.38 27.41 -18.35
C ALA B 317 5.11 27.85 -19.62
N GLU B 318 5.05 29.16 -19.91
CA GLU B 318 5.78 29.69 -21.06
C GLU B 318 7.28 29.70 -20.79
N VAL B 319 7.68 30.04 -19.57
CA VAL B 319 9.06 30.00 -19.14
C VAL B 319 9.14 29.18 -17.86
N ALA B 320 9.99 28.16 -17.86
CA ALA B 320 10.20 27.32 -16.68
C ALA B 320 11.50 27.71 -16.00
N LEU B 321 11.45 27.87 -14.67
CA LEU B 321 12.62 28.18 -13.86
C LEU B 321 12.69 27.15 -12.74
N VAL B 322 13.31 26.00 -13.04
CA VAL B 322 13.40 24.90 -12.10
C VAL B 322 14.67 25.04 -11.28
N GLY B 323 14.53 25.12 -9.97
CA GLY B 323 15.64 25.28 -9.07
C GLY B 323 15.20 25.96 -7.80
N ASP B 324 16.19 26.49 -7.07
CA ASP B 324 15.93 27.11 -5.76
C ASP B 324 15.44 28.54 -5.92
N GLY B 325 14.46 28.92 -5.09
CA GLY B 325 13.90 30.26 -5.18
C GLY B 325 14.93 31.35 -4.95
N LYS B 326 15.70 31.24 -3.87
CA LYS B 326 16.70 32.25 -3.58
C LYS B 326 17.75 32.34 -4.67
N ALA B 327 18.22 31.19 -5.18
CA ALA B 327 19.27 31.19 -6.19
C ALA B 327 18.76 31.77 -7.51
N ILE B 328 17.55 31.41 -7.92
CA ILE B 328 17.07 31.82 -9.25
C ILE B 328 16.70 33.29 -9.25
N VAL B 329 16.02 33.77 -8.20
CA VAL B 329 15.73 35.20 -8.12
C VAL B 329 17.02 36.00 -8.05
N GLY B 330 18.07 35.43 -7.43
CA GLY B 330 19.38 36.04 -7.51
C GLY B 330 19.87 36.19 -8.93
N GLN B 331 19.67 35.16 -9.76
CA GLN B 331 20.02 35.24 -11.18
C GLN B 331 19.22 36.34 -11.87
N LEU B 332 17.93 36.44 -11.56
CA LEU B 332 17.09 37.47 -12.17
C LEU B 332 17.58 38.86 -11.80
N ASN B 333 17.97 39.07 -10.54
CA ASN B 333 18.47 40.38 -10.14
C ASN B 333 19.78 40.71 -10.86
N GLN B 334 20.64 39.71 -11.07
CA GLN B 334 21.86 39.94 -11.82
C GLN B 334 21.56 40.30 -13.27
N ALA B 335 20.60 39.58 -13.88
CA ALA B 335 20.27 39.82 -15.28
C ALA B 335 19.50 41.13 -15.45
N LEU B 336 18.81 41.59 -14.40
CA LEU B 336 18.15 42.89 -14.47
C LEU B 336 19.16 44.01 -14.63
N SER B 337 20.36 43.85 -14.07
CA SER B 337 21.37 44.90 -14.15
C SER B 337 21.82 45.15 -15.57
N SER B 338 21.65 44.19 -16.48
CA SER B 338 21.98 44.41 -17.87
C SER B 338 20.81 44.91 -18.70
N ARG B 339 19.58 44.68 -18.23
CA ARG B 339 18.40 45.09 -18.99
C ARG B 339 18.07 46.56 -18.79
N GLN B 340 18.26 47.07 -17.57
CA GLN B 340 17.86 48.43 -17.23
C GLN B 340 16.40 48.66 -17.56
N TRP B 341 15.56 47.73 -17.12
CA TRP B 341 14.11 47.77 -17.34
C TRP B 341 13.37 47.76 -16.01
N PHE B 342 12.22 48.43 -16.00
CA PHE B 342 11.28 48.36 -14.90
C PHE B 342 9.88 48.58 -15.46
N TYR B 343 8.88 48.07 -14.76
CA TYR B 343 7.51 48.26 -15.19
C TYR B 343 7.14 49.74 -15.03
N PRO B 344 6.61 50.39 -16.07
CA PRO B 344 6.42 51.84 -16.02
C PRO B 344 5.55 52.29 -14.86
N ALA B 345 5.83 53.50 -14.36
CA ALA B 345 5.17 54.01 -13.17
C ALA B 345 3.70 54.32 -13.40
N GLU B 346 3.29 54.58 -14.64
CA GLU B 346 1.90 54.89 -14.95
C GLU B 346 1.42 54.00 -16.08
N THR B 347 0.54 53.05 -15.78
CA THR B 347 -0.10 52.19 -16.75
C THR B 347 -1.56 52.04 -16.36
N PRO B 348 -2.44 51.71 -17.33
CA PRO B 348 -3.83 51.42 -16.97
C PRO B 348 -3.95 50.28 -15.97
N TRP B 349 -3.03 49.31 -16.02
CA TRP B 349 -3.02 48.21 -15.06
C TRP B 349 -2.88 48.72 -13.64
N ARG B 350 -1.94 49.64 -13.40
CA ARG B 350 -1.78 50.22 -12.08
C ARG B 350 -3.04 50.98 -11.64
N GLU B 351 -3.66 51.70 -12.57
CA GLU B 351 -4.85 52.48 -12.23
C GLU B 351 -6.03 51.57 -11.90
N ALA B 352 -6.13 50.44 -12.61
CA ALA B 352 -7.23 49.50 -12.34
C ALA B 352 -7.03 48.80 -11.00
N ILE B 353 -5.78 48.47 -10.66
CA ILE B 353 -5.49 47.84 -9.38
C ILE B 353 -5.79 48.80 -8.24
N ALA B 354 -5.38 50.06 -8.38
CA ALA B 354 -5.62 51.04 -7.32
C ALA B 354 -7.11 51.29 -7.12
N ALA B 355 -7.87 51.39 -8.22
CA ALA B 355 -9.30 51.60 -8.12
C ALA B 355 -9.98 50.44 -7.39
N LYS B 356 -9.55 49.21 -7.68
CA LYS B 356 -10.18 48.05 -7.04
C LYS B 356 -9.82 47.95 -5.57
N ILE B 357 -8.58 48.30 -5.21
CA ILE B 357 -8.20 48.29 -3.80
C ILE B 357 -9.06 49.27 -3.02
N ALA B 358 -9.28 50.48 -3.55
CA ALA B 358 -10.11 51.46 -2.87
C ALA B 358 -11.57 51.02 -2.83
N GLY B 359 -12.04 50.33 -3.87
CA GLY B 359 -13.40 49.84 -3.84
C GLY B 359 -13.63 48.79 -2.78
N ASN B 360 -12.68 47.87 -2.62
CA ASN B 360 -12.80 46.86 -1.57
C ASN B 360 -12.63 47.46 -0.19
N GLN B 361 -11.79 48.49 -0.04
CA GLN B 361 -11.64 49.12 1.25
C GLN B 361 -12.93 49.81 1.69
N ALA B 362 -13.63 50.45 0.74
CA ALA B 362 -14.89 51.09 1.07
C ALA B 362 -16.00 50.08 1.31
N ALA B 363 -15.87 48.85 0.81
CA ALA B 363 -16.91 47.85 1.00
C ALA B 363 -16.89 47.27 2.42
N VAL B 364 -15.72 47.14 3.03
CA VAL B 364 -15.61 46.58 4.38
C VAL B 364 -15.50 47.65 5.45
N ALA B 365 -15.28 48.91 5.08
CA ALA B 365 -15.11 49.95 6.09
C ALA B 365 -16.27 50.07 7.05
N PRO B 366 -17.55 50.05 6.64
CA PRO B 366 -18.63 50.13 7.62
C PRO B 366 -18.65 48.95 8.59
N MET B 367 -18.29 47.75 8.12
CA MET B 367 -18.23 46.61 9.02
C MET B 367 -17.11 46.76 10.04
N ILE B 368 -15.97 47.30 9.62
CA ILE B 368 -14.88 47.55 10.56
C ILE B 368 -15.30 48.59 11.60
N ALA B 369 -16.05 49.60 11.17
CA ALA B 369 -16.46 50.70 12.04
C ALA B 369 -17.65 50.35 12.92
N ASP B 370 -18.36 49.26 12.63
CA ASP B 370 -19.61 48.95 13.32
C ASP B 370 -19.32 48.50 14.75
N ASN B 371 -19.71 49.31 15.73
CA ASN B 371 -19.49 49.02 17.14
C ASN B 371 -20.62 48.20 17.77
N THR B 372 -21.63 47.81 17.00
CA THR B 372 -22.78 47.13 17.59
C THR B 372 -22.40 45.71 18.01
N SER B 373 -23.05 45.24 19.08
CA SER B 373 -22.82 43.94 19.68
C SER B 373 -24.07 43.07 19.57
N PRO B 374 -23.93 41.77 19.30
CA PRO B 374 -22.69 41.00 19.06
C PRO B 374 -21.93 41.44 17.81
N MET B 375 -20.60 41.36 17.84
CA MET B 375 -19.76 41.97 16.82
C MET B 375 -19.61 41.09 15.59
N ASN B 376 -19.39 41.74 14.45
CA ASN B 376 -19.01 41.05 13.23
C ASN B 376 -17.50 40.83 13.23
N TYR B 377 -17.04 40.03 12.26
CA TYR B 377 -15.63 39.64 12.21
C TYR B 377 -14.71 40.84 12.06
N TYR B 378 -15.09 41.79 11.18
CA TYR B 378 -14.20 42.89 10.87
C TYR B 378 -14.06 43.85 12.05
N ARG B 379 -15.13 44.04 12.83
CA ARG B 379 -15.02 44.83 14.04
C ARG B 379 -14.09 44.18 15.05
N VAL B 380 -14.17 42.86 15.19
CA VAL B 380 -13.31 42.16 16.14
C VAL B 380 -11.85 42.31 15.74
N TYR B 381 -11.55 42.11 14.45
CA TYR B 381 -10.17 42.20 14.00
C TYR B 381 -9.63 43.63 14.05
N ARG B 382 -10.51 44.64 14.07
CA ARG B 382 -10.02 46.01 14.26
C ARG B 382 -9.23 46.14 15.55
N ASP B 383 -9.77 45.62 16.66
CA ASP B 383 -9.08 45.69 17.93
C ASP B 383 -7.92 44.70 17.98
N ILE B 384 -8.02 43.56 17.31
CA ILE B 384 -6.94 42.59 17.32
C ILE B 384 -5.75 43.12 16.53
N ALA B 385 -5.99 43.55 15.29
CA ALA B 385 -4.90 44.00 14.43
C ALA B 385 -4.14 45.17 15.05
N ALA B 386 -4.84 46.05 15.76
CA ALA B 386 -4.20 47.21 16.37
C ALA B 386 -3.26 46.84 17.50
N ARG B 387 -3.35 45.62 18.03
CA ARG B 387 -2.53 45.20 19.16
C ARG B 387 -1.54 44.10 18.79
N LEU B 388 -1.33 43.83 17.51
CA LEU B 388 -0.37 42.84 17.09
C LEU B 388 1.00 43.48 16.92
N PRO B 389 2.01 43.04 17.67
CA PRO B 389 3.37 43.56 17.43
C PRO B 389 3.86 43.15 16.05
N ARG B 390 4.74 43.98 15.49
CA ARG B 390 5.20 43.76 14.12
C ARG B 390 6.08 42.51 13.99
N ASN B 391 6.58 41.96 15.08
CA ASN B 391 7.39 40.75 15.06
C ASN B 391 6.61 39.53 15.55
N ALA B 392 5.29 39.62 15.64
CA ALA B 392 4.49 38.52 16.16
C ALA B 392 4.45 37.36 15.17
N ILE B 393 4.22 36.16 15.71
CA ILE B 393 3.94 34.98 14.91
C ILE B 393 2.44 34.71 15.04
N ILE B 394 1.76 34.66 13.90
CA ILE B 394 0.30 34.57 13.84
C ILE B 394 -0.08 33.16 13.44
N VAL B 395 -0.89 32.50 14.26
CA VAL B 395 -1.54 31.24 13.91
C VAL B 395 -3.02 31.52 13.67
N GLY B 396 -3.51 31.12 12.51
CA GLY B 396 -4.91 31.32 12.16
C GLY B 396 -5.53 30.01 11.73
N GLU B 397 -6.76 29.79 12.20
CA GLU B 397 -7.41 28.50 11.96
C GLU B 397 -8.92 28.67 12.09
N GLY B 398 -9.65 28.10 11.15
CA GLY B 398 -11.09 28.19 11.09
C GLY B 398 -11.53 28.33 9.66
N ALA B 399 -12.77 28.79 9.46
CA ALA B 399 -13.25 29.10 8.13
C ALA B 399 -13.33 30.62 8.02
N ASN B 400 -14.45 31.25 8.39
CA ASN B 400 -14.52 32.71 8.35
C ASN B 400 -13.46 33.34 9.24
N THR B 401 -13.25 32.79 10.45
CA THR B 401 -12.26 33.33 11.36
C THR B 401 -10.88 33.42 10.70
N MET B 402 -10.47 32.35 10.01
CA MET B 402 -9.16 32.31 9.39
C MET B 402 -9.10 33.17 8.14
N ASP B 403 -10.10 33.03 7.26
CA ASP B 403 -10.06 33.74 5.98
C ASP B 403 -10.10 35.25 6.19
N ILE B 404 -10.98 35.73 7.07
CA ILE B 404 -11.05 37.17 7.33
C ILE B 404 -9.81 37.65 8.07
N GLY B 405 -9.32 36.85 9.02
CA GLY B 405 -8.08 37.19 9.70
C GLY B 405 -6.90 37.28 8.76
N ARG B 406 -6.94 36.54 7.65
CA ARG B 406 -5.85 36.58 6.69
C ARG B 406 -5.70 37.96 6.06
N THR B 407 -6.83 38.62 5.76
CA THR B 407 -6.78 39.95 5.15
C THR B 407 -6.71 41.07 6.18
N GLN B 408 -7.03 40.79 7.44
CA GLN B 408 -7.05 41.83 8.46
C GLN B 408 -5.83 41.82 9.36
N MET B 409 -5.01 40.78 9.31
CA MET B 409 -3.77 40.70 10.09
C MET B 409 -2.59 40.69 9.15
N PRO B 410 -1.93 41.83 8.93
CA PRO B 410 -0.78 41.86 8.03
C PRO B 410 0.46 41.29 8.68
N ASN B 411 1.32 40.72 7.83
CA ASN B 411 2.62 40.22 8.24
C ASN B 411 3.70 41.03 7.53
N PHE B 412 4.73 41.43 8.28
CA PHE B 412 5.80 42.25 7.74
C PHE B 412 7.12 41.52 7.60
N GLU B 413 7.23 40.31 8.13
CA GLU B 413 8.40 39.46 7.94
C GLU B 413 7.94 38.06 7.57
N PRO B 414 8.77 37.30 6.84
CA PRO B 414 8.35 35.97 6.37
C PRO B 414 8.27 34.98 7.51
N ARG B 415 7.65 33.84 7.20
CA ARG B 415 7.57 32.70 8.11
C ARG B 415 6.97 33.09 9.46
N SER B 416 6.03 34.02 9.45
CA SER B 416 5.38 34.52 10.66
C SER B 416 3.87 34.32 10.64
N ARG B 417 3.37 33.53 9.69
CA ARG B 417 1.97 33.15 9.66
C ARG B 417 1.88 31.66 9.44
N LEU B 418 1.13 30.97 10.29
CA LEU B 418 0.93 29.53 10.21
C LEU B 418 -0.57 29.28 10.24
N ASP B 419 -1.09 28.61 9.21
CA ASP B 419 -2.54 28.44 9.12
C ASP B 419 -2.84 27.05 8.57
N ALA B 420 -4.10 26.85 8.14
CA ALA B 420 -4.58 25.53 7.74
C ALA B 420 -3.85 24.98 6.52
N GLY B 421 -3.16 25.84 5.77
CA GLY B 421 -2.29 25.38 4.71
C GLY B 421 -2.98 24.75 3.51
N SER B 422 -2.15 24.09 2.70
CA SER B 422 -2.59 23.49 1.43
C SER B 422 -3.52 22.30 1.61
N TYR B 423 -3.65 21.78 2.83
CA TYR B 423 -4.54 20.68 3.15
C TYR B 423 -5.86 21.14 3.75
N GLY B 424 -5.99 22.42 4.06
CA GLY B 424 -7.18 22.92 4.73
C GLY B 424 -7.46 22.22 6.05
N THR B 425 -6.43 22.01 6.85
CA THR B 425 -6.52 21.17 8.03
C THR B 425 -7.02 21.95 9.23
N MET B 426 -8.08 21.46 9.87
CA MET B 426 -8.42 21.86 11.22
C MET B 426 -7.71 20.95 12.20
N GLY B 427 -7.17 21.54 13.26
CA GLY B 427 -6.42 20.79 14.25
C GLY B 427 -4.95 21.15 14.34
N ILE B 428 -4.47 22.06 13.50
CA ILE B 428 -3.08 22.49 13.56
C ILE B 428 -2.86 23.62 14.55
N GLY B 429 -3.93 24.24 15.06
CA GLY B 429 -3.85 25.47 15.81
C GLY B 429 -2.85 25.53 16.95
N LEU B 430 -3.15 24.83 18.05
CA LEU B 430 -2.30 24.96 19.23
C LEU B 430 -0.98 24.22 19.05
N GLY B 431 -0.94 23.21 18.20
CA GLY B 431 0.33 22.57 17.88
C GLY B 431 1.30 23.53 17.18
N PHE B 432 0.79 24.26 16.19
CA PHE B 432 1.60 25.30 15.55
C PHE B 432 2.02 26.36 16.55
N ALA B 433 1.12 26.73 17.47
CA ALA B 433 1.45 27.77 18.44
C ALA B 433 2.52 27.29 19.42
N VAL B 434 2.43 26.04 19.87
CA VAL B 434 3.45 25.50 20.77
C VAL B 434 4.81 25.45 20.06
N ALA B 435 4.81 25.05 18.78
CA ALA B 435 6.07 25.03 18.04
C ALA B 435 6.65 26.42 17.87
N ALA B 436 5.80 27.41 17.57
CA ALA B 436 6.30 28.77 17.42
C ALA B 436 6.84 29.31 18.73
N ALA B 437 6.17 29.03 19.85
CA ALA B 437 6.65 29.49 21.14
C ALA B 437 7.91 28.76 21.57
N ALA B 438 8.07 27.49 21.14
CA ALA B 438 9.29 26.77 21.47
C ALA B 438 10.48 27.25 20.65
N VAL B 439 10.26 27.59 19.37
CA VAL B 439 11.36 27.94 18.49
C VAL B 439 11.76 29.39 18.65
N HIS B 440 10.79 30.29 18.83
CA HIS B 440 11.05 31.72 18.97
C HIS B 440 10.44 32.22 20.27
N PRO B 441 10.99 31.81 21.42
CA PRO B 441 10.39 32.24 22.69
C PRO B 441 10.47 33.73 22.94
N GLY B 442 11.34 34.45 22.23
CA GLY B 442 11.43 35.89 22.34
C GLY B 442 10.43 36.68 21.53
N ARG B 443 9.57 36.00 20.78
CA ARG B 443 8.57 36.66 19.96
C ARG B 443 7.17 36.30 20.44
N PRO B 444 6.22 37.24 20.38
CA PRO B 444 4.85 36.92 20.80
C PRO B 444 4.17 35.98 19.81
N VAL B 445 3.41 35.04 20.35
CA VAL B 445 2.68 34.05 19.56
C VAL B 445 1.19 34.25 19.81
N ILE B 446 0.45 34.62 18.78
CA ILE B 446 -0.98 34.86 18.85
C ILE B 446 -1.68 33.87 17.93
N ALA B 447 -2.57 33.06 18.49
CA ALA B 447 -3.40 32.13 17.73
C ALA B 447 -4.83 32.65 17.75
N VAL B 448 -5.38 32.89 16.56
CA VAL B 448 -6.76 33.35 16.41
C VAL B 448 -7.54 32.23 15.74
N GLN B 449 -8.41 31.57 16.50
CA GLN B 449 -9.14 30.39 16.04
C GLN B 449 -10.63 30.61 16.16
N GLY B 450 -11.38 29.94 15.29
CA GLY B 450 -12.81 29.81 15.49
C GLY B 450 -13.12 28.82 16.60
N ASP B 451 -14.39 28.81 17.01
CA ASP B 451 -14.76 27.92 18.12
C ASP B 451 -14.65 26.46 17.73
N SER B 452 -14.98 26.13 16.47
CA SER B 452 -14.81 24.75 16.02
C SER B 452 -13.34 24.36 15.98
N ALA B 453 -12.50 25.23 15.38
CA ALA B 453 -11.08 24.94 15.28
C ALA B 453 -10.44 24.75 16.65
N PHE B 454 -10.81 25.60 17.62
CA PHE B 454 -10.23 25.49 18.95
C PHE B 454 -10.50 24.13 19.57
N GLY B 455 -11.67 23.53 19.28
CA GLY B 455 -12.01 22.24 19.86
C GLY B 455 -11.14 21.09 19.40
N PHE B 456 -10.46 21.23 18.27
CA PHE B 456 -9.62 20.13 17.77
C PHE B 456 -8.37 19.95 18.62
N SER B 457 -7.80 21.04 19.13
CA SER B 457 -6.52 20.94 19.82
C SER B 457 -6.47 21.76 21.10
N GLY B 458 -7.62 22.21 21.62
CA GLY B 458 -7.64 23.12 22.75
C GLY B 458 -6.99 22.55 24.01
N MET B 459 -6.93 21.23 24.13
CA MET B 459 -6.31 20.63 25.30
C MET B 459 -4.83 20.92 25.38
N GLU B 460 -4.19 21.26 24.26
CA GLU B 460 -2.77 21.60 24.27
C GLU B 460 -2.48 22.93 24.97
N PHE B 461 -3.51 23.67 25.40
CA PHE B 461 -3.25 24.83 26.24
C PHE B 461 -2.53 24.44 27.53
N GLU B 462 -2.79 23.24 28.04
CA GLU B 462 -2.07 22.77 29.23
C GLU B 462 -0.59 22.58 28.93
N THR B 463 -0.26 22.09 27.74
CA THR B 463 1.14 21.99 27.33
C THR B 463 1.82 23.34 27.40
N ALA B 464 1.18 24.38 26.85
CA ALA B 464 1.75 25.71 26.84
C ALA B 464 1.96 26.23 28.26
N ALA B 465 1.00 26.00 29.15
CA ALA B 465 1.16 26.42 30.53
C ALA B 465 2.28 25.64 31.22
N ARG B 466 2.35 24.33 30.96
CA ARG B 466 3.35 23.50 31.62
C ARG B 466 4.77 23.90 31.23
N TYR B 467 4.96 24.39 29.99
CA TYR B 467 6.29 24.82 29.55
C TYR B 467 6.46 26.33 29.57
N GLY B 468 5.55 27.06 30.21
CA GLY B 468 5.69 28.50 30.32
C GLY B 468 5.64 29.24 28.99
N MET B 469 4.84 28.74 28.05
CA MET B 469 4.70 29.41 26.76
C MET B 469 3.55 30.40 26.83
N PRO B 470 3.82 31.72 26.79
CA PRO B 470 2.73 32.71 26.93
C PRO B 470 1.94 32.91 25.64
N ILE B 471 1.37 31.82 25.13
CA ILE B 471 0.60 31.88 23.91
C ILE B 471 -0.71 32.61 24.16
N LYS B 472 -1.08 33.51 23.23
CA LYS B 472 -2.32 34.26 23.32
C LYS B 472 -3.33 33.64 22.38
N VAL B 473 -4.35 32.98 22.93
CA VAL B 473 -5.36 32.29 22.14
C VAL B 473 -6.61 33.15 22.13
N ILE B 474 -7.03 33.56 20.93
CA ILE B 474 -8.23 34.35 20.74
C ILE B 474 -9.24 33.49 19.99
N ILE B 475 -10.39 33.24 20.61
CA ILE B 475 -11.43 32.41 20.03
C ILE B 475 -12.57 33.30 19.58
N LEU B 476 -12.92 33.20 18.30
CA LEU B 476 -14.07 33.88 17.74
C LEU B 476 -15.20 32.86 17.68
N ASN B 477 -16.15 32.99 18.60
CA ASN B 477 -17.17 31.96 18.84
C ASN B 477 -18.50 32.44 18.26
N ASN B 478 -18.86 31.90 17.09
CA ASN B 478 -20.19 32.09 16.55
C ASN B 478 -21.11 30.91 16.85
N GLY B 479 -20.62 29.90 17.58
CA GLY B 479 -21.47 28.79 17.94
C GLY B 479 -21.66 27.74 16.86
N GLY B 480 -20.73 27.63 15.92
CA GLY B 480 -20.91 26.62 14.89
C GLY B 480 -19.73 26.57 13.95
N ILE B 481 -19.83 25.63 13.01
CA ILE B 481 -18.83 25.43 11.97
C ILE B 481 -19.18 26.39 10.82
N GLY B 482 -18.39 27.46 10.67
CA GLY B 482 -18.59 28.44 9.62
C GLY B 482 -19.69 29.46 9.88
N MET B 483 -20.72 29.09 10.62
CA MET B 483 -21.82 29.98 10.93
C MET B 483 -22.49 29.48 12.20
N GLY B 484 -23.17 30.41 12.88
CA GLY B 484 -23.95 30.03 14.04
C GLY B 484 -25.18 29.23 13.65
N SER B 485 -26.08 29.11 14.62
CA SER B 485 -27.29 28.32 14.44
C SER B 485 -28.28 28.69 15.54
N PRO B 486 -29.50 29.06 15.19
CA PRO B 486 -30.52 29.28 16.23
C PRO B 486 -30.83 27.98 16.95
N ALA B 487 -30.82 28.05 18.28
CA ALA B 487 -31.00 26.85 19.09
C ALA B 487 -32.34 26.18 18.75
N PRO B 488 -32.37 24.84 18.65
CA PRO B 488 -33.57 24.10 18.23
C PRO B 488 -34.71 24.15 19.25
N GLY B 491 -38.60 20.02 19.63
CA GLY B 491 -37.89 18.78 19.87
C GLY B 491 -37.00 18.34 18.71
N GLN B 492 -36.63 19.29 17.85
CA GLN B 492 -35.79 18.98 16.71
C GLN B 492 -34.35 18.76 17.15
N PRO B 493 -33.59 17.94 16.43
CA PRO B 493 -32.18 17.74 16.77
C PRO B 493 -31.37 18.99 16.43
N GLY B 494 -30.22 19.10 17.09
CA GLY B 494 -29.29 20.16 16.74
C GLY B 494 -28.76 20.00 15.33
N MET B 495 -28.52 21.13 14.69
CA MET B 495 -27.98 21.09 13.34
C MET B 495 -26.58 20.48 13.35
N PRO B 496 -26.20 19.76 12.29
CA PRO B 496 -24.89 19.10 12.29
C PRO B 496 -23.72 20.06 12.41
N HIS B 497 -23.86 21.31 11.96
CA HIS B 497 -22.77 22.28 12.06
C HIS B 497 -22.79 23.07 13.37
N ALA B 498 -23.81 22.89 14.20
CA ALA B 498 -23.99 23.74 15.37
C ALA B 498 -23.10 23.31 16.54
N LEU B 499 -22.55 24.28 17.26
CA LEU B 499 -21.82 24.01 18.48
C LEU B 499 -22.49 24.73 19.66
N SER B 500 -21.71 25.33 20.56
CA SER B 500 -22.26 25.98 21.75
C SER B 500 -21.89 27.46 21.72
N HIS B 501 -22.87 28.31 21.39
CA HIS B 501 -22.60 29.74 21.28
C HIS B 501 -22.32 30.36 22.64
N ASP B 502 -22.87 29.78 23.71
CA ASP B 502 -22.67 30.31 25.05
C ASP B 502 -21.55 29.62 25.81
N ALA B 503 -20.75 28.80 25.14
CA ALA B 503 -19.63 28.12 25.78
C ALA B 503 -18.63 29.14 26.33
N ARG B 504 -18.09 28.84 27.50
CA ARG B 504 -17.11 29.68 28.15
C ARG B 504 -15.73 29.03 28.03
N TYR B 505 -15.21 29.05 26.80
CA TYR B 505 -13.92 28.40 26.51
C TYR B 505 -12.79 28.98 27.34
N GLU B 506 -12.89 30.25 27.73
CA GLU B 506 -11.81 30.88 28.47
C GLU B 506 -11.57 30.21 29.82
N ARG B 507 -12.57 29.51 30.35
CA ARG B 507 -12.37 28.81 31.62
C ARG B 507 -11.41 27.65 31.47
N ILE B 508 -11.18 27.16 30.25
CA ILE B 508 -10.13 26.17 30.03
C ILE B 508 -8.77 26.73 30.39
N ALA B 509 -8.56 28.03 30.16
CA ALA B 509 -7.29 28.65 30.55
C ALA B 509 -7.11 28.65 32.06
N GLU B 510 -8.22 28.81 32.80
CA GLU B 510 -8.15 28.82 34.26
C GLU B 510 -7.98 27.42 34.84
N ALA B 511 -8.25 26.38 34.06
CA ALA B 511 -7.97 25.03 34.52
C ALA B 511 -6.48 24.79 34.69
N PHE B 512 -5.65 25.50 33.90
CA PHE B 512 -4.22 25.23 33.86
C PHE B 512 -3.39 26.43 34.26
N GLY B 513 -3.99 27.39 34.97
CA GLY B 513 -3.23 28.51 35.48
C GLY B 513 -3.05 29.66 34.53
N GLY B 514 -3.72 29.65 33.37
CA GLY B 514 -3.67 30.75 32.45
C GLY B 514 -4.73 31.79 32.78
N ALA B 515 -4.73 32.87 32.00
CA ALA B 515 -5.67 33.96 32.19
C ALA B 515 -6.84 33.80 31.21
N GLY B 516 -8.06 33.90 31.72
CA GLY B 516 -9.24 33.80 30.88
C GLY B 516 -10.06 35.07 30.80
N PHE B 517 -10.48 35.42 29.58
CA PHE B 517 -11.24 36.63 29.35
C PHE B 517 -12.42 36.32 28.45
N TYR B 518 -13.58 36.86 28.81
CA TYR B 518 -14.81 36.63 28.06
C TYR B 518 -15.33 37.97 27.56
N VAL B 519 -15.65 38.05 26.27
CA VAL B 519 -16.09 39.28 25.64
C VAL B 519 -17.39 39.02 24.90
N THR B 520 -18.41 39.81 25.21
CA THR B 520 -19.64 39.84 24.41
C THR B 520 -19.91 41.20 23.79
N ASP B 521 -19.50 42.29 24.42
CA ASP B 521 -19.74 43.64 23.92
C ASP B 521 -18.45 44.24 23.37
N SER B 522 -18.59 45.13 22.39
CA SER B 522 -17.43 45.77 21.80
C SER B 522 -16.67 46.61 22.81
N ALA B 523 -17.35 47.12 23.85
CA ALA B 523 -16.68 47.91 24.88
C ALA B 523 -15.70 47.07 25.70
N GLU B 524 -15.89 45.76 25.76
CA GLU B 524 -15.01 44.89 26.54
C GLU B 524 -13.81 44.40 25.76
N LEU B 525 -13.83 44.51 24.43
CA LEU B 525 -12.80 43.85 23.61
C LEU B 525 -11.42 44.45 23.83
N GLY B 526 -11.31 45.78 23.74
CA GLY B 526 -10.07 46.47 23.97
C GLY B 526 -9.41 46.11 25.29
N PRO B 527 -10.11 46.37 26.41
CA PRO B 527 -9.53 46.02 27.72
C PRO B 527 -9.15 44.56 27.87
N ALA B 528 -9.96 43.64 27.34
CA ALA B 528 -9.64 42.21 27.45
C ALA B 528 -8.38 41.85 26.68
N LEU B 529 -8.26 42.34 25.44
CA LEU B 529 -7.06 42.07 24.66
C LEU B 529 -5.83 42.70 25.31
N ASP B 530 -5.97 43.92 25.84
CA ASP B 530 -4.85 44.55 26.53
C ASP B 530 -4.40 43.71 27.72
N ALA B 531 -5.35 43.23 28.52
CA ALA B 531 -5.00 42.43 29.69
C ALA B 531 -4.39 41.08 29.30
N ALA B 532 -4.90 40.48 28.22
CA ALA B 532 -4.36 39.20 27.78
C ALA B 532 -2.94 39.33 27.27
N MET B 533 -2.65 40.38 26.51
CA MET B 533 -1.30 40.57 25.98
C MET B 533 -0.31 40.89 27.09
N ALA B 534 -0.74 41.62 28.12
CA ALA B 534 0.17 42.00 29.20
C ALA B 534 0.36 40.88 30.21
N PHE B 535 -0.61 39.98 30.34
CA PHE B 535 -0.48 38.87 31.29
C PHE B 535 0.74 38.02 30.97
N LYS B 536 1.59 37.80 31.98
CA LYS B 536 2.85 37.08 31.80
C LYS B 536 2.55 35.58 31.87
N GLY B 537 2.04 35.06 30.76
CA GLY B 537 1.64 33.67 30.68
C GLY B 537 0.66 33.48 29.55
N PRO B 538 0.23 32.22 29.36
CA PRO B 538 -0.75 31.94 28.29
C PRO B 538 -2.14 32.43 28.70
N ALA B 539 -2.95 32.73 27.69
CA ALA B 539 -4.25 33.32 27.95
C ALA B 539 -5.22 32.90 26.85
N ILE B 540 -6.52 32.97 27.18
CA ILE B 540 -7.59 32.72 26.22
C ILE B 540 -8.55 33.89 26.29
N VAL B 541 -8.82 34.51 25.14
CA VAL B 541 -9.85 35.53 25.01
C VAL B 541 -10.99 34.92 24.21
N ASN B 542 -12.09 34.61 24.89
CA ASN B 542 -13.26 34.02 24.27
C ASN B 542 -14.22 35.14 23.88
N ILE B 543 -14.45 35.32 22.58
CA ILE B 543 -15.27 36.41 22.05
C ILE B 543 -16.49 35.80 21.39
N LYS B 544 -17.67 36.18 21.88
CA LYS B 544 -18.94 35.71 21.33
C LYS B 544 -19.37 36.68 20.24
N ILE B 545 -19.22 36.26 18.99
CA ILE B 545 -19.53 37.09 17.85
C ILE B 545 -20.94 36.78 17.34
N ALA B 546 -21.40 37.57 16.38
CA ALA B 546 -22.73 37.37 15.83
C ALA B 546 -22.82 36.03 15.12
N ALA B 547 -23.95 35.35 15.30
CA ALA B 547 -24.12 34.02 14.74
C ALA B 547 -24.13 34.05 13.22
N THR B 548 -24.56 35.16 12.63
CA THR B 548 -24.70 35.28 11.18
C THR B 548 -23.61 36.15 10.55
N ALA B 549 -22.60 36.55 11.31
CA ALA B 549 -21.51 37.33 10.73
C ALA B 549 -20.83 36.52 9.63
N ASP B 550 -20.47 37.20 8.54
CA ASP B 550 -19.91 36.55 7.37
C ASP B 550 -18.83 37.46 6.76
N ARG B 551 -18.12 36.93 5.78
CA ARG B 551 -17.06 37.66 5.10
C ARG B 551 -17.63 38.61 4.05
N LYS B 552 -16.77 39.46 3.51
CA LYS B 552 -17.15 40.37 2.45
C LYS B 552 -17.65 39.58 1.24
N PRO B 553 -18.79 39.97 0.65
CA PRO B 553 -19.25 39.27 -0.56
C PRO B 553 -18.26 39.44 -1.71
N GLN B 554 -18.10 38.36 -2.49
CA GLN B 554 -17.17 38.34 -3.61
C GLN B 554 -17.88 37.84 -4.85
N GLN B 555 -17.23 38.06 -6.00
CA GLN B 555 -17.77 37.54 -7.25
C GLN B 555 -17.71 36.02 -7.29
N PHE B 556 -16.66 35.44 -6.74
CA PHE B 556 -16.44 33.99 -6.79
C PHE B 556 -16.35 33.41 -5.40
N ASN B 557 -16.93 32.23 -5.22
CA ASN B 557 -16.72 31.46 -4.01
C ASN B 557 -15.27 30.99 -3.93
N TRP B 558 -14.74 30.92 -2.70
CA TRP B 558 -13.34 30.56 -2.54
C TRP B 558 -13.03 29.21 -3.15
N HIS B 559 -13.97 28.27 -3.05
CA HIS B 559 -13.78 26.92 -3.58
C HIS B 559 -14.21 26.83 -5.04
N GLY B 560 -15.40 27.31 -5.36
CA GLY B 560 -15.90 27.30 -6.73
C GLY B 560 -16.12 25.92 -7.30
N TYR C 1 -23.39 -0.06 -46.89
CA TYR C 1 -22.29 -0.70 -46.18
C TYR C 1 -21.84 0.16 -45.00
N PHE C 2 -22.44 1.35 -44.88
CA PHE C 2 -22.14 2.32 -43.82
C PHE C 2 -20.72 2.87 -43.92
N GLN C 3 -19.93 2.33 -44.85
CA GLN C 3 -18.61 2.88 -45.16
C GLN C 3 -18.61 3.70 -46.44
N SER C 4 -19.69 3.66 -47.21
CA SER C 4 -19.79 4.46 -48.42
C SER C 4 -19.77 5.95 -48.08
N ASN C 5 -18.99 6.72 -48.83
CA ASN C 5 -18.85 8.14 -48.57
C ASN C 5 -20.13 8.92 -48.90
N ALA C 6 -21.04 8.33 -49.68
CA ALA C 6 -22.28 9.01 -50.03
C ALA C 6 -23.26 9.10 -48.86
N MET C 7 -23.04 8.32 -47.80
CA MET C 7 -23.97 8.25 -46.69
C MET C 7 -23.66 9.33 -45.66
N ALA C 8 -24.70 9.97 -45.15
CA ALA C 8 -24.54 10.95 -44.08
C ALA C 8 -24.02 10.28 -42.82
N LYS C 9 -22.98 10.85 -42.23
CA LYS C 9 -22.34 10.29 -41.05
C LYS C 9 -22.27 11.34 -39.95
N SER C 10 -22.24 10.87 -38.69
CA SER C 10 -22.30 11.76 -37.54
C SER C 10 -21.02 12.59 -37.41
N GLU C 11 -19.89 11.92 -37.17
CA GLU C 11 -18.56 12.55 -37.24
C GLU C 11 -18.29 13.54 -36.11
N GLY C 12 -19.31 13.86 -35.30
CA GLY C 12 -19.12 14.85 -34.26
C GLY C 12 -18.59 14.34 -32.93
N LYS C 13 -18.47 13.02 -32.76
CA LYS C 13 -18.10 12.45 -31.49
C LYS C 13 -16.80 11.66 -31.61
N VAL C 14 -16.12 11.50 -30.48
CA VAL C 14 -14.86 10.77 -30.40
C VAL C 14 -14.86 9.95 -29.11
N ASN C 15 -14.31 8.74 -29.16
CA ASN C 15 -14.28 7.87 -27.99
C ASN C 15 -12.92 7.93 -27.30
N GLY C 16 -12.85 7.30 -26.13
CA GLY C 16 -11.66 7.40 -25.30
C GLY C 16 -10.44 6.78 -25.95
N ALA C 17 -10.63 5.70 -26.70
CA ALA C 17 -9.51 5.06 -27.38
C ALA C 17 -8.86 6.03 -28.38
N THR C 18 -9.67 6.80 -29.10
CA THR C 18 -9.13 7.75 -30.07
C THR C 18 -8.48 8.94 -29.38
N LEU C 19 -9.09 9.44 -28.31
CA LEU C 19 -8.48 10.53 -27.54
C LEU C 19 -7.16 10.10 -26.94
N MET C 20 -7.07 8.86 -26.47
CA MET C 20 -5.81 8.33 -25.95
C MET C 20 -4.76 8.27 -27.04
N ALA C 21 -5.11 7.74 -28.21
CA ALA C 21 -4.17 7.65 -29.31
C ALA C 21 -3.66 9.02 -29.74
N ARG C 22 -4.58 9.98 -29.90
N ARG C 22 -4.58 9.98 -29.92
CA ARG C 22 -4.18 11.32 -30.30
CA ARG C 22 -4.18 11.32 -30.30
C ARG C 22 -3.29 11.98 -29.25
C ARG C 22 -3.28 11.95 -29.24
N ALA C 23 -3.60 11.77 -27.97
CA ALA C 23 -2.81 12.36 -26.91
C ALA C 23 -1.41 11.75 -26.85
N LEU C 24 -1.32 10.42 -26.98
CA LEU C 24 -0.01 9.77 -26.98
C LEU C 24 0.85 10.27 -28.14
N GLN C 25 0.29 10.31 -29.35
CA GLN C 25 1.03 10.81 -30.50
C GLN C 25 1.47 12.24 -30.27
N GLN C 26 0.58 13.09 -29.74
CA GLN C 26 0.95 14.48 -29.50
C GLN C 26 2.13 14.59 -28.55
N GLN C 27 2.16 13.74 -27.51
CA GLN C 27 3.21 13.80 -26.50
C GLN C 27 4.48 13.07 -26.89
N GLY C 28 4.62 12.66 -28.15
CA GLY C 28 5.85 12.07 -28.61
C GLY C 28 5.99 10.58 -28.41
N VAL C 29 4.90 9.88 -28.10
CA VAL C 29 4.93 8.42 -27.99
C VAL C 29 4.91 7.86 -29.41
N GLN C 30 6.00 7.20 -29.81
CA GLN C 30 6.09 6.59 -31.13
C GLN C 30 5.96 5.08 -31.11
N TYR C 31 6.18 4.43 -29.97
CA TYR C 31 6.21 2.98 -29.88
C TYR C 31 5.32 2.51 -28.74
N MET C 32 4.56 1.46 -29.01
CA MET C 32 3.65 0.87 -28.05
C MET C 32 3.84 -0.64 -28.10
N PHE C 33 4.39 -1.20 -27.03
CA PHE C 33 4.58 -2.65 -26.90
C PHE C 33 3.51 -3.19 -25.97
N GLY C 34 2.85 -4.27 -26.37
CA GLY C 34 1.87 -4.86 -25.48
C GLY C 34 1.27 -6.13 -26.04
N ILE C 35 0.18 -6.55 -25.40
CA ILE C 35 -0.62 -7.69 -25.82
C ILE C 35 -2.08 -7.28 -25.66
N VAL C 36 -2.83 -7.35 -26.75
CA VAL C 36 -4.22 -6.87 -26.72
C VAL C 36 -5.17 -7.94 -26.19
N GLY C 37 -6.42 -7.56 -26.06
CA GLY C 37 -7.44 -8.31 -25.35
C GLY C 37 -8.39 -7.32 -24.70
N PHE C 38 -9.42 -7.85 -24.05
CA PHE C 38 -10.33 -6.98 -23.32
C PHE C 38 -9.55 -6.20 -22.27
N PRO C 39 -9.75 -4.87 -22.17
CA PRO C 39 -10.60 -4.03 -23.02
C PRO C 39 -9.79 -3.08 -23.91
N VAL C 40 -8.54 -3.42 -24.25
CA VAL C 40 -7.62 -2.46 -24.84
C VAL C 40 -7.46 -2.64 -26.33
N ILE C 41 -8.20 -3.55 -26.95
CA ILE C 41 -8.12 -3.70 -28.41
C ILE C 41 -8.36 -2.38 -29.14
N PRO C 42 -9.38 -1.58 -28.79
CA PRO C 42 -9.55 -0.29 -29.49
C PRO C 42 -8.37 0.66 -29.32
N ILE C 43 -7.64 0.57 -28.21
CA ILE C 43 -6.53 1.50 -27.98
C ILE C 43 -5.41 1.24 -28.97
N ALA C 44 -5.01 -0.03 -29.13
CA ALA C 44 -3.94 -0.35 -30.05
C ALA C 44 -4.32 -0.05 -31.49
N ILE C 45 -5.57 -0.31 -31.86
CA ILE C 45 -6.04 0.00 -33.21
C ILE C 45 -6.00 1.50 -33.46
N ALA C 46 -6.46 2.29 -32.49
CA ALA C 46 -6.45 3.74 -32.64
C ALA C 46 -5.04 4.29 -32.65
N ALA C 47 -4.12 3.67 -31.89
CA ALA C 47 -2.73 4.12 -31.91
C ALA C 47 -2.11 3.94 -33.28
N GLN C 48 -2.35 2.79 -33.92
CA GLN C 48 -1.88 2.59 -35.28
C GLN C 48 -2.47 3.61 -36.24
N ARG C 49 -3.72 4.04 -36.01
CA ARG C 49 -4.32 5.03 -36.90
C ARG C 49 -3.62 6.38 -36.81
N GLU C 50 -3.04 6.70 -35.65
CA GLU C 50 -2.30 7.95 -35.49
C GLU C 50 -0.83 7.79 -35.86
N GLY C 51 -0.43 6.63 -36.37
CA GLY C 51 0.92 6.41 -36.80
C GLY C 51 1.84 5.79 -35.78
N ILE C 52 1.35 5.56 -34.56
CA ILE C 52 2.17 4.93 -33.53
C ILE C 52 2.47 3.50 -33.94
N THR C 53 3.72 3.07 -33.71
CA THR C 53 4.13 1.71 -34.04
C THR C 53 3.71 0.78 -32.90
N TYR C 54 2.78 -0.12 -33.18
CA TYR C 54 2.36 -1.11 -32.20
C TYR C 54 3.12 -2.40 -32.41
N ILE C 55 3.69 -2.93 -31.33
CA ILE C 55 4.46 -4.17 -31.36
C ILE C 55 3.77 -5.16 -30.45
N GLY C 56 3.15 -6.19 -31.03
CA GLY C 56 2.51 -7.23 -30.24
C GLY C 56 3.50 -8.27 -29.75
N MET C 57 3.63 -8.39 -28.43
CA MET C 57 4.62 -9.26 -27.81
C MET C 57 3.98 -10.59 -27.42
N ARG C 58 4.78 -11.45 -26.77
CA ARG C 58 4.32 -12.75 -26.32
C ARG C 58 4.11 -12.84 -24.81
N ASN C 59 4.67 -11.91 -24.04
CA ASN C 59 4.40 -11.81 -22.61
C ASN C 59 4.49 -10.34 -22.21
N GLU C 60 3.56 -9.89 -21.34
CA GLU C 60 3.61 -8.51 -20.89
C GLU C 60 4.91 -8.18 -20.18
N GLN C 61 5.52 -9.18 -19.54
CA GLN C 61 6.80 -8.98 -18.88
C GLN C 61 7.81 -8.36 -19.84
N SER C 62 7.98 -8.98 -21.01
CA SER C 62 8.91 -8.45 -22.00
C SER C 62 8.40 -7.16 -22.61
N ALA C 63 7.08 -7.01 -22.77
CA ALA C 63 6.54 -5.77 -23.30
C ALA C 63 6.86 -4.60 -22.39
N SER C 64 6.73 -4.80 -21.07
CA SER C 64 7.05 -3.73 -20.13
C SER C 64 8.53 -3.41 -20.11
N TYR C 65 9.39 -4.42 -20.34
CA TYR C 65 10.81 -4.17 -20.45
C TYR C 65 11.14 -3.45 -21.75
N ALA C 66 10.42 -3.78 -22.84
CA ALA C 66 10.68 -3.11 -24.11
C ALA C 66 10.33 -1.63 -24.05
N ALA C 67 9.25 -1.28 -23.38
CA ALA C 67 8.80 0.12 -23.35
C ALA C 67 9.84 1.03 -22.70
N GLN C 68 10.45 0.57 -21.60
CA GLN C 68 11.43 1.42 -20.91
C GLN C 68 12.75 1.49 -21.67
N ALA C 69 13.14 0.41 -22.35
CA ALA C 69 14.34 0.48 -23.18
C ALA C 69 14.13 1.43 -24.36
N ALA C 70 12.97 1.37 -25.00
CA ALA C 70 12.65 2.33 -26.05
C ALA C 70 12.63 3.76 -25.50
N SER C 71 12.19 3.93 -24.24
CA SER C 71 12.18 5.26 -23.64
C SER C 71 13.61 5.76 -23.44
N TYR C 72 14.49 4.89 -22.94
CA TYR C 72 15.89 5.25 -22.77
C TYR C 72 16.53 5.57 -24.12
N LEU C 73 16.21 4.79 -25.15
CA LEU C 73 16.85 5.00 -26.45
C LEU C 73 16.31 6.25 -27.14
N THR C 74 15.01 6.54 -27.01
CA THR C 74 14.43 7.71 -27.66
C THR C 74 14.53 8.98 -26.84
N GLY C 75 14.73 8.87 -25.53
CA GLY C 75 14.73 10.04 -24.67
C GLY C 75 13.36 10.52 -24.25
N ARG C 76 12.30 9.79 -24.57
CA ARG C 76 10.94 10.16 -24.20
C ARG C 76 10.18 8.92 -23.76
N PRO C 77 9.20 9.07 -22.87
CA PRO C 77 8.43 7.91 -22.42
C PRO C 77 7.71 7.24 -23.59
N GLN C 78 7.89 5.92 -23.71
CA GLN C 78 7.18 5.10 -24.66
C GLN C 78 6.23 4.17 -23.91
N ALA C 79 5.25 3.62 -24.63
CA ALA C 79 4.08 3.02 -24.00
C ALA C 79 4.17 1.49 -23.96
N CYS C 80 3.64 0.93 -22.87
CA CYS C 80 3.31 -0.48 -22.77
C CYS C 80 1.81 -0.57 -22.56
N LEU C 81 1.15 -1.44 -23.33
CA LEU C 81 -0.31 -1.58 -23.30
C LEU C 81 -0.66 -3.00 -22.89
N VAL C 82 -1.39 -3.14 -21.78
CA VAL C 82 -1.73 -4.46 -21.25
C VAL C 82 -3.21 -4.50 -20.89
N VAL C 83 -3.75 -5.71 -20.80
CA VAL C 83 -5.15 -5.93 -20.45
C VAL C 83 -5.34 -5.75 -18.96
N SER C 84 -6.59 -5.77 -18.51
CA SER C 84 -6.93 -5.67 -17.11
C SER C 84 -6.38 -6.87 -16.32
N GLY C 85 -6.36 -6.71 -15.00
CA GLY C 85 -6.04 -7.80 -14.10
C GLY C 85 -4.64 -8.33 -14.28
N PRO C 86 -4.53 -9.60 -14.69
CA PRO C 86 -3.20 -10.21 -14.82
C PRO C 86 -2.31 -9.54 -15.86
N GLY C 87 -2.89 -8.84 -16.84
CA GLY C 87 -2.05 -8.07 -17.75
C GLY C 87 -1.24 -7.01 -17.03
N VAL C 88 -1.88 -6.30 -16.10
CA VAL C 88 -1.16 -5.30 -15.33
C VAL C 88 -0.17 -5.96 -14.38
N VAL C 89 -0.60 -7.03 -13.69
CA VAL C 89 0.27 -7.69 -12.73
C VAL C 89 1.53 -8.23 -13.43
N HIS C 90 1.36 -8.83 -14.60
CA HIS C 90 2.52 -9.27 -15.38
C HIS C 90 3.44 -8.11 -15.70
N ALA C 91 2.90 -6.91 -15.90
CA ALA C 91 3.69 -5.75 -16.30
C ALA C 91 4.32 -5.02 -15.12
N LEU C 92 4.01 -5.41 -13.88
CA LEU C 92 4.67 -4.79 -12.74
C LEU C 92 6.18 -4.98 -12.78
N ALA C 93 6.62 -6.07 -13.43
CA ALA C 93 8.05 -6.31 -13.61
C ALA C 93 8.75 -5.11 -14.23
N GLY C 94 8.16 -4.57 -15.31
CA GLY C 94 8.80 -3.45 -16.00
C GLY C 94 8.79 -2.18 -15.17
N LEU C 95 7.69 -1.92 -14.46
CA LEU C 95 7.62 -0.75 -13.59
C LEU C 95 8.74 -0.76 -12.56
N ALA C 96 8.95 -1.91 -11.91
CA ALA C 96 10.01 -2.03 -10.92
C ALA C 96 11.39 -1.82 -11.55
N ASN C 97 11.61 -2.40 -12.73
CA ASN C 97 12.90 -2.24 -13.38
C ASN C 97 13.12 -0.79 -13.81
N ALA C 98 12.06 -0.13 -14.30
CA ALA C 98 12.19 1.26 -14.71
C ALA C 98 12.43 2.17 -13.51
N GLN C 99 11.77 1.88 -12.38
CA GLN C 99 11.99 2.65 -11.17
C GLN C 99 13.43 2.57 -10.71
N VAL C 100 13.99 1.36 -10.67
CA VAL C 100 15.33 1.17 -10.13
C VAL C 100 16.39 1.78 -11.05
N ASN C 101 16.17 1.77 -12.36
CA ASN C 101 17.13 2.32 -13.31
C ASN C 101 16.91 3.80 -13.59
N CYS C 102 15.87 4.41 -13.02
CA CYS C 102 15.51 5.80 -13.30
C CYS C 102 15.24 5.99 -14.79
N TRP C 103 14.57 5.03 -15.40
CA TRP C 103 14.15 5.15 -16.78
C TRP C 103 12.67 5.51 -16.86
N PRO C 104 12.27 6.34 -17.82
CA PRO C 104 10.85 6.62 -17.99
C PRO C 104 10.16 5.49 -18.73
N MET C 105 8.85 5.42 -18.51
CA MET C 105 7.96 4.56 -19.29
C MET C 105 6.54 4.89 -18.89
N LEU C 106 5.61 4.60 -19.80
CA LEU C 106 4.18 4.81 -19.57
C LEU C 106 3.49 3.47 -19.76
N LEU C 107 2.98 2.90 -18.66
CA LEU C 107 2.18 1.69 -18.71
C LEU C 107 0.70 2.08 -18.80
N ILE C 108 0.04 1.61 -19.86
CA ILE C 108 -1.38 1.83 -20.06
C ILE C 108 -2.09 0.50 -19.86
N GLY C 109 -2.84 0.40 -18.78
CA GLY C 109 -3.54 -0.81 -18.42
C GLY C 109 -5.05 -0.61 -18.50
N GLY C 110 -5.70 -1.46 -19.27
CA GLY C 110 -7.15 -1.47 -19.26
C GLY C 110 -7.68 -1.93 -17.91
N ALA C 111 -8.94 -1.59 -17.65
CA ALA C 111 -9.60 -2.00 -16.43
C ALA C 111 -11.03 -2.42 -16.74
N SER C 112 -11.61 -3.18 -15.82
CA SER C 112 -13.01 -3.54 -15.95
C SER C 112 -13.87 -2.28 -15.80
N ALA C 113 -15.09 -2.36 -16.33
CA ALA C 113 -15.96 -1.19 -16.38
C ALA C 113 -16.24 -0.66 -14.98
N ILE C 114 -16.27 0.67 -14.86
CA ILE C 114 -16.52 1.31 -13.57
C ILE C 114 -17.87 0.87 -13.01
N GLU C 115 -18.89 0.78 -13.87
CA GLU C 115 -20.23 0.47 -13.39
C GLU C 115 -20.33 -0.92 -12.75
N GLN C 116 -19.36 -1.79 -12.99
CA GLN C 116 -19.38 -3.14 -12.42
C GLN C 116 -18.48 -3.30 -11.21
N ASN C 117 -17.86 -2.23 -10.72
CA ASN C 117 -16.96 -2.34 -9.58
C ASN C 117 -17.70 -2.88 -8.36
N GLY C 118 -17.06 -3.81 -7.65
CA GLY C 118 -17.63 -4.47 -6.50
C GLY C 118 -18.37 -5.76 -6.80
N MET C 119 -18.73 -6.01 -8.05
CA MET C 119 -19.55 -7.17 -8.41
C MET C 119 -18.74 -8.43 -8.68
N GLY C 120 -17.41 -8.36 -8.66
CA GLY C 120 -16.60 -9.47 -9.10
C GLY C 120 -16.56 -9.54 -10.62
N ALA C 121 -16.24 -8.42 -11.25
CA ALA C 121 -16.23 -8.35 -12.71
C ALA C 121 -15.01 -9.08 -13.27
N PHE C 122 -15.08 -9.36 -14.57
CA PHE C 122 -13.98 -10.03 -15.25
C PHE C 122 -12.70 -9.20 -15.15
N GLN C 123 -11.71 -9.73 -14.44
CA GLN C 123 -10.40 -9.10 -14.27
C GLN C 123 -10.48 -7.78 -13.51
N GLU C 124 -11.50 -7.66 -12.65
CA GLU C 124 -11.55 -6.56 -11.70
C GLU C 124 -10.36 -6.64 -10.75
N GLU C 125 -9.75 -5.49 -10.47
CA GLU C 125 -8.51 -5.48 -9.70
C GLU C 125 -8.22 -4.06 -9.23
N ARG C 126 -7.54 -3.96 -8.08
CA ARG C 126 -7.09 -2.67 -7.54
C ARG C 126 -5.77 -2.30 -8.20
N GLN C 127 -5.87 -1.89 -9.47
CA GLN C 127 -4.67 -1.80 -10.31
C GLN C 127 -3.81 -0.59 -9.97
N VAL C 128 -4.43 0.56 -9.68
CA VAL C 128 -3.64 1.72 -9.29
C VAL C 128 -2.93 1.45 -7.97
N LEU C 129 -3.58 0.74 -7.05
CA LEU C 129 -2.95 0.43 -5.77
C LEU C 129 -1.75 -0.50 -5.94
N LEU C 130 -1.88 -1.51 -6.80
CA LEU C 130 -0.78 -2.44 -7.01
C LEU C 130 0.42 -1.75 -7.66
N ALA C 131 0.16 -0.85 -8.61
CA ALA C 131 1.24 -0.22 -9.36
C ALA C 131 1.87 0.95 -8.64
N SER C 132 1.14 1.60 -7.72
CA SER C 132 1.62 2.83 -7.09
C SER C 132 3.00 2.73 -6.44
N PRO C 133 3.34 1.69 -5.67
CA PRO C 133 4.68 1.66 -5.05
C PRO C 133 5.81 1.63 -6.06
N LEU C 134 5.56 1.24 -7.30
CA LEU C 134 6.57 1.12 -8.34
C LEU C 134 6.58 2.29 -9.31
N CYS C 135 5.76 3.32 -9.07
CA CYS C 135 5.58 4.39 -10.04
C CYS C 135 5.87 5.75 -9.40
N LYS C 136 6.39 6.66 -10.23
CA LYS C 136 6.35 8.09 -9.88
C LYS C 136 4.93 8.63 -9.96
N TYR C 137 4.10 8.04 -10.81
CA TYR C 137 2.78 8.59 -11.12
C TYR C 137 1.86 7.44 -11.46
N ALA C 138 0.68 7.43 -10.86
CA ALA C 138 -0.31 6.39 -11.11
C ALA C 138 -1.70 6.96 -10.86
N HIS C 139 -2.56 6.85 -11.86
CA HIS C 139 -3.90 7.41 -11.73
C HIS C 139 -4.82 6.69 -12.70
N GLN C 140 -6.10 6.64 -12.32
CA GLN C 140 -7.13 6.12 -13.20
C GLN C 140 -7.79 7.27 -13.95
N VAL C 141 -8.03 7.06 -15.24
CA VAL C 141 -8.75 8.02 -16.06
C VAL C 141 -10.24 7.75 -15.88
N GLU C 142 -10.93 8.63 -15.16
CA GLU C 142 -12.30 8.38 -14.75
C GLU C 142 -13.33 8.75 -15.83
N ARG C 143 -13.00 9.67 -16.73
CA ARG C 143 -13.93 10.08 -17.78
C ARG C 143 -13.16 10.40 -19.04
N PRO C 144 -13.69 10.08 -20.21
CA PRO C 144 -12.90 10.24 -21.45
C PRO C 144 -12.49 11.66 -21.77
N GLU C 145 -13.24 12.66 -21.32
CA GLU C 145 -12.88 14.04 -21.66
C GLU C 145 -11.62 14.52 -20.95
N ARG C 146 -11.15 13.79 -19.94
CA ARG C 146 -9.95 14.18 -19.22
C ARG C 146 -8.72 13.41 -19.69
N ILE C 147 -8.86 12.60 -20.74
CA ILE C 147 -7.72 11.85 -21.26
C ILE C 147 -6.56 12.75 -21.67
N PRO C 148 -6.75 13.82 -22.45
CA PRO C 148 -5.60 14.68 -22.77
C PRO C 148 -4.91 15.23 -21.54
N TYR C 149 -5.67 15.58 -20.50
CA TYR C 149 -5.07 16.07 -19.26
C TYR C 149 -4.17 15.01 -18.64
N TYR C 150 -4.67 13.78 -18.49
CA TYR C 150 -3.93 12.76 -17.78
C TYR C 150 -2.70 12.31 -18.55
N VAL C 151 -2.82 12.18 -19.88
CA VAL C 151 -1.67 11.76 -20.69
C VAL C 151 -0.54 12.77 -20.59
N GLU C 152 -0.89 14.07 -20.66
CA GLU C 152 0.12 15.10 -20.49
C GLU C 152 0.77 15.01 -19.12
N GLN C 153 -0.05 14.89 -18.06
CA GLN C 153 0.50 14.85 -16.71
C GLN C 153 1.33 13.59 -16.48
N ALA C 154 0.92 12.46 -17.06
CA ALA C 154 1.66 11.22 -16.88
C ALA C 154 2.99 11.26 -17.61
N VAL C 155 2.98 11.70 -18.87
CA VAL C 155 4.23 11.79 -19.64
C VAL C 155 5.19 12.76 -18.97
N ARG C 156 4.69 13.91 -18.51
CA ARG C 156 5.54 14.89 -17.86
C ARG C 156 6.11 14.34 -16.55
N SER C 157 5.30 13.63 -15.78
CA SER C 157 5.78 13.10 -14.51
C SER C 157 6.84 12.03 -14.73
N ALA C 158 6.68 11.20 -15.75
CA ALA C 158 7.67 10.18 -16.04
C ALA C 158 8.98 10.79 -16.51
N LEU C 159 8.90 11.87 -17.29
CA LEU C 159 10.06 12.40 -17.99
C LEU C 159 10.82 13.46 -17.21
N PHE C 160 10.14 14.28 -16.42
CA PHE C 160 10.79 15.38 -15.73
C PHE C 160 11.37 14.91 -14.38
N GLY C 161 12.35 15.68 -13.89
CA GLY C 161 13.03 15.28 -12.67
C GLY C 161 13.77 13.98 -12.88
N ARG C 162 13.93 13.23 -11.80
CA ARG C 162 14.50 11.89 -11.92
C ARG C 162 13.47 11.02 -12.64
N PRO C 163 13.80 10.48 -13.82
CA PRO C 163 12.78 9.76 -14.60
C PRO C 163 12.33 8.49 -13.89
N GLY C 164 11.08 8.10 -14.17
CA GLY C 164 10.53 6.89 -13.59
C GLY C 164 9.28 6.49 -14.34
N ALA C 165 8.66 5.42 -13.85
CA ALA C 165 7.48 4.85 -14.50
C ALA C 165 6.22 5.64 -14.14
N ALA C 166 5.31 5.75 -15.12
CA ALA C 166 3.98 6.31 -14.91
C ALA C 166 2.94 5.32 -15.37
N TYR C 167 1.82 5.24 -14.66
CA TYR C 167 0.76 4.30 -14.97
C TYR C 167 -0.56 5.03 -15.14
N LEU C 168 -1.30 4.69 -16.19
CA LEU C 168 -2.64 5.20 -16.43
C LEU C 168 -3.61 4.03 -16.53
N ASP C 169 -4.68 4.08 -15.75
CA ASP C 169 -5.70 3.04 -15.68
C ASP C 169 -6.88 3.45 -16.54
N MET C 170 -7.23 2.63 -17.53
CA MET C 170 -8.26 2.97 -18.51
C MET C 170 -9.43 2.01 -18.43
N PRO C 171 -10.50 2.34 -17.71
CA PRO C 171 -11.65 1.44 -17.63
C PRO C 171 -12.32 1.25 -18.98
N ASP C 172 -12.97 0.10 -19.14
CA ASP C 172 -13.62 -0.25 -20.39
C ASP C 172 -14.63 0.81 -20.82
N ASP C 173 -15.39 1.35 -19.85
CA ASP C 173 -16.40 2.36 -20.19
C ASP C 173 -15.78 3.70 -20.55
N VAL C 174 -14.54 3.95 -20.14
CA VAL C 174 -13.84 5.17 -20.55
C VAL C 174 -13.26 5.01 -21.95
N ILE C 175 -12.73 3.82 -22.24
CA ILE C 175 -12.18 3.53 -23.57
C ILE C 175 -13.25 3.65 -24.64
N LEU C 176 -14.44 3.10 -24.38
CA LEU C 176 -15.53 3.09 -25.34
C LEU C 176 -16.48 4.27 -25.20
N GLY C 177 -16.34 5.06 -24.13
CA GLY C 177 -17.22 6.20 -23.95
C GLY C 177 -16.91 7.31 -24.95
N GLU C 178 -17.96 8.00 -25.38
CA GLU C 178 -17.88 9.00 -26.43
C GLU C 178 -18.17 10.39 -25.87
N VAL C 179 -17.47 11.39 -26.39
CA VAL C 179 -17.67 12.78 -26.02
C VAL C 179 -17.65 13.63 -27.30
N GLU C 180 -18.13 14.86 -27.17
CA GLU C 180 -18.10 15.79 -28.28
C GLU C 180 -16.66 16.28 -28.50
N GLU C 181 -16.19 16.17 -29.74
CA GLU C 181 -14.80 16.51 -30.03
C GLU C 181 -14.50 17.98 -29.70
N ALA C 182 -15.46 18.86 -29.97
CA ALA C 182 -15.25 20.28 -29.71
C ALA C 182 -15.23 20.62 -28.23
N ALA C 183 -15.70 19.71 -27.37
CA ALA C 183 -15.74 19.96 -25.94
C ALA C 183 -14.55 19.38 -25.18
N VAL C 184 -13.65 18.69 -25.87
CA VAL C 184 -12.49 18.11 -25.19
C VAL C 184 -11.45 19.20 -24.98
N ARG C 185 -11.02 19.36 -23.74
CA ARG C 185 -10.04 20.39 -23.41
C ARG C 185 -8.65 19.96 -23.86
N PRO C 186 -7.96 20.73 -24.69
CA PRO C 186 -6.63 20.34 -25.14
C PRO C 186 -5.62 20.40 -24.00
N ALA C 187 -4.48 19.75 -24.24
CA ALA C 187 -3.36 19.76 -23.31
C ALA C 187 -2.10 20.20 -24.03
N ALA C 188 -1.21 20.87 -23.30
CA ALA C 188 0.04 21.32 -23.87
C ALA C 188 0.94 20.14 -24.18
N THR C 189 1.84 20.34 -25.15
CA THR C 189 2.81 19.30 -25.51
C THR C 189 3.97 19.34 -24.52
N VAL C 190 4.32 18.18 -23.97
CA VAL C 190 5.44 18.09 -23.05
C VAL C 190 6.75 18.22 -23.83
N GLY C 191 7.55 19.22 -23.50
CA GLY C 191 8.81 19.46 -24.15
C GLY C 191 9.95 18.67 -23.56
N GLU C 192 11.17 19.18 -23.72
CA GLU C 192 12.33 18.54 -23.15
C GLU C 192 12.33 18.71 -21.63
N PRO C 193 12.83 17.72 -20.90
CA PRO C 193 12.91 17.84 -19.44
C PRO C 193 13.77 19.03 -19.06
N PRO C 194 13.34 19.81 -18.06
CA PRO C 194 14.13 20.98 -17.66
C PRO C 194 15.52 20.58 -17.18
N ARG C 195 16.49 21.43 -17.45
CA ARG C 195 17.86 21.24 -16.99
C ARG C 195 18.19 22.29 -15.95
N SER C 196 18.89 21.89 -14.90
CA SER C 196 19.30 22.78 -13.83
C SER C 196 20.81 22.82 -13.75
N LEU C 197 21.32 23.93 -13.23
CA LEU C 197 22.75 24.19 -13.13
C LEU C 197 23.15 24.25 -11.67
N ALA C 198 24.45 24.09 -11.43
CA ALA C 198 24.95 24.18 -10.07
C ALA C 198 25.41 25.60 -9.77
N PRO C 199 25.40 26.01 -8.50
CA PRO C 199 25.92 27.34 -8.16
C PRO C 199 27.40 27.45 -8.54
N GLN C 200 27.81 28.68 -8.85
CA GLN C 200 29.15 28.87 -9.42
C GLN C 200 30.24 28.47 -8.42
N GLU C 201 30.04 28.75 -7.13
CA GLU C 201 31.06 28.39 -6.15
C GLU C 201 31.22 26.88 -6.04
N ASN C 202 30.14 26.12 -6.28
CA ASN C 202 30.27 24.66 -6.31
C ASN C 202 31.08 24.21 -7.52
N ILE C 203 30.86 24.85 -8.68
CA ILE C 203 31.66 24.55 -9.86
C ILE C 203 33.14 24.78 -9.57
N GLU C 204 33.47 25.94 -8.99
CA GLU C 204 34.87 26.23 -8.69
C GLU C 204 35.41 25.31 -7.61
N ALA C 205 34.57 24.94 -6.64
CA ALA C 205 35.02 24.02 -5.61
C ALA C 205 35.36 22.66 -6.20
N ALA C 206 34.59 22.22 -7.20
CA ALA C 206 34.89 20.96 -7.86
C ALA C 206 36.23 21.01 -8.58
N LEU C 207 36.52 22.12 -9.28
CA LEU C 207 37.79 22.23 -9.98
C LEU C 207 38.96 22.33 -8.99
N ASP C 208 38.76 23.04 -7.87
CA ASP C 208 39.78 23.09 -6.83
C ASP C 208 40.12 21.70 -6.31
N ALA C 209 39.10 20.89 -6.02
CA ALA C 209 39.33 19.55 -5.53
C ALA C 209 40.06 18.70 -6.55
N LEU C 210 39.66 18.81 -7.83
CA LEU C 210 40.32 18.04 -8.89
C LEU C 210 41.80 18.37 -8.96
N GLN C 211 42.16 19.67 -8.86
CA GLN C 211 43.56 20.07 -8.94
C GLN C 211 44.37 19.58 -7.75
N SER C 212 43.74 19.31 -6.61
CA SER C 212 44.44 18.90 -5.40
C SER C 212 44.65 17.39 -5.30
N ALA C 213 43.98 16.61 -6.13
CA ALA C 213 44.01 15.16 -5.99
C ALA C 213 45.29 14.58 -6.58
N LYS C 214 45.88 13.62 -5.85
CA LYS C 214 47.03 12.89 -6.38
C LYS C 214 46.61 11.72 -7.27
N ARG C 215 45.46 11.10 -6.98
CA ARG C 215 44.99 9.93 -7.70
C ARG C 215 43.52 10.09 -8.06
N PRO C 216 43.19 11.03 -8.95
CA PRO C 216 41.78 11.29 -9.27
C PRO C 216 41.21 10.28 -10.25
N LEU C 217 39.92 10.03 -10.13
CA LEU C 217 39.19 9.10 -10.98
C LEU C 217 37.82 9.67 -11.29
N VAL C 218 37.49 9.80 -12.56
CA VAL C 218 36.16 10.20 -13.01
C VAL C 218 35.35 8.94 -13.31
N ILE C 219 34.15 8.86 -12.75
CA ILE C 219 33.27 7.71 -12.99
C ILE C 219 32.09 8.20 -13.82
N VAL C 220 31.90 7.59 -14.99
CA VAL C 220 30.90 8.02 -15.97
C VAL C 220 29.76 7.03 -15.95
N GLY C 221 28.60 7.46 -15.42
CA GLY C 221 27.45 6.58 -15.28
C GLY C 221 26.41 6.79 -16.37
N LYS C 222 25.40 5.90 -16.37
CA LYS C 222 24.38 5.96 -17.41
C LYS C 222 23.44 7.15 -17.25
N GLY C 223 23.53 7.89 -16.15
CA GLY C 223 22.84 9.16 -16.07
C GLY C 223 23.33 10.16 -17.10
N MET C 224 24.61 10.07 -17.47
CA MET C 224 25.15 10.95 -18.50
C MET C 224 24.68 10.52 -19.88
N ALA C 225 24.54 9.20 -20.10
CA ALA C 225 23.97 8.73 -21.35
C ALA C 225 22.52 9.15 -21.51
N TRP C 226 21.74 9.05 -20.43
CA TRP C 226 20.36 9.51 -20.47
C TRP C 226 20.28 11.01 -20.73
N SER C 227 21.17 11.77 -20.09
CA SER C 227 21.18 13.23 -20.24
C SER C 227 21.69 13.69 -21.61
N ARG C 228 22.19 12.77 -22.43
CA ARG C 228 22.81 13.10 -23.72
C ARG C 228 23.98 14.06 -23.53
N ALA C 229 24.82 13.78 -22.54
CA ALA C 229 25.93 14.65 -22.19
C ALA C 229 27.26 14.18 -22.76
N GLU C 230 27.24 13.29 -23.75
CA GLU C 230 28.48 12.64 -24.19
C GLU C 230 29.49 13.63 -24.74
N ASN C 231 29.03 14.64 -25.48
CA ASN C 231 29.98 15.60 -26.05
C ASN C 231 30.58 16.49 -24.98
N GLU C 232 29.79 16.88 -23.98
CA GLU C 232 30.31 17.67 -22.87
C GLU C 232 31.30 16.86 -22.05
N VAL C 233 30.96 15.59 -21.77
CA VAL C 233 31.87 14.73 -21.02
C VAL C 233 33.17 14.51 -21.79
N ARG C 234 33.07 14.28 -23.10
CA ARG C 234 34.27 14.04 -23.90
C ARG C 234 35.19 15.25 -23.91
N GLN C 235 34.63 16.44 -24.06
CA GLN C 235 35.46 17.65 -23.97
C GLN C 235 36.12 17.77 -22.60
N PHE C 236 35.35 17.51 -21.53
CA PHE C 236 35.88 17.62 -20.17
C PHE C 236 37.03 16.64 -19.94
N ILE C 237 36.86 15.40 -20.41
CA ILE C 237 37.91 14.40 -20.19
C ILE C 237 39.13 14.70 -21.05
N GLU C 238 38.91 15.15 -22.29
CA GLU C 238 40.04 15.50 -23.16
C GLU C 238 40.82 16.67 -22.59
N ARG C 239 40.14 17.68 -22.03
CA ARG C 239 40.84 18.87 -21.59
C ARG C 239 41.47 18.70 -20.21
N THR C 240 40.89 17.86 -19.35
CA THR C 240 41.46 17.62 -18.03
C THR C 240 42.49 16.50 -18.01
N ARG C 241 42.47 15.62 -19.01
CA ARG C 241 43.35 14.45 -19.06
C ARG C 241 43.14 13.52 -17.87
N LEU C 242 41.94 13.52 -17.29
CA LEU C 242 41.66 12.71 -16.11
C LEU C 242 41.37 11.27 -16.50
N PRO C 243 41.92 10.29 -15.76
CA PRO C 243 41.51 8.90 -15.96
C PRO C 243 40.04 8.73 -15.63
N PHE C 244 39.36 7.84 -16.36
CA PHE C 244 37.94 7.64 -16.16
C PHE C 244 37.61 6.16 -16.14
N LEU C 245 36.55 5.84 -15.39
CA LEU C 245 35.97 4.50 -15.35
C LEU C 245 34.52 4.59 -15.80
N ALA C 246 34.13 3.74 -16.75
CA ALA C 246 32.75 3.67 -17.18
C ALA C 246 32.01 2.60 -16.37
N THR C 247 30.76 2.91 -16.01
CA THR C 247 29.87 1.93 -15.42
C THR C 247 29.39 0.97 -16.51
N PRO C 248 28.72 -0.14 -16.14
CA PRO C 248 28.23 -1.08 -17.17
C PRO C 248 27.49 -0.42 -18.33
N MET C 249 26.39 0.28 -18.06
CA MET C 249 25.69 0.95 -19.16
C MET C 249 26.16 2.38 -19.39
N GLY C 250 27.07 2.89 -18.56
CA GLY C 250 27.80 4.09 -18.93
C GLY C 250 28.80 3.88 -20.05
N LYS C 251 29.10 2.64 -20.41
CA LYS C 251 30.01 2.36 -21.51
C LYS C 251 29.51 3.01 -22.78
N GLY C 252 30.40 3.72 -23.49
CA GLY C 252 30.10 4.37 -24.73
C GLY C 252 29.99 5.88 -24.63
N VAL C 253 29.63 6.40 -23.46
CA VAL C 253 29.65 7.86 -23.26
C VAL C 253 31.02 8.39 -23.61
N MET C 254 32.05 7.85 -22.97
CA MET C 254 33.38 7.88 -23.55
C MET C 254 33.59 6.60 -24.37
N PRO C 255 34.26 6.67 -25.52
CA PRO C 255 34.56 5.43 -26.26
C PRO C 255 35.39 4.50 -25.40
N ASP C 256 35.11 3.20 -25.53
CA ASP C 256 35.81 2.22 -24.69
C ASP C 256 37.26 2.05 -25.08
N ASP C 257 37.67 2.44 -26.29
CA ASP C 257 39.06 2.37 -26.68
C ASP C 257 39.83 3.65 -26.35
N HIS C 258 39.26 4.53 -25.54
CA HIS C 258 39.93 5.78 -25.19
C HIS C 258 41.12 5.49 -24.28
N PRO C 259 42.28 6.09 -24.53
CA PRO C 259 43.47 5.76 -23.72
C PRO C 259 43.36 6.18 -22.25
N LEU C 260 42.39 7.01 -21.88
CA LEU C 260 42.24 7.40 -20.48
C LEU C 260 41.33 6.46 -19.70
N SER C 261 40.84 5.39 -20.31
CA SER C 261 39.97 4.46 -19.61
C SER C 261 40.76 3.59 -18.64
N VAL C 262 40.27 3.48 -17.41
CA VAL C 262 40.85 2.59 -16.40
C VAL C 262 40.07 1.27 -16.32
N GLY C 263 39.24 0.97 -17.32
CA GLY C 263 38.38 -0.20 -17.24
C GLY C 263 39.14 -1.49 -17.03
N GLY C 264 40.35 -1.59 -17.58
CA GLY C 264 41.19 -2.76 -17.39
C GLY C 264 41.92 -2.82 -16.07
N ALA C 265 41.76 -1.80 -15.23
CA ALA C 265 42.37 -1.75 -13.89
C ALA C 265 41.34 -1.26 -12.89
N ARG C 266 40.13 -1.82 -12.95
CA ARG C 266 39.00 -1.26 -12.22
C ARG C 266 39.20 -1.37 -10.71
N SER C 267 39.55 -2.56 -10.22
CA SER C 267 39.66 -2.76 -8.78
C SER C 267 40.72 -1.83 -8.18
N HIS C 268 41.88 -1.74 -8.82
CA HIS C 268 42.95 -0.89 -8.33
C HIS C 268 42.54 0.58 -8.35
N ALA C 269 41.85 1.01 -9.40
CA ALA C 269 41.48 2.41 -9.52
C ALA C 269 40.53 2.83 -8.40
N LEU C 270 39.52 2.00 -8.11
CA LEU C 270 38.60 2.30 -7.02
C LEU C 270 39.28 2.19 -5.66
N GLN C 271 40.20 1.23 -5.52
CA GLN C 271 40.83 1.00 -4.22
C GLN C 271 41.74 2.17 -3.84
N GLU C 272 42.44 2.75 -4.81
CA GLU C 272 43.55 3.65 -4.54
C GLU C 272 43.25 5.12 -4.85
N ALA C 273 42.13 5.42 -5.50
CA ALA C 273 41.80 6.81 -5.79
C ALA C 273 41.65 7.59 -4.49
N ASP C 274 42.25 8.78 -4.45
CA ASP C 274 42.03 9.68 -3.33
C ASP C 274 40.88 10.65 -3.58
N LEU C 275 40.42 10.77 -4.83
CA LEU C 275 39.23 11.55 -5.13
C LEU C 275 38.48 10.88 -6.28
N VAL C 276 37.15 10.80 -6.14
CA VAL C 276 36.28 10.19 -7.13
C VAL C 276 35.24 11.23 -7.54
N PHE C 277 35.09 11.42 -8.85
CA PHE C 277 34.10 12.33 -9.42
C PHE C 277 33.00 11.48 -10.05
N LEU C 278 31.85 11.41 -9.38
CA LEU C 278 30.69 10.67 -9.88
C LEU C 278 29.92 11.53 -10.87
N LEU C 279 29.83 11.07 -12.11
CA LEU C 279 29.04 11.72 -13.16
C LEU C 279 27.83 10.85 -13.45
N GLY C 280 26.68 11.21 -12.87
CA GLY C 280 25.45 10.47 -13.17
C GLY C 280 25.55 9.00 -12.84
N ALA C 281 26.16 8.67 -11.70
CA ALA C 281 26.32 7.31 -11.25
C ALA C 281 26.12 7.29 -9.73
N ARG C 282 25.54 6.23 -9.22
CA ARG C 282 25.24 6.12 -7.80
C ARG C 282 26.25 5.24 -7.09
N PHE C 283 26.46 5.53 -5.80
CA PHE C 283 27.21 4.65 -4.91
C PHE C 283 26.31 3.56 -4.36
N ASN C 284 25.74 2.79 -5.27
CA ASN C 284 24.97 1.61 -4.92
C ASN C 284 25.87 0.38 -5.10
N TRP C 285 25.25 -0.81 -5.23
CA TRP C 285 26.03 -2.04 -5.30
C TRP C 285 26.92 -2.09 -6.54
N ILE C 286 26.53 -1.42 -7.62
CA ILE C 286 27.33 -1.48 -8.85
C ILE C 286 28.68 -0.81 -8.65
N LEU C 287 28.72 0.27 -7.86
CA LEU C 287 29.96 0.92 -7.50
C LEU C 287 30.40 0.59 -6.07
N HIS C 288 29.87 -0.49 -5.50
CA HIS C 288 30.34 -1.02 -4.21
C HIS C 288 30.23 0.00 -3.09
N PHE C 289 29.21 0.86 -3.16
CA PHE C 289 28.79 1.78 -2.12
C PHE C 289 29.81 2.87 -1.81
N GLY C 290 30.91 2.96 -2.57
CA GLY C 290 31.91 3.98 -2.30
C GLY C 290 32.62 3.83 -0.98
N LEU C 291 32.67 2.61 -0.45
CA LEU C 291 33.14 2.33 0.90
C LEU C 291 34.14 1.20 0.89
N PRO C 292 34.94 1.06 1.95
CA PRO C 292 35.77 -0.12 2.09
C PRO C 292 34.92 -1.38 2.06
N PRO C 293 35.49 -2.51 1.63
CA PRO C 293 36.90 -2.76 1.31
C PRO C 293 37.27 -2.41 -0.12
N ARG C 294 36.39 -1.73 -0.86
CA ARG C 294 36.67 -1.44 -2.26
C ARG C 294 37.19 -0.04 -2.50
N TYR C 295 37.08 0.86 -1.51
CA TYR C 295 37.58 2.22 -1.64
C TYR C 295 38.41 2.58 -0.42
N SER C 296 39.20 3.64 -0.57
CA SER C 296 39.86 4.24 0.59
C SER C 296 38.82 4.78 1.56
N LYS C 297 39.08 4.60 2.86
CA LYS C 297 38.16 5.11 3.88
C LYS C 297 38.03 6.63 3.83
N ASP C 298 39.04 7.33 3.30
CA ASP C 298 39.04 8.79 3.26
C ASP C 298 38.82 9.33 1.85
N VAL C 299 38.22 8.54 0.95
CA VAL C 299 38.08 8.97 -0.43
C VAL C 299 37.20 10.21 -0.49
N ARG C 300 37.65 11.20 -1.26
CA ARG C 300 36.90 12.43 -1.46
C ARG C 300 36.01 12.27 -2.68
N VAL C 301 34.80 12.83 -2.60
CA VAL C 301 33.77 12.61 -3.61
C VAL C 301 33.25 13.94 -4.11
N ILE C 302 33.34 14.15 -5.43
CA ILE C 302 32.54 15.13 -6.14
C ILE C 302 31.40 14.36 -6.80
N GLN C 303 30.16 14.79 -6.58
CA GLN C 303 29.00 14.01 -7.01
C GLN C 303 28.07 14.87 -7.84
N LEU C 304 27.88 14.47 -9.11
CA LEU C 304 26.97 15.15 -10.03
C LEU C 304 25.76 14.24 -10.20
N ASP C 305 24.62 14.67 -9.67
CA ASP C 305 23.39 13.91 -9.80
C ASP C 305 22.22 14.88 -9.84
N LEU C 306 21.21 14.53 -10.63
CA LEU C 306 20.03 15.37 -10.71
C LEU C 306 19.18 15.27 -9.44
N SER C 307 19.30 14.17 -8.70
CA SER C 307 18.48 13.93 -7.52
C SER C 307 19.22 14.45 -6.29
N ALA C 308 18.69 15.52 -5.68
CA ALA C 308 19.34 16.10 -4.51
C ALA C 308 19.41 15.09 -3.36
N GLU C 309 18.36 14.28 -3.20
CA GLU C 309 18.32 13.31 -2.11
C GLU C 309 19.39 12.24 -2.23
N GLU C 310 19.92 12.01 -3.44
CA GLU C 310 20.95 10.98 -3.63
C GLU C 310 22.34 11.44 -3.18
N ILE C 311 22.54 12.75 -3.04
CA ILE C 311 23.87 13.29 -2.75
C ILE C 311 24.33 12.84 -1.36
N GLY C 312 25.50 12.22 -1.31
CA GLY C 312 26.09 11.81 -0.05
C GLY C 312 25.64 10.47 0.47
N ASN C 313 24.93 9.69 -0.33
CA ASN C 313 24.48 8.38 0.10
C ASN C 313 25.67 7.44 0.29
N ASN C 314 25.71 6.76 1.44
CA ASN C 314 26.77 5.83 1.82
C ASN C 314 28.10 6.54 2.10
N ARG C 315 28.55 7.37 1.17
CA ARG C 315 29.81 8.10 1.34
C ARG C 315 29.53 9.58 1.12
N GLN C 316 29.86 10.40 2.11
CA GLN C 316 29.64 11.84 2.04
C GLN C 316 30.28 12.42 0.78
N ALA C 317 29.61 13.41 0.21
CA ALA C 317 30.14 14.14 -0.94
C ALA C 317 30.79 15.42 -0.47
N GLU C 318 32.05 15.63 -0.88
CA GLU C 318 32.75 16.87 -0.52
C GLU C 318 32.22 18.04 -1.35
N VAL C 319 31.90 17.82 -2.61
CA VAL C 319 31.31 18.83 -3.48
C VAL C 319 30.06 18.23 -4.11
N ALA C 320 28.93 18.90 -3.94
CA ALA C 320 27.66 18.46 -4.51
C ALA C 320 27.35 19.28 -5.75
N LEU C 321 27.04 18.60 -6.85
CA LEU C 321 26.64 19.24 -8.10
C LEU C 321 25.26 18.68 -8.46
N VAL C 322 24.22 19.34 -7.95
CA VAL C 322 22.85 18.91 -8.18
C VAL C 322 22.31 19.62 -9.42
N GLY C 323 21.93 18.84 -10.42
CA GLY C 323 21.40 19.41 -11.65
C GLY C 323 21.59 18.42 -12.79
N ASP C 324 21.43 18.94 -14.00
CA ASP C 324 21.51 18.11 -15.20
C ASP C 324 22.96 17.86 -15.58
N GLY C 325 23.25 16.63 -16.00
CA GLY C 325 24.61 16.26 -16.34
C GLY C 325 25.19 17.08 -17.48
N LYS C 326 24.40 17.26 -18.55
CA LYS C 326 24.88 18.04 -19.69
C LYS C 326 25.13 19.48 -19.31
N ALA C 327 24.19 20.08 -18.59
CA ALA C 327 24.33 21.49 -18.19
C ALA C 327 25.52 21.69 -17.26
N ILE C 328 25.68 20.81 -16.27
CA ILE C 328 26.71 21.03 -15.26
C ILE C 328 28.10 20.79 -15.83
N VAL C 329 28.26 19.75 -16.66
CA VAL C 329 29.56 19.54 -17.29
C VAL C 329 29.87 20.68 -18.24
N GLY C 330 28.84 21.29 -18.86
CA GLY C 330 29.06 22.50 -19.63
C GLY C 330 29.62 23.63 -18.79
N GLN C 331 29.07 23.83 -17.58
CA GLN C 331 29.63 24.80 -16.66
C GLN C 331 31.09 24.49 -16.33
N LEU C 332 31.40 23.20 -16.11
CA LEU C 332 32.76 22.82 -15.77
C LEU C 332 33.72 23.10 -16.91
N ASN C 333 33.29 22.83 -18.15
CA ASN C 333 34.12 23.12 -19.31
C ASN C 333 34.37 24.62 -19.45
N GLN C 334 33.34 25.42 -19.18
CA GLN C 334 33.51 26.88 -19.27
C GLN C 334 34.40 27.39 -18.15
N ALA C 335 34.24 26.86 -16.93
CA ALA C 335 35.06 27.30 -15.82
C ALA C 335 36.49 26.79 -15.93
N LEU C 336 36.68 25.63 -16.56
CA LEU C 336 38.03 25.10 -16.75
C LEU C 336 38.90 26.05 -17.56
N SER C 337 38.29 26.79 -18.49
CA SER C 337 39.06 27.70 -19.33
C SER C 337 39.66 28.84 -18.52
N SER C 338 38.99 29.26 -17.44
CA SER C 338 39.53 30.32 -16.60
C SER C 338 40.84 29.93 -15.93
N ARG C 339 41.13 28.65 -15.84
CA ARG C 339 42.36 28.16 -15.21
C ARG C 339 43.33 27.66 -16.28
N GLN C 340 44.49 27.22 -15.80
CA GLN C 340 45.52 26.63 -16.66
C GLN C 340 45.94 25.30 -16.02
N TRP C 341 45.00 24.36 -15.99
CA TRP C 341 45.25 23.08 -15.33
C TRP C 341 44.73 21.93 -16.17
N PHE C 342 45.54 20.88 -16.23
CA PHE C 342 45.12 19.54 -16.59
C PHE C 342 45.93 18.58 -15.74
N TYR C 343 45.42 17.36 -15.58
CA TYR C 343 46.15 16.36 -14.80
C TYR C 343 47.43 15.99 -15.54
N PRO C 344 48.59 16.03 -14.88
CA PRO C 344 49.87 15.93 -15.60
C PRO C 344 50.03 14.62 -16.36
N ALA C 345 50.86 14.67 -17.41
CA ALA C 345 51.02 13.51 -18.29
C ALA C 345 51.79 12.38 -17.61
N GLU C 346 52.66 12.70 -16.65
CA GLU C 346 53.49 11.72 -15.97
C GLU C 346 53.24 11.83 -14.47
N THR C 347 52.58 10.84 -13.90
CA THR C 347 52.38 10.72 -12.46
C THR C 347 52.52 9.26 -12.08
N PRO C 348 52.86 8.98 -10.82
CA PRO C 348 52.80 7.58 -10.35
C PRO C 348 51.43 6.96 -10.50
N TRP C 349 50.38 7.76 -10.40
CA TRP C 349 49.02 7.26 -10.59
C TRP C 349 48.84 6.69 -11.99
N ARG C 350 49.32 7.40 -13.01
CA ARG C 350 49.21 6.91 -14.37
C ARG C 350 50.03 5.65 -14.59
N GLU C 351 51.20 5.56 -13.96
CA GLU C 351 52.02 4.37 -14.10
C GLU C 351 51.37 3.16 -13.43
N ALA C 352 50.77 3.37 -12.26
CA ALA C 352 50.10 2.26 -11.57
C ALA C 352 48.92 1.75 -12.39
N ILE C 353 48.14 2.66 -12.97
CA ILE C 353 46.99 2.26 -13.78
C ILE C 353 47.46 1.46 -15.00
N ALA C 354 48.47 1.97 -15.70
CA ALA C 354 48.93 1.29 -16.91
C ALA C 354 49.53 -0.08 -16.60
N ALA C 355 50.20 -0.21 -15.45
CA ALA C 355 50.78 -1.49 -15.07
C ALA C 355 49.70 -2.51 -14.75
N LYS C 356 48.62 -2.08 -14.11
CA LYS C 356 47.55 -3.02 -13.77
C LYS C 356 46.77 -3.42 -15.02
N ILE C 357 46.58 -2.49 -15.96
CA ILE C 357 45.93 -2.83 -17.22
C ILE C 357 46.73 -3.90 -17.96
N ALA C 358 48.04 -3.71 -18.08
CA ALA C 358 48.88 -4.70 -18.74
C ALA C 358 48.85 -6.03 -18.00
N GLY C 359 48.85 -5.99 -16.67
CA GLY C 359 48.77 -7.22 -15.89
C GLY C 359 47.46 -7.96 -16.12
N ASN C 360 46.34 -7.24 -16.11
CA ASN C 360 45.05 -7.87 -16.36
C ASN C 360 44.94 -8.36 -17.80
N GLN C 361 45.53 -7.64 -18.76
CA GLN C 361 45.52 -8.12 -20.13
C GLN C 361 46.27 -9.44 -20.26
N ALA C 362 47.44 -9.54 -19.62
CA ALA C 362 48.21 -10.78 -19.68
C ALA C 362 47.52 -11.93 -18.94
N ALA C 363 46.63 -11.62 -17.99
CA ALA C 363 45.97 -12.68 -17.24
C ALA C 363 44.92 -13.39 -18.10
N VAL C 364 44.24 -12.67 -18.98
CA VAL C 364 43.20 -13.26 -19.82
C VAL C 364 43.68 -13.59 -21.22
N ALA C 365 44.86 -13.14 -21.63
CA ALA C 365 45.37 -13.44 -22.96
C ALA C 365 45.39 -14.93 -23.29
N PRO C 366 45.87 -15.82 -22.42
CA PRO C 366 45.84 -17.26 -22.78
C PRO C 366 44.44 -17.80 -22.98
N MET C 367 43.47 -17.33 -22.18
CA MET C 367 42.10 -17.80 -22.31
C MET C 367 41.48 -17.33 -23.63
N ILE C 368 41.79 -16.10 -24.04
CA ILE C 368 41.30 -15.59 -25.32
C ILE C 368 41.86 -16.40 -26.48
N ALA C 369 43.13 -16.82 -26.38
CA ALA C 369 43.78 -17.50 -27.48
C ALA C 369 43.54 -19.01 -27.50
N ASP C 370 42.96 -19.57 -26.45
CA ASP C 370 42.83 -21.02 -26.30
C ASP C 370 41.71 -21.53 -27.20
N ASN C 371 42.07 -22.25 -28.26
CA ASN C 371 41.10 -22.83 -29.19
C ASN C 371 40.53 -24.16 -28.71
N THR C 372 40.77 -24.54 -27.46
CA THR C 372 40.25 -25.80 -26.94
C THR C 372 38.72 -25.80 -27.00
N SER C 373 38.16 -26.95 -27.42
CA SER C 373 36.74 -27.18 -27.38
C SER C 373 36.41 -28.26 -26.36
N PRO C 374 35.37 -28.07 -25.52
CA PRO C 374 34.44 -26.94 -25.43
C PRO C 374 35.13 -25.63 -25.07
N MET C 375 34.65 -24.51 -25.64
CA MET C 375 35.34 -23.24 -25.52
C MET C 375 35.05 -22.57 -24.18
N ASN C 376 36.02 -21.79 -23.71
CA ASN C 376 35.79 -20.92 -22.56
C ASN C 376 35.13 -19.63 -23.02
N TYR C 377 34.74 -18.80 -22.05
CA TYR C 377 34.01 -17.58 -22.38
C TYR C 377 34.85 -16.62 -23.20
N TYR C 378 36.09 -16.39 -22.78
CA TYR C 378 36.94 -15.42 -23.47
C TYR C 378 37.25 -15.85 -24.90
N ARG C 379 37.38 -17.16 -25.13
CA ARG C 379 37.57 -17.65 -26.49
C ARG C 379 36.34 -17.40 -27.36
N VAL C 380 35.14 -17.61 -26.80
CA VAL C 380 33.93 -17.36 -27.57
C VAL C 380 33.84 -15.89 -27.94
N TYR C 381 34.11 -15.00 -26.99
CA TYR C 381 34.01 -13.57 -27.27
C TYR C 381 35.08 -13.08 -28.22
N ARG C 382 36.16 -13.84 -28.43
CA ARG C 382 37.16 -13.42 -29.41
C ARG C 382 36.55 -13.34 -30.80
N ASP C 383 35.75 -14.34 -31.19
CA ASP C 383 35.07 -14.32 -32.47
C ASP C 383 33.88 -13.38 -32.48
N ILE C 384 33.18 -13.24 -31.35
CA ILE C 384 32.03 -12.33 -31.31
C ILE C 384 32.50 -10.89 -31.44
N ALA C 385 33.47 -10.48 -30.60
CA ALA C 385 33.93 -9.10 -30.62
C ALA C 385 34.48 -8.71 -31.99
N ALA C 386 35.19 -9.63 -32.65
CA ALA C 386 35.77 -9.33 -33.95
C ALA C 386 34.71 -9.08 -35.01
N ARG C 387 33.47 -9.52 -34.79
CA ARG C 387 32.41 -9.39 -35.77
C ARG C 387 31.33 -8.40 -35.34
N LEU C 388 31.57 -7.64 -34.29
CA LEU C 388 30.61 -6.64 -33.84
C LEU C 388 30.86 -5.32 -34.55
N PRO C 389 29.91 -4.80 -35.32
CA PRO C 389 30.09 -3.47 -35.91
C PRO C 389 30.18 -2.40 -34.85
N ARG C 390 30.93 -1.34 -35.16
CA ARG C 390 31.19 -0.30 -34.18
C ARG C 390 29.97 0.53 -33.84
N ASN C 391 28.89 0.44 -34.61
CA ASN C 391 27.65 1.13 -34.29
C ASN C 391 26.55 0.17 -33.80
N ALA C 392 26.92 -1.05 -33.44
CA ALA C 392 25.93 -2.04 -33.02
C ALA C 392 25.27 -1.61 -31.70
N ILE C 393 24.08 -2.17 -31.47
CA ILE C 393 23.41 -2.09 -30.18
C ILE C 393 23.51 -3.47 -29.54
N ILE C 394 24.11 -3.53 -28.36
CA ILE C 394 24.46 -4.78 -27.71
C ILE C 394 23.55 -4.97 -26.51
N VAL C 395 22.93 -6.14 -26.42
CA VAL C 395 22.15 -6.55 -25.25
C VAL C 395 22.90 -7.70 -24.58
N GLY C 396 23.19 -7.54 -23.30
CA GLY C 396 23.88 -8.56 -22.52
C GLY C 396 23.03 -9.00 -21.36
N GLU C 397 23.00 -10.31 -21.10
CA GLU C 397 22.14 -10.85 -20.07
C GLU C 397 22.64 -12.23 -19.66
N GLY C 398 22.70 -12.46 -18.36
CA GLY C 398 23.23 -13.67 -17.78
C GLY C 398 24.09 -13.32 -16.58
N ALA C 399 24.92 -14.26 -16.16
CA ALA C 399 25.88 -13.97 -15.11
C ALA C 399 27.28 -13.89 -15.72
N ASN C 400 27.92 -15.04 -15.93
CA ASN C 400 29.23 -15.03 -16.58
C ASN C 400 29.14 -14.54 -18.02
N THR C 401 28.11 -14.98 -18.76
CA THR C 401 27.93 -14.51 -20.13
C THR C 401 27.86 -12.98 -20.20
N MET C 402 27.12 -12.37 -19.28
CA MET C 402 26.96 -10.93 -19.30
C MET C 402 28.19 -10.22 -18.74
N ASP C 403 28.71 -10.69 -17.60
CA ASP C 403 29.82 -10.00 -16.96
C ASP C 403 31.09 -10.07 -17.81
N ILE C 404 31.37 -11.24 -18.40
CA ILE C 404 32.55 -11.35 -19.26
C ILE C 404 32.33 -10.60 -20.56
N GLY C 405 31.11 -10.66 -21.10
CA GLY C 405 30.81 -9.88 -22.29
C GLY C 405 30.95 -8.39 -22.08
N ARG C 406 30.74 -7.92 -20.85
CA ARG C 406 30.85 -6.49 -20.56
C ARG C 406 32.27 -5.98 -20.80
N THR C 407 33.27 -6.79 -20.48
CA THR C 407 34.66 -6.38 -20.69
C THR C 407 35.18 -6.74 -22.09
N GLN C 408 34.56 -7.70 -22.75
CA GLN C 408 35.05 -8.15 -24.05
C GLN C 408 34.35 -7.48 -25.22
N MET C 409 33.19 -6.86 -25.01
CA MET C 409 32.44 -6.19 -26.06
C MET C 409 32.47 -4.68 -25.80
N PRO C 410 33.40 -3.95 -26.41
CA PRO C 410 33.46 -2.50 -26.19
C PRO C 410 32.38 -1.76 -26.95
N ASN C 411 31.94 -0.64 -26.37
CA ASN C 411 31.02 0.28 -27.02
C ASN C 411 31.73 1.61 -27.27
N PHE C 412 31.48 2.19 -28.44
CA PHE C 412 32.16 3.42 -28.83
C PHE C 412 31.24 4.62 -28.93
N GLU C 413 29.94 4.44 -28.79
CA GLU C 413 28.97 5.53 -28.72
C GLU C 413 27.99 5.21 -27.61
N PRO C 414 27.40 6.24 -26.99
CA PRO C 414 26.55 6.00 -25.81
C PRO C 414 25.23 5.34 -26.19
N ARG C 415 24.52 4.90 -25.15
CA ARG C 415 23.17 4.33 -25.29
C ARG C 415 23.15 3.16 -26.26
N SER C 416 24.23 2.38 -26.31
CA SER C 416 24.35 1.27 -27.23
C SER C 416 24.59 -0.05 -26.51
N ARG C 417 24.44 -0.08 -25.19
CA ARG C 417 24.49 -1.30 -24.40
C ARG C 417 23.30 -1.30 -23.46
N LEU C 418 22.55 -2.40 -23.46
CA LEU C 418 21.40 -2.60 -22.58
C LEU C 418 21.59 -3.95 -21.89
N ASP C 419 21.63 -3.95 -20.57
CA ASP C 419 21.92 -5.19 -19.85
C ASP C 419 20.99 -5.31 -18.65
N ALA C 420 21.36 -6.16 -17.69
CA ALA C 420 20.50 -6.45 -16.55
C ALA C 420 20.29 -5.24 -15.65
N GLY C 421 21.20 -4.27 -15.69
CA GLY C 421 20.96 -2.99 -15.05
C GLY C 421 21.03 -3.03 -13.52
N SER C 422 20.57 -1.93 -12.93
CA SER C 422 20.68 -1.71 -11.49
C SER C 422 19.85 -2.70 -10.69
N TYR C 423 18.91 -3.39 -11.32
CA TYR C 423 18.07 -4.38 -10.66
C TYR C 423 18.61 -5.80 -10.80
N GLY C 424 19.59 -6.01 -11.68
CA GLY C 424 20.10 -7.35 -11.94
C GLY C 424 19.04 -8.28 -12.49
N THR C 425 18.23 -7.79 -13.42
CA THR C 425 17.04 -8.51 -13.88
C THR C 425 17.39 -9.48 -15.00
N MET C 426 17.00 -10.74 -14.81
CA MET C 426 16.90 -11.69 -15.91
C MET C 426 15.49 -11.59 -16.51
N GLY C 427 15.42 -11.61 -17.83
CA GLY C 427 14.16 -11.46 -18.53
C GLY C 427 14.06 -10.21 -19.38
N ILE C 428 15.11 -9.39 -19.41
CA ILE C 428 15.10 -8.17 -20.22
C ILE C 428 15.60 -8.40 -21.65
N GLY C 429 16.27 -9.52 -21.90
CA GLY C 429 17.02 -9.74 -23.13
C GLY C 429 16.32 -9.45 -24.44
N LEU C 430 15.38 -10.32 -24.82
CA LEU C 430 14.74 -10.14 -26.11
C LEU C 430 13.78 -8.95 -26.11
N GLY C 431 13.26 -8.56 -24.94
CA GLY C 431 12.48 -7.34 -24.87
C GLY C 431 13.30 -6.11 -25.21
N PHE C 432 14.51 -6.02 -24.64
CA PHE C 432 15.41 -4.92 -24.98
C PHE C 432 15.81 -4.96 -26.45
N ALA C 433 16.07 -6.17 -26.98
CA ALA C 433 16.50 -6.30 -28.36
C ALA C 433 15.39 -5.87 -29.33
N VAL C 434 14.15 -6.26 -29.04
CA VAL C 434 13.02 -5.85 -29.87
C VAL C 434 12.84 -4.35 -29.84
N ALA C 435 13.00 -3.74 -28.67
CA ALA C 435 12.90 -2.29 -28.56
C ALA C 435 14.01 -1.61 -29.37
N ALA C 436 15.23 -2.11 -29.26
CA ALA C 436 16.34 -1.52 -30.00
C ALA C 436 16.13 -1.67 -31.50
N ALA C 437 15.64 -2.85 -31.93
CA ALA C 437 15.38 -3.05 -33.35
C ALA C 437 14.26 -2.15 -33.85
N ALA C 438 13.30 -1.82 -32.99
CA ALA C 438 12.21 -0.93 -33.42
C ALA C 438 12.67 0.52 -33.50
N VAL C 439 13.49 0.96 -32.54
CA VAL C 439 13.87 2.36 -32.46
C VAL C 439 14.96 2.69 -33.46
N HIS C 440 15.91 1.76 -33.67
CA HIS C 440 17.03 1.97 -34.58
C HIS C 440 17.09 0.82 -35.58
N PRO C 441 16.12 0.74 -36.50
CA PRO C 441 16.12 -0.36 -37.48
C PRO C 441 17.32 -0.33 -38.41
N GLY C 442 17.99 0.80 -38.56
CA GLY C 442 19.16 0.91 -39.40
C GLY C 442 20.46 0.52 -38.72
N ARG C 443 20.41 0.00 -37.50
CA ARG C 443 21.60 -0.40 -36.80
C ARG C 443 21.52 -1.87 -36.41
N PRO C 444 22.65 -2.59 -36.40
CA PRO C 444 22.61 -3.99 -35.98
C PRO C 444 22.34 -4.12 -34.49
N VAL C 445 21.52 -5.11 -34.14
CA VAL C 445 21.14 -5.39 -32.77
C VAL C 445 21.56 -6.82 -32.45
N ILE C 446 22.47 -6.97 -31.50
CA ILE C 446 23.04 -8.26 -31.13
C ILE C 446 22.79 -8.48 -29.65
N ALA C 447 22.17 -9.61 -29.31
CA ALA C 447 21.92 -10.00 -27.92
C ALA C 447 22.73 -11.24 -27.61
N VAL C 448 23.59 -11.15 -26.61
CA VAL C 448 24.40 -12.27 -26.14
C VAL C 448 23.87 -12.69 -24.77
N GLN C 449 23.17 -13.82 -24.72
CA GLN C 449 22.54 -14.29 -23.51
C GLN C 449 23.13 -15.63 -23.08
N GLY C 450 23.16 -15.84 -21.77
CA GLY C 450 23.36 -17.19 -21.26
C GLY C 450 22.13 -18.04 -21.50
N ASP C 451 22.30 -19.35 -21.31
CA ASP C 451 21.19 -20.25 -21.61
C ASP C 451 20.02 -20.05 -20.65
N SER C 452 20.31 -19.78 -19.37
CA SER C 452 19.24 -19.49 -18.42
C SER C 452 18.54 -18.20 -18.78
N ALA C 453 19.31 -17.15 -19.11
CA ALA C 453 18.72 -15.87 -19.47
C ALA C 453 17.80 -15.98 -20.68
N PHE C 454 18.22 -16.74 -21.69
CA PHE C 454 17.42 -16.85 -22.91
C PHE C 454 16.04 -17.44 -22.63
N GLY C 455 15.97 -18.39 -21.69
CA GLY C 455 14.71 -19.04 -21.38
C GLY C 455 13.65 -18.11 -20.80
N PHE C 456 14.06 -16.96 -20.25
CA PHE C 456 13.10 -16.04 -19.66
C PHE C 456 12.22 -15.38 -20.71
N SER C 457 12.79 -15.01 -21.85
CA SER C 457 12.08 -14.22 -22.85
C SER C 457 12.26 -14.78 -24.27
N GLY C 458 12.65 -16.05 -24.39
CA GLY C 458 13.01 -16.58 -25.70
C GLY C 458 11.87 -16.61 -26.68
N MET C 459 10.64 -16.73 -26.20
CA MET C 459 9.48 -16.75 -27.10
C MET C 459 9.34 -15.46 -27.90
N GLU C 460 9.91 -14.34 -27.42
CA GLU C 460 9.84 -13.09 -28.16
C GLU C 460 10.60 -13.14 -29.48
N PHE C 461 11.32 -14.22 -29.76
CA PHE C 461 11.92 -14.38 -31.08
C PHE C 461 10.86 -14.39 -32.17
N GLU C 462 9.68 -14.95 -31.87
CA GLU C 462 8.58 -14.90 -32.84
C GLU C 462 8.18 -13.45 -33.11
N THR C 463 8.19 -12.61 -32.09
CA THR C 463 7.86 -11.20 -32.28
C THR C 463 8.84 -10.55 -33.26
N ALA C 464 10.14 -10.80 -33.07
CA ALA C 464 11.15 -10.23 -33.97
C ALA C 464 10.93 -10.69 -35.40
N ALA C 465 10.70 -11.99 -35.59
CA ALA C 465 10.48 -12.51 -36.94
C ALA C 465 9.19 -11.95 -37.55
N ARG C 466 8.15 -11.79 -36.73
CA ARG C 466 6.88 -11.29 -37.24
C ARG C 466 7.01 -9.86 -37.76
N TYR C 467 7.84 -9.05 -37.10
CA TYR C 467 8.02 -7.66 -37.50
C TYR C 467 9.27 -7.46 -38.34
N GLY C 468 9.93 -8.54 -38.79
CA GLY C 468 11.08 -8.41 -39.65
C GLY C 468 12.28 -7.77 -39.00
N MET C 469 12.46 -7.97 -37.69
CA MET C 469 13.60 -7.43 -36.97
C MET C 469 14.76 -8.40 -37.06
N PRO C 470 15.86 -8.07 -37.73
CA PRO C 470 16.99 -9.00 -37.89
C PRO C 470 17.89 -9.06 -36.66
N ILE C 471 17.28 -9.38 -35.52
CA ILE C 471 18.02 -9.48 -34.26
C ILE C 471 18.92 -10.70 -34.29
N LYS C 472 20.15 -10.53 -33.82
CA LYS C 472 21.13 -11.61 -33.77
C LYS C 472 21.25 -12.08 -32.33
N VAL C 473 20.75 -13.28 -32.05
CA VAL C 473 20.74 -13.85 -30.70
C VAL C 473 21.85 -14.89 -30.62
N ILE C 474 22.83 -14.65 -29.75
CA ILE C 474 23.94 -15.57 -29.51
C ILE C 474 23.80 -16.10 -28.09
N ILE C 475 23.61 -17.42 -27.97
CA ILE C 475 23.40 -18.07 -26.68
C ILE C 475 24.68 -18.83 -26.31
N LEU C 476 25.22 -18.53 -25.14
CA LEU C 476 26.34 -19.27 -24.58
C LEU C 476 25.76 -20.26 -23.58
N ASN C 477 25.80 -21.55 -23.93
CA ASN C 477 25.08 -22.58 -23.19
C ASN C 477 26.09 -23.44 -22.42
N ASN C 478 26.22 -23.18 -21.12
CA ASN C 478 26.97 -24.05 -20.24
C ASN C 478 26.08 -25.06 -19.53
N GLY C 479 24.78 -25.05 -19.81
CA GLY C 479 23.88 -26.03 -19.23
C GLY C 479 23.44 -25.73 -17.81
N GLY C 480 23.41 -24.47 -17.40
CA GLY C 480 22.95 -24.16 -16.07
C GLY C 480 22.98 -22.68 -15.79
N ILE C 481 22.62 -22.35 -14.55
CA ILE C 481 22.58 -20.97 -14.06
C ILE C 481 23.95 -20.66 -13.47
N GLY C 482 24.72 -19.82 -14.15
CA GLY C 482 26.06 -19.45 -13.72
C GLY C 482 27.15 -20.46 -14.04
N MET C 483 26.81 -21.74 -14.11
CA MET C 483 27.79 -22.79 -14.40
C MET C 483 27.04 -24.06 -14.78
N GLY C 484 27.77 -24.98 -15.40
CA GLY C 484 27.20 -26.25 -15.77
C GLY C 484 27.05 -27.19 -14.59
N SER C 485 26.66 -28.43 -14.91
CA SER C 485 26.42 -29.42 -13.87
C SER C 485 26.55 -30.80 -14.49
N PRO C 486 27.20 -31.75 -13.82
CA PRO C 486 27.26 -33.12 -14.35
C PRO C 486 25.87 -33.74 -14.40
N ALA C 487 25.71 -34.71 -15.30
CA ALA C 487 24.44 -35.40 -15.40
C ALA C 487 24.13 -36.12 -14.09
N PRO C 488 22.89 -36.04 -13.58
CA PRO C 488 22.48 -36.62 -12.30
C PRO C 488 22.73 -38.12 -12.20
N GLY C 491 19.28 -42.25 -9.41
CA GLY C 491 18.64 -42.12 -8.12
C GLY C 491 18.86 -40.77 -7.47
N GLN C 492 19.32 -39.80 -8.27
CA GLN C 492 19.60 -38.47 -7.78
C GLN C 492 18.83 -37.44 -8.61
N PRO C 493 18.19 -36.46 -7.98
CA PRO C 493 17.52 -35.41 -8.74
C PRO C 493 18.54 -34.45 -9.35
N GLY C 494 18.08 -33.69 -10.33
CA GLY C 494 18.91 -32.65 -10.90
C GLY C 494 19.16 -31.53 -9.91
N MET C 495 20.34 -30.92 -10.03
CA MET C 495 20.67 -29.82 -9.15
C MET C 495 19.83 -28.59 -9.51
N PRO C 496 19.52 -27.75 -8.52
CA PRO C 496 18.58 -26.64 -8.78
C PRO C 496 19.03 -25.66 -9.85
N HIS C 497 20.34 -25.50 -10.02
CA HIS C 497 20.85 -24.55 -11.01
C HIS C 497 21.04 -25.17 -12.39
N ALA C 498 20.77 -26.46 -12.55
CA ALA C 498 21.07 -27.16 -13.78
C ALA C 498 19.99 -26.95 -14.83
N LEU C 499 20.41 -26.79 -16.08
CA LEU C 499 19.48 -26.77 -17.21
C LEU C 499 19.86 -27.87 -18.19
N SER C 500 19.81 -27.59 -19.50
CA SER C 500 20.10 -28.60 -20.51
C SER C 500 21.33 -28.18 -21.31
N HIS C 501 22.46 -28.84 -21.04
CA HIS C 501 23.68 -28.53 -21.78
C HIS C 501 23.57 -28.93 -23.25
N ASP C 502 22.76 -29.95 -23.56
CA ASP C 502 22.59 -30.42 -24.93
C ASP C 502 21.36 -29.84 -25.61
N ALA C 503 20.71 -28.85 -25.01
CA ALA C 503 19.54 -28.24 -25.63
C ALA C 503 19.93 -27.55 -26.94
N ARG C 504 19.04 -27.63 -27.92
CA ARG C 504 19.27 -27.06 -29.24
C ARG C 504 18.37 -25.85 -29.42
N TYR C 505 18.70 -24.78 -28.68
CA TYR C 505 17.88 -23.57 -28.69
C TYR C 505 17.74 -22.99 -30.09
N GLU C 506 18.71 -23.23 -30.97
CA GLU C 506 18.67 -22.63 -32.30
C GLU C 506 17.50 -23.14 -33.13
N ARG C 507 16.95 -24.31 -32.80
CA ARG C 507 15.77 -24.79 -33.52
C ARG C 507 14.55 -23.93 -33.23
N ILE C 508 14.57 -23.14 -32.16
CA ILE C 508 13.50 -22.17 -31.92
C ILE C 508 13.46 -21.15 -33.05
N ALA C 509 14.63 -20.78 -33.58
CA ALA C 509 14.68 -19.83 -34.69
C ALA C 509 13.98 -20.39 -35.92
N GLU C 510 14.13 -21.70 -36.16
CA GLU C 510 13.51 -22.33 -37.31
C GLU C 510 12.02 -22.56 -37.12
N ALA C 511 11.51 -22.43 -35.89
CA ALA C 511 10.07 -22.46 -35.69
C ALA C 511 9.40 -21.23 -36.28
N PHE C 512 10.11 -20.12 -36.37
CA PHE C 512 9.53 -18.84 -36.75
C PHE C 512 10.20 -18.23 -37.98
N GLY C 513 10.88 -19.04 -38.79
CA GLY C 513 11.43 -18.57 -40.04
C GLY C 513 12.81 -17.97 -39.97
N GLY C 514 13.45 -17.97 -38.81
CA GLY C 514 14.80 -17.47 -38.68
C GLY C 514 15.84 -18.52 -39.02
N ALA C 515 17.10 -18.14 -38.84
CA ALA C 515 18.23 -19.02 -39.10
C ALA C 515 18.84 -19.46 -37.79
N GLY C 516 19.06 -20.77 -37.64
CA GLY C 516 19.65 -21.33 -36.44
C GLY C 516 20.99 -21.97 -36.74
N PHE C 517 21.94 -21.79 -35.82
CA PHE C 517 23.29 -22.34 -35.96
C PHE C 517 23.71 -22.95 -34.64
N TYR C 518 24.24 -24.17 -34.69
CA TYR C 518 24.68 -24.89 -33.50
C TYR C 518 26.20 -25.04 -33.55
N VAL C 519 26.87 -24.59 -32.48
CA VAL C 519 28.33 -24.55 -32.42
C VAL C 519 28.79 -25.33 -31.20
N THR C 520 29.64 -26.33 -31.41
CA THR C 520 30.31 -27.02 -30.32
C THR C 520 31.83 -26.94 -30.42
N ASP C 521 32.39 -26.79 -31.61
CA ASP C 521 33.82 -26.73 -31.81
C ASP C 521 34.23 -25.32 -32.20
N SER C 522 35.44 -24.93 -31.77
CA SER C 522 35.93 -23.58 -32.06
C SER C 522 35.99 -23.31 -33.56
N ALA C 523 36.29 -24.34 -34.37
CA ALA C 523 36.40 -24.15 -35.80
C ALA C 523 35.06 -23.81 -36.46
N GLU C 524 33.94 -24.12 -35.80
CA GLU C 524 32.62 -23.80 -36.33
C GLU C 524 32.16 -22.40 -35.96
N LEU C 525 32.80 -21.75 -34.98
CA LEU C 525 32.24 -20.54 -34.40
C LEU C 525 32.27 -19.38 -35.38
N GLY C 526 33.44 -19.10 -35.96
CA GLY C 526 33.59 -18.03 -36.92
C GLY C 526 32.61 -18.11 -38.07
N PRO C 527 32.63 -19.23 -38.80
CA PRO C 527 31.68 -19.37 -39.92
C PRO C 527 30.23 -19.28 -39.52
N ALA C 528 29.86 -19.75 -38.32
CA ALA C 528 28.47 -19.63 -37.90
C ALA C 528 28.09 -18.19 -37.64
N LEU C 529 28.96 -17.43 -36.97
CA LEU C 529 28.68 -16.02 -36.74
C LEU C 529 28.63 -15.23 -38.04
N ASP C 530 29.52 -15.56 -38.98
CA ASP C 530 29.49 -14.89 -40.29
C ASP C 530 28.15 -15.11 -40.98
N ALA C 531 27.64 -16.34 -40.94
CA ALA C 531 26.38 -16.63 -41.61
C ALA C 531 25.20 -15.96 -40.91
N ALA C 532 25.19 -15.99 -39.57
CA ALA C 532 24.10 -15.35 -38.84
C ALA C 532 24.07 -13.85 -39.07
N MET C 533 25.23 -13.20 -39.06
CA MET C 533 25.27 -11.76 -39.31
C MET C 533 24.85 -11.41 -40.72
N ALA C 534 25.16 -12.27 -41.69
CA ALA C 534 24.82 -11.98 -43.08
C ALA C 534 23.40 -12.40 -43.43
N PHE C 535 22.77 -13.24 -42.61
CA PHE C 535 21.39 -13.66 -42.87
C PHE C 535 20.45 -12.47 -42.79
N LYS C 536 19.61 -12.32 -43.81
CA LYS C 536 18.67 -11.19 -43.90
C LYS C 536 17.41 -11.47 -43.06
N GLY C 537 17.63 -11.62 -41.75
CA GLY C 537 16.56 -11.88 -40.82
C GLY C 537 17.10 -12.22 -39.45
N PRO C 538 16.21 -12.50 -38.49
CA PRO C 538 16.66 -12.86 -37.15
C PRO C 538 17.33 -14.23 -37.13
N ALA C 539 18.22 -14.42 -36.15
CA ALA C 539 19.03 -15.63 -36.10
C ALA C 539 19.38 -15.97 -34.67
N ILE C 540 19.60 -17.26 -34.43
CA ILE C 540 20.07 -17.76 -33.14
C ILE C 540 21.33 -18.58 -33.39
N VAL C 541 22.41 -18.23 -32.70
CA VAL C 541 23.63 -19.02 -32.68
C VAL C 541 23.74 -19.62 -31.28
N ASN C 542 23.58 -20.93 -31.19
CA ASN C 542 23.61 -21.65 -29.92
C ASN C 542 24.99 -22.27 -29.76
N ILE C 543 25.74 -21.79 -28.77
CA ILE C 543 27.12 -22.23 -28.54
C ILE C 543 27.15 -23.04 -27.26
N LYS C 544 27.57 -24.29 -27.35
CA LYS C 544 27.72 -25.17 -26.20
C LYS C 544 29.13 -24.98 -25.64
N ILE C 545 29.23 -24.24 -24.55
CA ILE C 545 30.52 -23.90 -23.96
C ILE C 545 30.83 -24.89 -22.84
N ALA C 546 32.05 -24.81 -22.31
CA ALA C 546 32.47 -25.69 -21.24
C ALA C 546 31.62 -25.46 -19.98
N ALA C 547 31.24 -26.56 -19.34
CA ALA C 547 30.37 -26.47 -18.17
C ALA C 547 31.03 -25.73 -17.01
N THR C 548 32.36 -25.75 -16.94
CA THR C 548 33.08 -25.15 -15.83
C THR C 548 33.83 -23.88 -16.21
N ALA C 549 33.56 -23.31 -17.38
CA ALA C 549 34.19 -22.05 -17.76
C ALA C 549 33.76 -20.95 -16.80
N ASP C 550 34.70 -20.06 -16.48
CA ASP C 550 34.46 -19.03 -15.48
C ASP C 550 35.20 -17.75 -15.89
N ARG C 551 34.90 -16.67 -15.18
CA ARG C 551 35.55 -15.39 -15.39
C ARG C 551 36.93 -15.39 -14.75
N LYS C 552 37.75 -14.42 -15.16
CA LYS C 552 39.09 -14.31 -14.59
C LYS C 552 39.00 -14.05 -13.09
N PRO C 553 39.91 -14.60 -12.31
CA PRO C 553 39.85 -14.41 -10.85
C PRO C 553 40.12 -12.96 -10.49
N GLN C 554 39.47 -12.52 -9.41
CA GLN C 554 39.60 -11.16 -8.91
C GLN C 554 39.89 -11.20 -7.41
N GLN C 555 40.46 -10.09 -6.93
CA GLN C 555 40.70 -9.96 -5.49
C GLN C 555 39.38 -9.95 -4.71
N PHE C 556 38.34 -9.35 -5.28
CA PHE C 556 37.05 -9.23 -4.61
C PHE C 556 35.94 -9.84 -5.46
N ASN C 557 34.98 -10.46 -4.77
CA ASN C 557 33.75 -10.89 -5.42
C ASN C 557 32.95 -9.68 -5.88
N TRP C 558 32.25 -9.83 -7.00
CA TRP C 558 31.49 -8.70 -7.54
C TRP C 558 30.43 -8.20 -6.57
N HIS C 559 29.85 -9.10 -5.77
CA HIS C 559 28.81 -8.74 -4.82
C HIS C 559 29.40 -8.41 -3.45
N GLY C 560 30.21 -9.30 -2.90
CA GLY C 560 30.86 -9.07 -1.63
C GLY C 560 29.89 -9.08 -0.47
N TYR D 1 38.36 -34.12 2.45
CA TYR D 1 39.08 -33.47 3.54
C TYR D 1 38.17 -33.27 4.73
N PHE D 2 37.45 -32.15 4.74
CA PHE D 2 36.38 -31.95 5.72
C PHE D 2 35.23 -32.94 5.53
N GLN D 3 35.18 -33.62 4.38
CA GLN D 3 34.17 -34.65 4.16
C GLN D 3 34.49 -35.94 4.89
N SER D 4 35.77 -36.22 5.15
CA SER D 4 36.16 -37.47 5.77
C SER D 4 35.47 -37.67 7.12
N ASN D 5 34.85 -38.85 7.29
CA ASN D 5 34.12 -39.13 8.51
C ASN D 5 35.05 -39.27 9.72
N ALA D 6 36.33 -39.52 9.50
CA ALA D 6 37.27 -39.59 10.61
C ALA D 6 37.57 -38.23 11.21
N MET D 7 37.36 -37.16 10.45
CA MET D 7 37.64 -35.82 10.93
C MET D 7 36.57 -35.37 11.92
N ALA D 8 37.01 -34.76 13.02
CA ALA D 8 36.08 -34.23 14.00
C ALA D 8 35.27 -33.09 13.39
N LYS D 9 33.94 -33.21 13.48
CA LYS D 9 33.02 -32.22 12.93
C LYS D 9 32.09 -31.75 14.05
N SER D 10 31.94 -30.43 14.18
CA SER D 10 30.96 -29.88 15.11
C SER D 10 29.60 -29.85 14.44
N GLU D 11 28.60 -30.48 15.07
CA GLU D 11 27.29 -30.66 14.47
C GLU D 11 26.19 -29.98 15.29
N GLY D 12 26.55 -29.05 16.17
CA GLY D 12 25.57 -28.42 17.03
C GLY D 12 24.75 -27.33 16.38
N LYS D 13 25.21 -26.78 15.25
CA LYS D 13 24.58 -25.62 14.65
C LYS D 13 23.85 -25.97 13.36
N VAL D 14 22.91 -25.12 13.01
CA VAL D 14 22.10 -25.25 11.80
C VAL D 14 21.85 -23.85 11.26
N ASN D 15 21.77 -23.72 9.94
CA ASN D 15 21.55 -22.41 9.33
C ASN D 15 20.10 -22.26 8.89
N GLY D 16 19.78 -21.04 8.45
CA GLY D 16 18.40 -20.72 8.12
C GLY D 16 17.84 -21.50 6.94
N ALA D 17 18.69 -21.78 5.94
CA ALA D 17 18.23 -22.56 4.80
C ALA D 17 17.81 -23.97 5.22
N THR D 18 18.55 -24.59 6.13
CA THR D 18 18.21 -25.92 6.59
C THR D 18 16.96 -25.91 7.47
N LEU D 19 16.82 -24.92 8.34
CA LEU D 19 15.62 -24.82 9.16
C LEU D 19 14.38 -24.61 8.29
N MET D 20 14.50 -23.75 7.27
CA MET D 20 13.41 -23.57 6.32
C MET D 20 13.02 -24.88 5.67
N ALA D 21 14.02 -25.62 5.17
CA ALA D 21 13.76 -26.89 4.50
C ALA D 21 13.08 -27.89 5.43
N ARG D 22 13.54 -27.96 6.68
N ARG D 22 13.54 -27.96 6.68
CA ARG D 22 12.92 -28.88 7.64
CA ARG D 22 12.92 -28.88 7.64
C ARG D 22 11.49 -28.45 7.97
C ARG D 22 11.49 -28.45 7.97
N ALA D 23 11.28 -27.14 8.13
CA ALA D 23 9.94 -26.64 8.46
C ALA D 23 8.96 -26.88 7.33
N LEU D 24 9.39 -26.65 6.08
CA LEU D 24 8.52 -26.89 4.93
C LEU D 24 8.16 -28.37 4.83
N GLN D 25 9.14 -29.25 5.03
CA GLN D 25 8.86 -30.68 4.97
C GLN D 25 7.91 -31.09 6.08
N GLN D 26 8.10 -30.56 7.29
CA GLN D 26 7.21 -30.87 8.40
C GLN D 26 5.78 -30.44 8.12
N GLN D 27 5.61 -29.32 7.40
CA GLN D 27 4.29 -28.79 7.12
C GLN D 27 3.67 -29.35 5.85
N GLY D 28 4.25 -30.39 5.28
CA GLY D 28 3.64 -31.04 4.13
C GLY D 28 3.96 -30.43 2.79
N VAL D 29 4.91 -29.50 2.73
CA VAL D 29 5.38 -29.01 1.43
C VAL D 29 6.17 -30.12 0.77
N GLN D 30 5.67 -30.61 -0.36
CA GLN D 30 6.35 -31.66 -1.12
C GLN D 30 6.94 -31.17 -2.43
N TYR D 31 6.51 -30.02 -2.93
CA TYR D 31 6.95 -29.52 -4.22
C TYR D 31 7.36 -28.06 -4.08
N MET D 32 8.46 -27.71 -4.75
CA MET D 32 8.97 -26.35 -4.74
C MET D 32 9.37 -25.98 -6.17
N PHE D 33 8.70 -24.99 -6.74
CA PHE D 33 8.95 -24.53 -8.10
C PHE D 33 9.61 -23.16 -8.03
N GLY D 34 10.69 -22.97 -8.78
CA GLY D 34 11.30 -21.66 -8.78
C GLY D 34 12.51 -21.59 -9.68
N ILE D 35 13.26 -20.50 -9.51
CA ILE D 35 14.52 -20.27 -10.20
C ILE D 35 15.51 -19.74 -9.19
N VAL D 36 16.68 -20.37 -9.12
CA VAL D 36 17.63 -20.06 -8.06
C VAL D 36 18.59 -18.95 -8.48
N GLY D 37 19.45 -18.56 -7.56
CA GLY D 37 20.24 -17.35 -7.68
C GLY D 37 20.41 -16.76 -6.31
N PHE D 38 21.13 -15.64 -6.25
CA PHE D 38 21.26 -14.94 -4.98
C PHE D 38 19.88 -14.56 -4.49
N PRO D 39 19.53 -14.85 -3.23
CA PRO D 39 20.30 -15.58 -2.22
C PRO D 39 19.70 -16.94 -1.88
N VAL D 40 18.90 -17.53 -2.77
CA VAL D 40 18.06 -18.66 -2.41
C VAL D 40 18.66 -20.01 -2.81
N ILE D 41 19.86 -20.02 -3.40
CA ILE D 41 20.51 -21.29 -3.73
C ILE D 41 20.57 -22.24 -2.53
N PRO D 42 21.00 -21.81 -1.34
CA PRO D 42 21.03 -22.75 -0.20
C PRO D 42 19.66 -23.31 0.16
N ILE D 43 18.58 -22.57 -0.11
CA ILE D 43 17.24 -23.03 0.26
C ILE D 43 16.83 -24.21 -0.62
N ALA D 44 17.05 -24.10 -1.93
CA ALA D 44 16.64 -25.18 -2.83
C ALA D 44 17.46 -26.43 -2.58
N ILE D 45 18.75 -26.29 -2.30
CA ILE D 45 19.60 -27.45 -2.02
C ILE D 45 19.19 -28.10 -0.71
N ALA D 46 18.88 -27.30 0.31
CA ALA D 46 18.44 -27.85 1.58
C ALA D 46 17.08 -28.53 1.45
N ALA D 47 16.22 -28.02 0.58
CA ALA D 47 14.92 -28.65 0.37
C ALA D 47 15.07 -30.05 -0.22
N GLN D 48 15.97 -30.20 -1.19
CA GLN D 48 16.21 -31.52 -1.78
C GLN D 48 16.73 -32.51 -0.76
N ARG D 49 17.55 -32.05 0.19
CA ARG D 49 18.08 -32.95 1.20
C ARG D 49 17.00 -33.41 2.17
N GLU D 50 15.91 -32.67 2.30
CA GLU D 50 14.78 -33.11 3.10
C GLU D 50 13.75 -33.89 2.30
N GLY D 51 14.02 -34.15 1.03
CA GLY D 51 13.12 -34.91 0.20
C GLY D 51 12.13 -34.10 -0.61
N ILE D 52 12.15 -32.77 -0.49
CA ILE D 52 11.24 -31.94 -1.27
C ILE D 52 11.66 -31.99 -2.73
N THR D 53 10.67 -32.08 -3.62
CA THR D 53 10.93 -32.10 -5.05
C THR D 53 11.06 -30.67 -5.55
N TYR D 54 12.28 -30.30 -5.97
CA TYR D 54 12.52 -28.96 -6.51
C TYR D 54 12.44 -29.01 -8.03
N ILE D 55 11.66 -28.10 -8.60
CA ILE D 55 11.45 -28.02 -10.04
C ILE D 55 11.93 -26.65 -10.50
N GLY D 56 13.08 -26.62 -11.16
CA GLY D 56 13.62 -25.38 -11.69
C GLY D 56 12.98 -24.99 -13.01
N MET D 57 12.36 -23.82 -13.05
CA MET D 57 11.58 -23.37 -14.20
C MET D 57 12.39 -22.38 -15.05
N ARG D 58 11.73 -21.81 -16.06
CA ARG D 58 12.39 -20.84 -16.93
C ARG D 58 11.94 -19.41 -16.70
N ASN D 59 10.81 -19.19 -16.02
CA ASN D 59 10.38 -17.87 -15.62
C ASN D 59 9.62 -17.99 -14.30
N GLU D 60 9.84 -17.05 -13.38
CA GLU D 60 9.14 -17.10 -12.10
C GLU D 60 7.63 -16.98 -12.28
N GLN D 61 7.19 -16.33 -13.35
CA GLN D 61 5.77 -16.25 -13.67
C GLN D 61 5.14 -17.64 -13.68
N SER D 62 5.73 -18.57 -14.44
CA SER D 62 5.22 -19.93 -14.49
C SER D 62 5.47 -20.69 -13.19
N ALA D 63 6.57 -20.37 -12.49
CA ALA D 63 6.84 -21.03 -11.23
C ALA D 63 5.79 -20.69 -10.18
N SER D 64 5.37 -19.42 -10.13
CA SER D 64 4.35 -19.03 -9.18
C SER D 64 2.99 -19.62 -9.52
N TYR D 65 2.69 -19.78 -10.82
CA TYR D 65 1.45 -20.44 -11.21
C TYR D 65 1.51 -21.93 -10.91
N ALA D 66 2.66 -22.56 -11.14
CA ALA D 66 2.79 -23.99 -10.85
C ALA D 66 2.62 -24.27 -9.36
N ALA D 67 3.07 -23.36 -8.50
CA ALA D 67 2.96 -23.58 -7.06
C ALA D 67 1.51 -23.69 -6.61
N GLN D 68 0.65 -22.78 -7.11
CA GLN D 68 -0.73 -22.80 -6.65
C GLN D 68 -1.51 -23.96 -7.24
N ALA D 69 -1.20 -24.35 -8.48
CA ALA D 69 -1.85 -25.53 -9.05
C ALA D 69 -1.50 -26.78 -8.27
N ALA D 70 -0.23 -26.92 -7.87
CA ALA D 70 0.16 -28.06 -7.05
C ALA D 70 -0.55 -28.03 -5.71
N SER D 71 -0.77 -26.83 -5.16
CA SER D 71 -1.49 -26.71 -3.91
C SER D 71 -2.94 -27.14 -4.07
N TYR D 72 -3.59 -26.68 -5.14
CA TYR D 72 -4.95 -27.12 -5.44
C TYR D 72 -5.04 -28.63 -5.58
N LEU D 73 -4.05 -29.23 -6.27
CA LEU D 73 -4.11 -30.66 -6.53
C LEU D 73 -3.81 -31.48 -5.28
N THR D 74 -2.87 -31.04 -4.45
CA THR D 74 -2.50 -31.79 -3.26
C THR D 74 -3.38 -31.48 -2.05
N GLY D 75 -4.04 -30.34 -2.03
CA GLY D 75 -4.78 -29.92 -0.87
C GLY D 75 -3.97 -29.26 0.22
N ARG D 76 -2.69 -28.97 -0.03
CA ARG D 76 -1.82 -28.32 0.93
C ARG D 76 -0.97 -27.27 0.23
N PRO D 77 -0.59 -26.20 0.92
CA PRO D 77 0.20 -25.15 0.28
C PRO D 77 1.56 -25.67 -0.15
N GLN D 78 1.90 -25.45 -1.43
CA GLN D 78 3.20 -25.81 -1.97
C GLN D 78 4.00 -24.54 -2.26
N ALA D 79 5.30 -24.72 -2.50
CA ALA D 79 6.25 -23.62 -2.45
C ALA D 79 6.61 -23.09 -3.83
N CYS D 80 6.80 -21.78 -3.90
CA CYS D 80 7.49 -21.11 -5.00
C CYS D 80 8.70 -20.41 -4.40
N LEU D 81 9.87 -20.58 -5.03
CA LEU D 81 11.12 -20.01 -4.54
C LEU D 81 11.70 -19.08 -5.60
N VAL D 82 11.87 -17.81 -5.24
CA VAL D 82 12.35 -16.80 -6.20
C VAL D 82 13.44 -15.96 -5.55
N VAL D 83 14.27 -15.37 -6.40
CA VAL D 83 15.36 -14.53 -5.92
C VAL D 83 14.79 -13.19 -5.45
N SER D 84 15.64 -12.38 -4.84
CA SER D 84 15.25 -11.05 -4.42
C SER D 84 14.89 -10.18 -5.62
N GLY D 85 14.27 -9.03 -5.32
CA GLY D 85 13.98 -8.03 -6.33
C GLY D 85 13.06 -8.52 -7.43
N PRO D 86 13.57 -8.53 -8.67
CA PRO D 86 12.73 -8.92 -9.80
C PRO D 86 12.25 -10.36 -9.75
N GLY D 87 12.91 -11.23 -9.00
CA GLY D 87 12.34 -12.55 -8.76
C GLY D 87 10.98 -12.48 -8.11
N VAL D 88 10.84 -11.63 -7.08
CA VAL D 88 9.58 -11.48 -6.39
C VAL D 88 8.57 -10.76 -7.26
N VAL D 89 8.99 -9.69 -7.94
CA VAL D 89 8.08 -8.93 -8.78
C VAL D 89 7.51 -9.81 -9.89
N HIS D 90 8.35 -10.67 -10.48
CA HIS D 90 7.87 -11.61 -11.48
C HIS D 90 6.83 -12.57 -10.91
N ALA D 91 6.95 -12.90 -9.62
CA ALA D 91 6.07 -13.89 -8.99
C ALA D 91 4.78 -13.29 -8.49
N LEU D 92 4.65 -11.95 -8.49
CA LEU D 92 3.39 -11.33 -8.08
C LEU D 92 2.23 -11.83 -8.93
N ALA D 93 2.51 -12.23 -10.18
CA ALA D 93 1.49 -12.81 -11.04
C ALA D 93 0.78 -13.97 -10.36
N GLY D 94 1.55 -14.90 -9.79
CA GLY D 94 0.95 -16.05 -9.14
C GLY D 94 0.17 -15.67 -7.89
N LEU D 95 0.70 -14.72 -7.10
CA LEU D 95 0.01 -14.28 -5.90
C LEU D 95 -1.37 -13.74 -6.24
N ALA D 96 -1.45 -12.86 -7.24
CA ALA D 96 -2.74 -12.32 -7.65
C ALA D 96 -3.68 -13.41 -8.12
N ASN D 97 -3.17 -14.36 -8.90
CA ASN D 97 -4.02 -15.41 -9.43
C ASN D 97 -4.52 -16.33 -8.33
N ALA D 98 -3.69 -16.60 -7.32
CA ALA D 98 -4.11 -17.47 -6.22
C ALA D 98 -5.14 -16.77 -5.34
N GLN D 99 -5.00 -15.46 -5.15
CA GLN D 99 -5.97 -14.70 -4.37
C GLN D 99 -7.35 -14.74 -5.03
N VAL D 100 -7.39 -14.56 -6.36
CA VAL D 100 -8.67 -14.49 -7.06
C VAL D 100 -9.36 -15.85 -7.09
N ASN D 101 -8.59 -16.93 -7.18
CA ASN D 101 -9.17 -18.27 -7.24
C ASN D 101 -9.36 -18.91 -5.88
N CYS D 102 -8.96 -18.24 -4.79
CA CYS D 102 -9.00 -18.81 -3.45
C CYS D 102 -8.22 -20.12 -3.40
N TRP D 103 -7.02 -20.10 -3.96
CA TRP D 103 -6.11 -21.23 -3.91
C TRP D 103 -4.92 -20.90 -3.01
N PRO D 104 -4.48 -21.85 -2.20
CA PRO D 104 -3.29 -21.60 -1.37
C PRO D 104 -2.02 -21.68 -2.19
N MET D 105 -0.98 -21.03 -1.68
CA MET D 105 0.38 -21.17 -2.16
C MET D 105 1.29 -20.47 -1.17
N LEU D 106 2.56 -20.84 -1.19
CA LEU D 106 3.56 -20.23 -0.33
C LEU D 106 4.71 -19.72 -1.21
N LEU D 107 4.77 -18.41 -1.39
CA LEU D 107 5.89 -17.79 -2.08
C LEU D 107 6.99 -17.51 -1.08
N ILE D 108 8.18 -18.05 -1.34
CA ILE D 108 9.37 -17.79 -0.55
C ILE D 108 10.30 -16.93 -1.41
N GLY D 109 10.46 -15.67 -1.02
CA GLY D 109 11.27 -14.72 -1.77
C GLY D 109 12.54 -14.40 -1.00
N GLY D 110 13.68 -14.60 -1.66
CA GLY D 110 14.93 -14.13 -1.12
C GLY D 110 14.95 -12.61 -0.98
N ALA D 111 15.83 -12.12 -0.14
CA ALA D 111 15.98 -10.68 0.04
C ALA D 111 17.45 -10.35 0.27
N SER D 112 17.81 -9.11 -0.02
CA SER D 112 19.16 -8.64 0.28
C SER D 112 19.36 -8.60 1.79
N ALA D 113 20.63 -8.59 2.19
CA ALA D 113 20.97 -8.69 3.61
C ALA D 113 20.42 -7.49 4.38
N ILE D 114 19.90 -7.75 5.58
CA ILE D 114 19.33 -6.69 6.41
C ILE D 114 20.36 -5.61 6.70
N GLU D 115 21.62 -6.01 6.94
CA GLU D 115 22.66 -5.05 7.30
C GLU D 115 22.94 -4.04 6.19
N GLN D 116 22.52 -4.33 4.96
CA GLN D 116 22.74 -3.40 3.85
C GLN D 116 21.48 -2.61 3.48
N ASN D 117 20.43 -2.68 4.29
CA ASN D 117 19.21 -1.94 3.97
C ASN D 117 19.49 -0.45 3.93
N GLY D 118 18.91 0.22 2.92
CA GLY D 118 19.10 1.63 2.72
C GLY D 118 20.32 2.01 1.88
N MET D 119 21.24 1.08 1.67
CA MET D 119 22.47 1.40 0.93
C MET D 119 22.29 1.32 -0.58
N GLY D 120 21.22 0.73 -1.07
CA GLY D 120 21.10 0.46 -2.49
C GLY D 120 21.77 -0.86 -2.82
N ALA D 121 21.48 -1.89 -2.03
CA ALA D 121 22.08 -3.19 -2.21
C ALA D 121 21.54 -3.85 -3.48
N PHE D 122 22.26 -4.89 -3.91
CA PHE D 122 21.83 -5.70 -5.04
C PHE D 122 20.43 -6.26 -4.79
N GLN D 123 19.46 -5.81 -5.59
CA GLN D 123 18.08 -6.30 -5.55
C GLN D 123 17.38 -6.00 -4.23
N GLU D 124 17.81 -4.93 -3.56
CA GLU D 124 17.07 -4.42 -2.41
C GLU D 124 15.69 -3.93 -2.87
N GLU D 125 14.66 -4.27 -2.10
CA GLU D 125 13.30 -3.99 -2.53
C GLU D 125 12.35 -4.12 -1.34
N ARG D 126 11.24 -3.38 -1.39
CA ARG D 126 10.19 -3.47 -0.37
C ARG D 126 9.24 -4.61 -0.72
N GLN D 127 9.72 -5.83 -0.49
CA GLN D 127 9.05 -6.99 -1.04
C GLN D 127 7.77 -7.34 -0.28
N VAL D 128 7.79 -7.25 1.05
CA VAL D 128 6.56 -7.47 1.82
C VAL D 128 5.50 -6.45 1.42
N LEU D 129 5.92 -5.18 1.24
CA LEU D 129 4.97 -4.14 0.85
C LEU D 129 4.36 -4.44 -0.52
N LEU D 130 5.18 -4.83 -1.49
CA LEU D 130 4.68 -5.10 -2.83
C LEU D 130 3.70 -6.28 -2.83
N ALA D 131 4.00 -7.33 -2.07
CA ALA D 131 3.19 -8.55 -2.11
C ALA D 131 1.95 -8.47 -1.23
N SER D 132 1.95 -7.63 -0.20
CA SER D 132 0.87 -7.60 0.79
C SER D 132 -0.52 -7.47 0.17
N PRO D 133 -0.79 -6.58 -0.80
CA PRO D 133 -2.15 -6.49 -1.35
C PRO D 133 -2.63 -7.76 -2.04
N LEU D 134 -1.72 -8.67 -2.38
CA LEU D 134 -2.09 -9.89 -3.09
C LEU D 134 -2.06 -11.13 -2.20
N CYS D 135 -1.86 -10.96 -0.90
CA CYS D 135 -1.63 -12.08 0.00
C CYS D 135 -2.59 -12.06 1.18
N LYS D 136 -2.96 -13.27 1.63
CA LYS D 136 -3.57 -13.40 2.96
C LYS D 136 -2.54 -13.13 4.05
N TYR D 137 -1.29 -13.49 3.81
CA TYR D 137 -0.25 -13.45 4.82
C TYR D 137 1.05 -13.03 4.15
N ALA D 138 1.76 -12.10 4.77
CA ALA D 138 3.01 -11.60 4.22
C ALA D 138 3.86 -11.10 5.36
N HIS D 139 5.05 -11.67 5.52
CA HIS D 139 5.92 -11.26 6.62
C HIS D 139 7.36 -11.59 6.27
N GLN D 140 8.27 -10.82 6.85
CA GLN D 140 9.69 -11.08 6.72
C GLN D 140 10.18 -11.92 7.89
N VAL D 141 11.04 -12.88 7.62
CA VAL D 141 11.67 -13.68 8.67
C VAL D 141 12.92 -12.92 9.12
N GLU D 142 12.87 -12.34 10.31
CA GLU D 142 13.93 -11.44 10.73
C GLU D 142 15.12 -12.17 11.35
N ARG D 143 14.91 -13.34 11.94
CA ARG D 143 15.98 -14.09 12.56
C ARG D 143 15.79 -15.57 12.26
N PRO D 144 16.87 -16.33 12.13
CA PRO D 144 16.73 -17.74 11.74
C PRO D 144 15.98 -18.58 12.75
N GLU D 145 16.09 -18.27 14.04
CA GLU D 145 15.43 -19.10 15.04
C GLU D 145 13.91 -18.97 14.99
N ARG D 146 13.38 -17.93 14.33
CA ARG D 146 11.94 -17.77 14.16
C ARG D 146 11.39 -18.55 12.98
N ILE D 147 12.24 -19.26 12.22
CA ILE D 147 11.78 -19.87 10.98
C ILE D 147 10.68 -20.91 11.21
N PRO D 148 10.80 -21.85 12.15
CA PRO D 148 9.67 -22.76 12.40
C PRO D 148 8.38 -22.03 12.68
N TYR D 149 8.43 -20.95 13.49
CA TYR D 149 7.23 -20.19 13.81
C TYR D 149 6.59 -19.62 12.55
N TYR D 150 7.38 -18.99 11.69
CA TYR D 150 6.83 -18.30 10.53
C TYR D 150 6.31 -19.27 9.49
N VAL D 151 7.00 -20.40 9.29
CA VAL D 151 6.53 -21.36 8.29
C VAL D 151 5.20 -21.96 8.73
N GLU D 152 5.08 -22.32 10.02
CA GLU D 152 3.80 -22.84 10.49
C GLU D 152 2.70 -21.80 10.34
N GLN D 153 2.97 -20.56 10.73
CA GLN D 153 1.95 -19.52 10.66
C GLN D 153 1.57 -19.21 9.22
N ALA D 154 2.56 -19.21 8.31
CA ALA D 154 2.27 -18.91 6.92
C ALA D 154 1.45 -20.01 6.27
N VAL D 155 1.83 -21.27 6.52
CA VAL D 155 1.10 -22.40 5.94
C VAL D 155 -0.33 -22.43 6.47
N ARG D 156 -0.50 -22.25 7.79
CA ARG D 156 -1.83 -22.25 8.38
C ARG D 156 -2.69 -21.11 7.84
N SER D 157 -2.10 -19.92 7.67
CA SER D 157 -2.86 -18.80 7.15
C SER D 157 -3.27 -19.03 5.70
N ALA D 158 -2.40 -19.65 4.91
CA ALA D 158 -2.74 -19.90 3.51
C ALA D 158 -3.81 -20.98 3.39
N LEU D 159 -3.78 -21.98 4.27
CA LEU D 159 -4.61 -23.17 4.13
C LEU D 159 -5.96 -23.04 4.83
N PHE D 160 -6.01 -22.40 6.00
CA PHE D 160 -7.24 -22.35 6.79
C PHE D 160 -8.17 -21.25 6.29
N GLY D 161 -9.47 -21.46 6.52
CA GLY D 161 -10.46 -20.50 6.07
C GLY D 161 -10.54 -20.46 4.56
N ARG D 162 -10.87 -19.30 4.02
CA ARG D 162 -10.82 -19.10 2.57
C ARG D 162 -9.37 -19.08 2.15
N PRO D 163 -8.91 -20.05 1.33
CA PRO D 163 -7.48 -20.14 1.04
C PRO D 163 -6.98 -18.98 0.20
N GLY D 164 -5.69 -18.73 0.30
CA GLY D 164 -5.05 -17.65 -0.41
C GLY D 164 -3.55 -17.76 -0.30
N ALA D 165 -2.86 -16.78 -0.88
CA ALA D 165 -1.41 -16.81 -0.97
C ALA D 165 -0.77 -16.33 0.34
N ALA D 166 0.31 -16.98 0.73
CA ALA D 166 1.17 -16.51 1.81
C ALA D 166 2.56 -16.23 1.27
N TYR D 167 3.20 -15.20 1.83
CA TYR D 167 4.52 -14.79 1.38
C TYR D 167 5.46 -14.72 2.58
N LEU D 168 6.65 -15.32 2.43
CA LEU D 168 7.70 -15.26 3.44
C LEU D 168 8.94 -14.63 2.81
N ASP D 169 9.44 -13.57 3.42
CA ASP D 169 10.63 -12.85 2.96
C ASP D 169 11.85 -13.36 3.72
N MET D 170 12.85 -13.85 3.00
CA MET D 170 14.03 -14.48 3.60
C MET D 170 15.29 -13.69 3.27
N PRO D 171 15.72 -12.79 4.16
CA PRO D 171 16.96 -12.05 3.90
C PRO D 171 18.19 -12.97 3.83
N ASP D 172 19.18 -12.52 3.06
CA ASP D 172 20.39 -13.31 2.85
C ASP D 172 21.07 -13.65 4.17
N ASP D 173 21.17 -12.69 5.10
CA ASP D 173 21.82 -12.98 6.37
C ASP D 173 20.98 -13.86 7.29
N VAL D 174 19.69 -14.03 7.00
CA VAL D 174 18.87 -15.00 7.72
C VAL D 174 19.06 -16.39 7.14
N ILE D 175 19.16 -16.49 5.81
CA ILE D 175 19.34 -17.77 5.14
C ILE D 175 20.65 -18.41 5.58
N LEU D 176 21.72 -17.63 5.66
CA LEU D 176 23.03 -18.14 6.03
C LEU D 176 23.31 -18.05 7.53
N GLY D 177 22.45 -17.38 8.29
CA GLY D 177 22.67 -17.27 9.73
C GLY D 177 22.54 -18.62 10.41
N GLU D 178 23.41 -18.85 11.39
CA GLU D 178 23.49 -20.11 12.11
C GLU D 178 22.97 -19.95 13.53
N VAL D 179 22.26 -20.98 14.02
CA VAL D 179 21.80 -21.04 15.39
C VAL D 179 22.05 -22.45 15.91
N GLU D 180 22.09 -22.57 17.24
CA GLU D 180 22.25 -23.89 17.85
C GLU D 180 20.98 -24.70 17.65
N GLU D 181 21.15 -25.98 17.29
CA GLU D 181 20.00 -26.82 16.97
C GLU D 181 19.07 -26.97 18.17
N ALA D 182 19.62 -27.20 19.36
CA ALA D 182 18.79 -27.44 20.53
C ALA D 182 18.00 -26.18 20.93
N ALA D 183 18.51 -25.00 20.61
CA ALA D 183 17.87 -23.76 21.02
C ALA D 183 16.68 -23.38 20.15
N VAL D 184 16.43 -24.08 19.05
CA VAL D 184 15.39 -23.67 18.11
C VAL D 184 14.05 -24.21 18.61
N ARG D 185 13.11 -23.30 18.83
CA ARG D 185 11.79 -23.70 19.32
C ARG D 185 11.00 -24.39 18.20
N PRO D 186 10.44 -25.58 18.44
CA PRO D 186 9.66 -26.25 17.41
C PRO D 186 8.30 -25.60 17.22
N ALA D 187 7.65 -25.98 16.13
CA ALA D 187 6.30 -25.54 15.83
C ALA D 187 5.44 -26.77 15.57
N ALA D 188 4.15 -26.64 15.87
CA ALA D 188 3.22 -27.74 15.63
C ALA D 188 3.01 -27.93 14.13
N THR D 189 2.64 -29.16 13.77
CA THR D 189 2.34 -29.46 12.37
C THR D 189 0.93 -28.99 12.04
N VAL D 190 0.80 -28.19 10.98
CA VAL D 190 -0.50 -27.70 10.55
C VAL D 190 -1.31 -28.88 10.02
N GLY D 191 -2.47 -29.12 10.60
CA GLY D 191 -3.32 -30.21 10.21
C GLY D 191 -4.21 -29.87 9.02
N GLU D 192 -5.34 -30.55 8.93
CA GLU D 192 -6.32 -30.29 7.89
C GLU D 192 -7.12 -29.03 8.23
N PRO D 193 -7.57 -28.30 7.22
CA PRO D 193 -8.37 -27.10 7.48
C PRO D 193 -9.62 -27.43 8.27
N PRO D 194 -9.97 -26.60 9.25
CA PRO D 194 -11.19 -26.86 10.03
C PRO D 194 -12.42 -26.78 9.14
N ARG D 195 -13.35 -27.71 9.35
CA ARG D 195 -14.62 -27.73 8.66
C ARG D 195 -15.69 -27.22 9.60
N SER D 196 -16.55 -26.32 9.10
CA SER D 196 -17.66 -25.80 9.88
C SER D 196 -18.99 -26.25 9.29
N LEU D 197 -20.01 -26.29 10.14
CA LEU D 197 -21.34 -26.76 9.77
C LEU D 197 -22.34 -25.61 9.83
N ALA D 198 -23.49 -25.82 9.19
CA ALA D 198 -24.58 -24.86 9.21
C ALA D 198 -25.54 -25.19 10.33
N PRO D 199 -26.30 -24.21 10.84
CA PRO D 199 -27.34 -24.51 11.82
C PRO D 199 -28.39 -25.41 11.21
N GLN D 200 -28.98 -26.26 12.06
CA GLN D 200 -29.92 -27.25 11.56
C GLN D 200 -31.13 -26.60 10.89
N GLU D 201 -31.56 -25.45 11.42
CA GLU D 201 -32.69 -24.73 10.82
C GLU D 201 -32.39 -24.33 9.38
N ASN D 202 -31.14 -23.99 9.07
CA ASN D 202 -30.78 -23.63 7.70
C ASN D 202 -30.77 -24.87 6.79
N ILE D 203 -30.35 -26.01 7.34
CA ILE D 203 -30.38 -27.25 6.57
C ILE D 203 -31.82 -27.63 6.20
N GLU D 204 -32.75 -27.46 7.14
CA GLU D 204 -34.13 -27.80 6.85
C GLU D 204 -34.78 -26.78 5.94
N ALA D 205 -34.42 -25.50 6.09
CA ALA D 205 -34.96 -24.48 5.19
C ALA D 205 -34.46 -24.69 3.77
N ALA D 206 -33.21 -25.11 3.61
CA ALA D 206 -32.68 -25.40 2.28
C ALA D 206 -33.49 -26.51 1.61
N LEU D 207 -33.74 -27.60 2.34
CA LEU D 207 -34.52 -28.70 1.79
C LEU D 207 -35.96 -28.28 1.53
N ASP D 208 -36.56 -27.53 2.46
CA ASP D 208 -37.89 -26.97 2.22
C ASP D 208 -37.91 -26.15 0.93
N ALA D 209 -36.89 -25.31 0.72
CA ALA D 209 -36.85 -24.47 -0.47
C ALA D 209 -36.73 -25.31 -1.73
N LEU D 210 -35.89 -26.35 -1.70
CA LEU D 210 -35.73 -27.21 -2.87
C LEU D 210 -37.04 -27.88 -3.25
N GLN D 211 -37.85 -28.27 -2.26
CA GLN D 211 -39.11 -28.94 -2.55
C GLN D 211 -40.13 -27.99 -3.18
N SER D 212 -40.06 -26.70 -2.85
CA SER D 212 -41.05 -25.75 -3.34
C SER D 212 -40.74 -25.28 -4.75
N ALA D 213 -39.51 -25.45 -5.22
CA ALA D 213 -39.10 -24.89 -6.50
C ALA D 213 -39.73 -25.65 -7.67
N LYS D 214 -40.15 -24.92 -8.70
CA LYS D 214 -40.65 -25.53 -9.91
C LYS D 214 -39.54 -25.87 -10.90
N ARG D 215 -38.48 -25.06 -10.94
CA ARG D 215 -37.36 -25.25 -11.87
C ARG D 215 -36.06 -25.10 -11.10
N PRO D 216 -35.71 -26.08 -10.27
CA PRO D 216 -34.49 -25.97 -9.46
C PRO D 216 -33.24 -26.27 -10.27
N LEU D 217 -32.15 -25.61 -9.88
CA LEU D 217 -30.86 -25.85 -10.50
C LEU D 217 -29.76 -25.81 -9.44
N VAL D 218 -28.94 -26.86 -9.41
CA VAL D 218 -27.77 -26.91 -8.55
C VAL D 218 -26.55 -26.53 -9.38
N ILE D 219 -25.75 -25.61 -8.87
CA ILE D 219 -24.53 -25.18 -9.55
C ILE D 219 -23.34 -25.64 -8.73
N VAL D 220 -22.50 -26.47 -9.33
CA VAL D 220 -21.38 -27.12 -8.64
C VAL D 220 -20.10 -26.36 -9.02
N GLY D 221 -19.52 -25.66 -8.05
CA GLY D 221 -18.33 -24.87 -8.27
C GLY D 221 -17.05 -25.57 -7.79
N LYS D 222 -15.92 -24.96 -8.14
CA LYS D 222 -14.62 -25.53 -7.79
C LYS D 222 -14.32 -25.42 -6.30
N GLY D 223 -15.12 -24.68 -5.54
CA GLY D 223 -15.00 -24.73 -4.09
C GLY D 223 -15.34 -26.12 -3.54
N MET D 224 -16.21 -26.85 -4.23
CA MET D 224 -16.49 -28.23 -3.84
C MET D 224 -15.33 -29.14 -4.20
N ALA D 225 -14.62 -28.85 -5.30
CA ALA D 225 -13.43 -29.63 -5.63
C ALA D 225 -12.33 -29.41 -4.60
N TRP D 226 -12.12 -28.15 -4.19
CA TRP D 226 -11.14 -27.86 -3.15
C TRP D 226 -11.51 -28.55 -1.84
N SER D 227 -12.79 -28.55 -1.49
CA SER D 227 -13.26 -29.17 -0.25
C SER D 227 -13.20 -30.69 -0.27
N ARG D 228 -12.92 -31.29 -1.43
CA ARG D 228 -12.96 -32.75 -1.60
C ARG D 228 -14.35 -33.30 -1.27
N ALA D 229 -15.39 -32.62 -1.73
CA ALA D 229 -16.77 -32.96 -1.43
C ALA D 229 -17.44 -33.78 -2.53
N GLU D 230 -16.66 -34.38 -3.43
CA GLU D 230 -17.27 -35.02 -4.60
C GLU D 230 -18.16 -36.19 -4.19
N ASN D 231 -17.73 -36.99 -3.21
CA ASN D 231 -18.56 -38.10 -2.75
C ASN D 231 -19.89 -37.60 -2.20
N GLU D 232 -19.87 -36.50 -1.43
CA GLU D 232 -21.10 -35.98 -0.84
C GLU D 232 -22.01 -35.38 -1.90
N VAL D 233 -21.43 -34.69 -2.88
CA VAL D 233 -22.23 -34.06 -3.93
C VAL D 233 -22.86 -35.12 -4.84
N ARG D 234 -22.09 -36.13 -5.22
CA ARG D 234 -22.65 -37.20 -6.04
C ARG D 234 -23.76 -37.92 -5.30
N GLN D 235 -23.59 -38.12 -3.99
CA GLN D 235 -24.64 -38.72 -3.18
C GLN D 235 -25.86 -37.80 -3.10
N PHE D 236 -25.63 -36.49 -3.06
CA PHE D 236 -26.72 -35.52 -2.97
C PHE D 236 -27.53 -35.49 -4.27
N ILE D 237 -26.84 -35.42 -5.41
CA ILE D 237 -27.54 -35.35 -6.69
C ILE D 237 -28.27 -36.66 -6.97
N GLU D 238 -27.67 -37.79 -6.62
CA GLU D 238 -28.34 -39.08 -6.81
C GLU D 238 -29.59 -39.18 -5.94
N ARG D 239 -29.54 -38.62 -4.74
CA ARG D 239 -30.68 -38.71 -3.82
C ARG D 239 -31.80 -37.76 -4.20
N THR D 240 -31.46 -36.53 -4.62
CA THR D 240 -32.47 -35.54 -4.96
C THR D 240 -32.93 -35.61 -6.41
N ARG D 241 -32.09 -36.15 -7.30
CA ARG D 241 -32.36 -36.19 -8.74
C ARG D 241 -32.49 -34.80 -9.33
N LEU D 242 -31.75 -33.84 -8.78
CA LEU D 242 -31.82 -32.45 -9.24
C LEU D 242 -30.91 -32.23 -10.44
N PRO D 243 -31.37 -31.46 -11.43
CA PRO D 243 -30.47 -31.02 -12.50
C PRO D 243 -29.34 -30.17 -11.93
N PHE D 244 -28.15 -30.30 -12.52
CA PHE D 244 -26.99 -29.58 -12.04
C PHE D 244 -26.21 -28.97 -13.21
N LEU D 245 -25.48 -27.91 -12.91
CA LEU D 245 -24.58 -27.26 -13.86
C LEU D 245 -23.20 -27.14 -13.23
N ALA D 246 -22.18 -27.60 -13.95
CA ALA D 246 -20.81 -27.44 -13.49
C ALA D 246 -20.24 -26.12 -13.98
N THR D 247 -19.46 -25.46 -13.12
CA THR D 247 -18.65 -24.33 -13.52
C THR D 247 -17.43 -24.84 -14.27
N PRO D 248 -16.66 -23.95 -14.93
CA PRO D 248 -15.49 -24.41 -15.69
C PRO D 248 -14.60 -25.40 -14.93
N MET D 249 -14.07 -25.02 -13.78
CA MET D 249 -13.24 -25.94 -13.03
C MET D 249 -14.02 -26.72 -11.98
N GLY D 250 -15.32 -26.47 -11.84
CA GLY D 250 -16.17 -27.40 -11.12
C GLY D 250 -16.46 -28.68 -11.88
N LYS D 251 -16.15 -28.71 -13.17
CA LYS D 251 -16.31 -29.93 -13.97
C LYS D 251 -15.56 -31.09 -13.31
N GLY D 252 -16.22 -32.24 -13.25
CA GLY D 252 -15.63 -33.44 -12.71
C GLY D 252 -16.06 -33.77 -11.28
N VAL D 253 -16.47 -32.76 -10.49
CA VAL D 253 -17.03 -33.06 -9.18
C VAL D 253 -18.20 -34.02 -9.33
N MET D 254 -19.14 -33.67 -10.19
CA MET D 254 -20.02 -34.61 -10.84
C MET D 254 -19.42 -35.04 -12.17
N PRO D 255 -19.52 -36.31 -12.56
CA PRO D 255 -19.03 -36.71 -13.89
C PRO D 255 -19.76 -35.95 -14.98
N ASP D 256 -19.01 -35.50 -15.98
CA ASP D 256 -19.61 -34.69 -17.05
C ASP D 256 -20.58 -35.47 -17.90
N ASP D 257 -20.56 -36.80 -17.85
CA ASP D 257 -21.50 -37.63 -18.59
C ASP D 257 -22.72 -38.03 -17.76
N HIS D 258 -22.93 -37.40 -16.61
CA HIS D 258 -24.07 -37.74 -15.78
C HIS D 258 -25.36 -37.28 -16.46
N PRO D 259 -26.42 -38.09 -16.42
CA PRO D 259 -27.66 -37.72 -17.13
C PRO D 259 -28.31 -36.43 -16.63
N LEU D 260 -28.00 -35.98 -15.42
CA LEU D 260 -28.63 -34.80 -14.84
C LEU D 260 -27.89 -33.51 -15.16
N SER D 261 -26.79 -33.57 -15.89
CA SER D 261 -26.05 -32.36 -16.25
C SER D 261 -26.85 -31.52 -17.23
N VAL D 262 -26.91 -30.21 -16.98
CA VAL D 262 -27.54 -29.27 -17.90
C VAL D 262 -26.50 -28.49 -18.70
N GLY D 263 -25.26 -28.98 -18.76
CA GLY D 263 -24.19 -28.25 -19.42
C GLY D 263 -24.50 -27.87 -20.86
N GLY D 264 -25.20 -28.74 -21.58
CA GLY D 264 -25.58 -28.47 -22.95
C GLY D 264 -26.75 -27.52 -23.11
N ALA D 265 -27.31 -27.05 -22.00
CA ALA D 265 -28.43 -26.10 -22.00
C ALA D 265 -28.20 -25.02 -20.95
N ARG D 266 -26.97 -24.51 -20.89
CA ARG D 266 -26.56 -23.65 -19.78
C ARG D 266 -27.35 -22.35 -19.76
N SER D 267 -27.47 -21.68 -20.90
CA SER D 267 -28.13 -20.38 -20.92
C SER D 267 -29.59 -20.50 -20.51
N HIS D 268 -30.30 -21.51 -21.04
CA HIS D 268 -31.70 -21.69 -20.69
C HIS D 268 -31.85 -22.07 -19.22
N ALA D 269 -30.95 -22.90 -18.70
CA ALA D 269 -31.01 -23.30 -17.30
C ALA D 269 -30.88 -22.08 -16.38
N LEU D 270 -29.92 -21.20 -16.66
CA LEU D 270 -29.73 -20.02 -15.82
C LEU D 270 -30.87 -19.04 -16.00
N GLN D 271 -31.41 -18.93 -17.21
CA GLN D 271 -32.45 -17.95 -17.48
C GLN D 271 -33.75 -18.30 -16.78
N GLU D 272 -34.14 -19.58 -16.80
CA GLU D 272 -35.48 -19.99 -16.40
C GLU D 272 -35.53 -20.65 -15.02
N ALA D 273 -34.40 -20.89 -14.38
CA ALA D 273 -34.42 -21.45 -13.04
C ALA D 273 -35.10 -20.48 -12.08
N ASP D 274 -36.02 -21.00 -11.27
CA ASP D 274 -36.64 -20.19 -10.23
C ASP D 274 -35.93 -20.33 -8.89
N LEU D 275 -35.04 -21.33 -8.76
CA LEU D 275 -34.21 -21.48 -7.57
C LEU D 275 -32.86 -22.01 -8.00
N VAL D 276 -31.80 -21.37 -7.52
CA VAL D 276 -30.42 -21.78 -7.80
C VAL D 276 -29.75 -22.13 -6.48
N PHE D 277 -29.14 -23.32 -6.42
CA PHE D 277 -28.39 -23.78 -5.26
C PHE D 277 -26.90 -23.69 -5.60
N LEU D 278 -26.24 -22.66 -5.06
CA LEU D 278 -24.81 -22.47 -5.28
C LEU D 278 -24.01 -23.36 -4.34
N LEU D 279 -23.21 -24.26 -4.91
CA LEU D 279 -22.31 -25.12 -4.14
C LEU D 279 -20.88 -24.67 -4.42
N GLY D 280 -20.31 -23.90 -3.51
CA GLY D 280 -18.92 -23.49 -3.65
C GLY D 280 -18.64 -22.76 -4.94
N ALA D 281 -19.53 -21.84 -5.31
CA ALA D 281 -19.41 -21.07 -6.53
C ALA D 281 -19.90 -19.66 -6.25
N ARG D 282 -19.26 -18.68 -6.90
CA ARG D 282 -19.58 -17.29 -6.67
C ARG D 282 -20.44 -16.72 -7.79
N PHE D 283 -21.34 -15.81 -7.42
CA PHE D 283 -22.07 -15.00 -8.39
C PHE D 283 -21.18 -13.84 -8.88
N ASN D 284 -20.04 -14.21 -9.46
CA ASN D 284 -19.16 -13.28 -10.13
C ASN D 284 -19.38 -13.38 -11.64
N TRP D 285 -18.42 -12.90 -12.43
CA TRP D 285 -18.60 -12.85 -13.88
C TRP D 285 -18.78 -14.23 -14.49
N ILE D 286 -18.15 -15.26 -13.92
CA ILE D 286 -18.26 -16.60 -14.48
C ILE D 286 -19.71 -17.10 -14.41
N LEU D 287 -20.44 -16.71 -13.37
CA LEU D 287 -21.86 -17.05 -13.28
C LEU D 287 -22.77 -15.85 -13.54
N HIS D 288 -22.22 -14.80 -14.15
CA HIS D 288 -23.01 -13.66 -14.64
C HIS D 288 -23.78 -12.98 -13.52
N PHE D 289 -23.17 -12.94 -12.33
CA PHE D 289 -23.62 -12.13 -11.19
C PHE D 289 -24.99 -12.54 -10.65
N GLY D 290 -25.56 -13.63 -11.14
CA GLY D 290 -26.89 -14.04 -10.67
C GLY D 290 -27.98 -13.04 -10.96
N LEU D 291 -27.82 -12.22 -11.98
CA LEU D 291 -28.70 -11.09 -12.26
C LEU D 291 -29.17 -11.12 -13.70
N PRO D 292 -30.24 -10.40 -14.02
CA PRO D 292 -30.59 -10.19 -15.42
C PRO D 292 -29.42 -9.57 -16.17
N PRO D 293 -29.34 -9.80 -17.48
CA PRO D 293 -30.27 -10.53 -18.34
C PRO D 293 -30.04 -12.04 -18.38
N ARG D 294 -29.22 -12.60 -17.49
CA ARG D 294 -28.92 -14.03 -17.54
C ARG D 294 -29.74 -14.86 -16.56
N TYR D 295 -30.38 -14.23 -15.57
CA TYR D 295 -31.22 -14.92 -14.60
C TYR D 295 -32.56 -14.22 -14.50
N SER D 296 -33.54 -14.94 -13.95
CA SER D 296 -34.79 -14.31 -13.56
C SER D 296 -34.55 -13.29 -12.47
N LYS D 297 -35.22 -12.14 -12.57
CA LYS D 297 -35.05 -11.10 -11.55
C LYS D 297 -35.49 -11.58 -10.16
N ASP D 298 -36.28 -12.65 -10.09
CA ASP D 298 -36.81 -13.13 -8.82
C ASP D 298 -36.21 -14.48 -8.42
N VAL D 299 -35.03 -14.82 -8.93
CA VAL D 299 -34.46 -16.13 -8.68
C VAL D 299 -34.15 -16.30 -7.20
N ARG D 300 -34.56 -17.43 -6.64
CA ARG D 300 -34.30 -17.76 -5.24
C ARG D 300 -32.97 -18.48 -5.14
N VAL D 301 -32.21 -18.19 -4.09
CA VAL D 301 -30.83 -18.65 -3.99
C VAL D 301 -30.61 -19.33 -2.65
N ILE D 302 -30.14 -20.56 -2.69
CA ILE D 302 -29.49 -21.22 -1.57
C ILE D 302 -27.99 -21.19 -1.85
N GLN D 303 -27.21 -20.65 -0.92
CA GLN D 303 -25.79 -20.40 -1.16
C GLN D 303 -24.96 -21.11 -0.10
N LEU D 304 -24.09 -22.02 -0.55
CA LEU D 304 -23.15 -22.71 0.32
C LEU D 304 -21.75 -22.16 0.03
N ASP D 305 -21.20 -21.43 0.98
CA ASP D 305 -19.86 -20.87 0.83
C ASP D 305 -19.18 -20.84 2.19
N LEU D 306 -17.86 -21.04 2.19
CA LEU D 306 -17.10 -20.97 3.43
C LEU D 306 -16.97 -19.53 3.92
N SER D 307 -17.00 -18.56 3.01
CA SER D 307 -16.84 -17.16 3.36
C SER D 307 -18.20 -16.54 3.67
N ALA D 308 -18.40 -16.13 4.93
CA ALA D 308 -19.66 -15.50 5.30
C ALA D 308 -19.89 -14.21 4.52
N GLU D 309 -18.81 -13.46 4.26
CA GLU D 309 -18.94 -12.18 3.57
C GLU D 309 -19.43 -12.35 2.14
N GLU D 310 -19.22 -13.52 1.55
CA GLU D 310 -19.63 -13.74 0.15
C GLU D 310 -21.14 -13.95 0.02
N ILE D 311 -21.83 -14.27 1.12
CA ILE D 311 -23.25 -14.61 1.05
C ILE D 311 -24.06 -13.40 0.63
N GLY D 312 -24.87 -13.56 -0.41
CA GLY D 312 -25.74 -12.50 -0.85
C GLY D 312 -25.11 -11.46 -1.74
N ASN D 313 -23.90 -11.70 -2.25
CA ASN D 313 -23.28 -10.77 -3.16
C ASN D 313 -24.06 -10.71 -4.47
N ASN D 314 -24.35 -9.48 -4.93
CA ASN D 314 -25.09 -9.21 -6.16
C ASN D 314 -26.56 -9.62 -6.06
N ARG D 315 -26.82 -10.88 -5.70
CA ARG D 315 -28.17 -11.39 -5.54
C ARG D 315 -28.35 -11.95 -4.13
N GLN D 316 -29.38 -11.47 -3.44
CA GLN D 316 -29.63 -11.89 -2.07
C GLN D 316 -29.80 -13.40 -1.99
N ALA D 317 -29.36 -13.97 -0.86
CA ALA D 317 -29.48 -15.39 -0.59
C ALA D 317 -30.69 -15.64 0.28
N GLU D 318 -31.62 -16.48 -0.18
CA GLU D 318 -32.77 -16.82 0.63
C GLU D 318 -32.40 -17.73 1.79
N VAL D 319 -31.54 -18.71 1.54
CA VAL D 319 -31.02 -19.59 2.57
C VAL D 319 -29.50 -19.54 2.51
N ALA D 320 -28.87 -19.18 3.63
CA ALA D 320 -27.42 -19.11 3.73
C ALA D 320 -26.89 -20.36 4.42
N LEU D 321 -25.89 -20.99 3.81
CA LEU D 321 -25.21 -22.17 4.36
C LEU D 321 -23.72 -21.83 4.42
N VAL D 322 -23.28 -21.27 5.54
CA VAL D 322 -21.89 -20.85 5.71
C VAL D 322 -21.13 -21.95 6.42
N GLY D 323 -20.12 -22.47 5.75
CA GLY D 323 -19.30 -23.53 6.29
C GLY D 323 -18.68 -24.33 5.17
N ASP D 324 -18.12 -25.47 5.56
CA ASP D 324 -17.39 -26.32 4.62
C ASP D 324 -18.34 -27.05 3.67
N GLY D 325 -17.93 -27.16 2.40
CA GLY D 325 -18.77 -27.80 1.42
C GLY D 325 -19.03 -29.28 1.73
N LYS D 326 -17.98 -30.00 2.11
CA LYS D 326 -18.14 -31.42 2.39
C LYS D 326 -19.02 -31.65 3.62
N ALA D 327 -18.83 -30.85 4.67
CA ALA D 327 -19.59 -31.05 5.90
C ALA D 327 -21.05 -30.66 5.73
N ILE D 328 -21.33 -29.59 4.98
CA ILE D 328 -22.71 -29.13 4.86
C ILE D 328 -23.52 -30.05 3.95
N VAL D 329 -22.95 -30.48 2.82
CA VAL D 329 -23.65 -31.43 1.97
C VAL D 329 -23.89 -32.73 2.71
N GLY D 330 -22.96 -33.12 3.59
CA GLY D 330 -23.20 -34.25 4.47
C GLY D 330 -24.42 -34.03 5.35
N GLN D 331 -24.57 -32.82 5.91
CA GLN D 331 -25.76 -32.52 6.70
C GLN D 331 -27.03 -32.67 5.88
N LEU D 332 -27.00 -32.15 4.63
CA LEU D 332 -28.17 -32.25 3.76
C LEU D 332 -28.50 -33.70 3.43
N ASN D 333 -27.48 -34.49 3.09
CA ASN D 333 -27.69 -35.91 2.82
C ASN D 333 -28.27 -36.61 4.05
N GLN D 334 -27.79 -36.24 5.24
CA GLN D 334 -28.32 -36.85 6.46
C GLN D 334 -29.78 -36.46 6.69
N ALA D 335 -30.11 -35.17 6.48
CA ALA D 335 -31.48 -34.73 6.70
C ALA D 335 -32.42 -35.27 5.64
N LEU D 336 -31.91 -35.54 4.44
CA LEU D 336 -32.74 -36.09 3.37
C LEU D 336 -33.18 -37.52 3.65
N SER D 337 -32.46 -38.26 4.49
CA SER D 337 -32.83 -39.64 4.78
C SER D 337 -34.15 -39.75 5.54
N SER D 338 -34.59 -38.68 6.18
CA SER D 338 -35.87 -38.66 6.88
C SER D 338 -36.97 -37.99 6.07
N ARG D 339 -36.73 -37.71 4.80
CA ARG D 339 -37.71 -37.09 3.92
C ARG D 339 -38.02 -38.01 2.75
N GLN D 340 -39.26 -37.93 2.28
CA GLN D 340 -39.70 -38.69 1.12
C GLN D 340 -39.52 -37.93 -0.19
N TRP D 341 -39.19 -36.64 -0.13
CA TRP D 341 -39.11 -35.84 -1.34
C TRP D 341 -37.90 -36.20 -2.19
N PHE D 342 -38.14 -36.24 -3.50
CA PHE D 342 -37.10 -36.18 -4.51
C PHE D 342 -37.71 -35.46 -5.71
N TYR D 343 -36.85 -34.84 -6.52
CA TYR D 343 -37.38 -34.12 -7.68
C TYR D 343 -38.04 -35.11 -8.63
N PRO D 344 -39.31 -34.91 -9.00
CA PRO D 344 -40.02 -35.94 -9.78
C PRO D 344 -39.34 -36.30 -11.08
N ALA D 345 -39.56 -37.54 -11.51
CA ALA D 345 -38.90 -38.05 -12.71
C ALA D 345 -39.33 -37.32 -13.97
N GLU D 346 -40.57 -36.82 -14.00
CA GLU D 346 -41.13 -36.16 -15.18
C GLU D 346 -41.68 -34.80 -14.77
N THR D 347 -41.06 -33.74 -15.25
CA THR D 347 -41.51 -32.37 -15.03
C THR D 347 -41.34 -31.60 -16.33
N PRO D 348 -42.11 -30.52 -16.53
CA PRO D 348 -41.87 -29.66 -17.70
C PRO D 348 -40.47 -29.07 -17.70
N TRP D 349 -39.88 -28.88 -16.51
CA TRP D 349 -38.50 -28.40 -16.43
C TRP D 349 -37.54 -29.39 -17.06
N ARG D 350 -37.70 -30.70 -16.78
CA ARG D 350 -36.83 -31.70 -17.38
C ARG D 350 -37.02 -31.76 -18.89
N GLU D 351 -38.26 -31.59 -19.36
CA GLU D 351 -38.51 -31.62 -20.80
C GLU D 351 -37.86 -30.45 -21.51
N ALA D 352 -37.97 -29.24 -20.93
CA ALA D 352 -37.37 -28.07 -21.56
C ALA D 352 -35.85 -28.17 -21.58
N ILE D 353 -35.26 -28.67 -20.49
CA ILE D 353 -33.80 -28.87 -20.45
C ILE D 353 -33.38 -29.86 -21.52
N ALA D 354 -34.08 -30.99 -21.61
CA ALA D 354 -33.71 -32.01 -22.58
C ALA D 354 -33.87 -31.51 -24.01
N ALA D 355 -34.90 -30.70 -24.27
CA ALA D 355 -35.09 -30.17 -25.61
C ALA D 355 -33.98 -29.21 -25.98
N LYS D 356 -33.55 -28.36 -25.04
CA LYS D 356 -32.49 -27.41 -25.33
C LYS D 356 -31.15 -28.12 -25.53
N ILE D 357 -30.89 -29.18 -24.76
CA ILE D 357 -29.66 -29.95 -24.97
C ILE D 357 -29.65 -30.56 -26.37
N ALA D 358 -30.80 -31.07 -26.82
CA ALA D 358 -30.89 -31.64 -28.15
C ALA D 358 -30.70 -30.57 -29.22
N GLY D 359 -31.26 -29.38 -29.01
CA GLY D 359 -31.08 -28.31 -29.98
C GLY D 359 -29.63 -27.89 -30.12
N ASN D 360 -28.96 -27.67 -28.98
CA ASN D 360 -27.56 -27.26 -29.01
C ASN D 360 -26.67 -28.35 -29.60
N GLN D 361 -26.99 -29.63 -29.36
CA GLN D 361 -26.21 -30.70 -29.95
C GLN D 361 -26.38 -30.71 -31.47
N ALA D 362 -27.60 -30.49 -31.96
CA ALA D 362 -27.81 -30.43 -33.40
C ALA D 362 -27.15 -29.19 -34.01
N ALA D 363 -26.96 -28.13 -33.23
CA ALA D 363 -26.37 -26.91 -33.78
C ALA D 363 -24.88 -27.07 -34.07
N VAL D 364 -24.17 -27.86 -33.26
CA VAL D 364 -22.73 -28.05 -33.44
C VAL D 364 -22.39 -29.37 -34.12
N ALA D 365 -23.37 -30.23 -34.35
CA ALA D 365 -23.08 -31.52 -34.98
C ALA D 365 -22.47 -31.38 -36.37
N PRO D 366 -22.95 -30.51 -37.26
CA PRO D 366 -22.26 -30.39 -38.57
C PRO D 366 -20.82 -29.95 -38.45
N MET D 367 -20.52 -29.03 -37.53
CA MET D 367 -19.14 -28.58 -37.38
C MET D 367 -18.23 -29.67 -36.84
N ILE D 368 -18.75 -30.55 -35.98
CA ILE D 368 -17.94 -31.66 -35.48
C ILE D 368 -17.63 -32.64 -36.61
N ALA D 369 -18.59 -32.88 -37.49
CA ALA D 369 -18.40 -33.85 -38.57
C ALA D 369 -17.67 -33.27 -39.78
N ASP D 370 -17.51 -31.94 -39.85
CA ASP D 370 -16.95 -31.32 -41.05
C ASP D 370 -15.46 -31.59 -41.13
N ASN D 371 -15.04 -32.34 -42.15
CA ASN D 371 -13.64 -32.71 -42.33
C ASN D 371 -12.88 -31.78 -43.27
N THR D 372 -13.44 -30.62 -43.59
CA THR D 372 -12.75 -29.70 -44.49
C THR D 372 -11.52 -29.10 -43.81
N SER D 373 -10.46 -28.88 -44.60
CA SER D 373 -9.24 -28.29 -44.09
C SER D 373 -9.03 -26.92 -44.72
N PRO D 374 -8.59 -25.90 -43.94
CA PRO D 374 -8.25 -25.93 -42.50
C PRO D 374 -9.45 -26.22 -41.59
N MET D 375 -9.21 -26.96 -40.51
CA MET D 375 -10.28 -27.46 -39.67
C MET D 375 -10.84 -26.36 -38.76
N ASN D 376 -12.09 -26.54 -38.35
CA ASN D 376 -12.69 -25.71 -37.33
C ASN D 376 -12.44 -26.30 -35.94
N TYR D 377 -12.79 -25.53 -34.91
CA TYR D 377 -12.48 -25.94 -33.55
C TYR D 377 -13.16 -27.25 -33.18
N TYR D 378 -14.43 -27.40 -33.54
CA TYR D 378 -15.19 -28.58 -33.13
C TYR D 378 -14.70 -29.84 -33.83
N ARG D 379 -14.26 -29.72 -35.09
CA ARG D 379 -13.66 -30.87 -35.77
C ARG D 379 -12.37 -31.30 -35.09
N VAL D 380 -11.53 -30.34 -34.70
CA VAL D 380 -10.27 -30.67 -34.04
C VAL D 380 -10.53 -31.42 -32.74
N TYR D 381 -11.48 -30.93 -31.93
CA TYR D 381 -11.74 -31.56 -30.65
C TYR D 381 -12.40 -32.92 -30.80
N ARG D 382 -12.98 -33.23 -31.96
CA ARG D 382 -13.50 -34.57 -32.19
C ARG D 382 -12.41 -35.62 -32.06
N ASP D 383 -11.25 -35.36 -32.66
CA ASP D 383 -10.12 -36.27 -32.54
C ASP D 383 -9.43 -36.15 -31.18
N ILE D 384 -9.41 -34.95 -30.60
CA ILE D 384 -8.82 -34.77 -29.28
C ILE D 384 -9.60 -35.53 -28.22
N ALA D 385 -10.91 -35.28 -28.15
CA ALA D 385 -11.74 -35.87 -27.11
C ALA D 385 -11.71 -37.39 -27.16
N ALA D 386 -11.71 -37.96 -28.37
CA ALA D 386 -11.74 -39.41 -28.53
C ALA D 386 -10.46 -40.09 -28.09
N ARG D 387 -9.43 -39.32 -27.72
CA ARG D 387 -8.15 -39.89 -27.31
C ARG D 387 -7.73 -39.45 -25.91
N LEU D 388 -8.59 -38.75 -25.19
CA LEU D 388 -8.27 -38.34 -23.83
C LEU D 388 -8.61 -39.48 -22.87
N PRO D 389 -7.63 -40.03 -22.16
CA PRO D 389 -7.96 -41.04 -21.14
C PRO D 389 -8.83 -40.44 -20.04
N ARG D 390 -9.67 -41.29 -19.46
CA ARG D 390 -10.67 -40.82 -18.50
C ARG D 390 -10.06 -40.31 -17.21
N ASN D 391 -8.78 -40.61 -16.95
CA ASN D 391 -8.10 -40.13 -15.75
C ASN D 391 -7.09 -39.05 -16.06
N ALA D 392 -7.20 -38.42 -17.23
CA ALA D 392 -6.22 -37.39 -17.60
C ALA D 392 -6.45 -36.11 -16.81
N ILE D 393 -5.39 -35.33 -16.68
CA ILE D 393 -5.47 -33.96 -16.19
C ILE D 393 -5.36 -33.04 -17.40
N ILE D 394 -6.34 -32.17 -17.55
CA ILE D 394 -6.49 -31.35 -18.76
C ILE D 394 -6.24 -29.89 -18.38
N VAL D 395 -5.28 -29.27 -19.06
CA VAL D 395 -5.02 -27.84 -18.94
C VAL D 395 -5.57 -27.16 -20.18
N GLY D 396 -6.42 -26.15 -19.98
CA GLY D 396 -7.03 -25.43 -21.09
C GLY D 396 -6.71 -23.95 -20.99
N GLU D 397 -6.38 -23.35 -22.13
CA GLU D 397 -5.90 -21.98 -22.13
C GLU D 397 -6.04 -21.37 -23.52
N GLY D 398 -6.54 -20.14 -23.56
CA GLY D 398 -6.84 -19.42 -24.77
C GLY D 398 -8.20 -18.77 -24.65
N ALA D 399 -8.71 -18.30 -25.79
CA ALA D 399 -10.08 -17.80 -25.83
C ALA D 399 -10.99 -18.86 -26.43
N ASN D 400 -11.08 -18.90 -27.76
CA ASN D 400 -11.89 -19.92 -28.42
C ASN D 400 -11.37 -21.32 -28.13
N THR D 401 -10.04 -21.51 -28.18
CA THR D 401 -9.47 -22.82 -27.88
C THR D 401 -9.92 -23.33 -26.51
N MET D 402 -9.90 -22.46 -25.51
CA MET D 402 -10.24 -22.88 -24.15
C MET D 402 -11.73 -23.05 -23.96
N ASP D 403 -12.53 -22.09 -24.45
CA ASP D 403 -13.98 -22.13 -24.20
C ASP D 403 -14.64 -23.29 -24.95
N ILE D 404 -14.26 -23.51 -26.21
CA ILE D 404 -14.79 -24.64 -26.96
C ILE D 404 -14.28 -25.95 -26.37
N GLY D 405 -13.02 -25.97 -25.92
CA GLY D 405 -12.50 -27.16 -25.28
C GLY D 405 -13.22 -27.50 -23.99
N ARG D 406 -13.72 -26.47 -23.29
CA ARG D 406 -14.44 -26.70 -22.05
C ARG D 406 -15.69 -27.54 -22.29
N THR D 407 -16.36 -27.33 -23.42
CA THR D 407 -17.58 -28.07 -23.73
C THR D 407 -17.32 -29.38 -24.44
N GLN D 408 -16.18 -29.52 -25.15
CA GLN D 408 -15.91 -30.73 -25.91
C GLN D 408 -15.04 -31.73 -25.15
N MET D 409 -14.40 -31.33 -24.05
CA MET D 409 -13.55 -32.21 -23.27
C MET D 409 -14.18 -32.47 -21.91
N PRO D 410 -14.85 -33.60 -21.72
CA PRO D 410 -15.48 -33.88 -20.42
C PRO D 410 -14.47 -34.35 -19.39
N ASN D 411 -14.76 -34.06 -18.13
CA ASN D 411 -13.98 -34.56 -17.00
C ASN D 411 -14.87 -35.46 -16.14
N PHE D 412 -14.31 -36.57 -15.69
CA PHE D 412 -15.05 -37.54 -14.91
C PHE D 412 -14.58 -37.65 -13.46
N GLU D 413 -13.44 -37.06 -13.12
CA GLU D 413 -12.91 -36.94 -11.78
C GLU D 413 -12.79 -35.46 -11.41
N PRO D 414 -12.91 -35.12 -10.13
CA PRO D 414 -12.71 -33.73 -9.73
C PRO D 414 -11.24 -33.34 -9.85
N ARG D 415 -11.00 -32.02 -9.81
CA ARG D 415 -9.65 -31.47 -9.76
C ARG D 415 -8.79 -31.97 -10.91
N SER D 416 -9.42 -32.26 -12.06
CA SER D 416 -8.70 -32.76 -13.23
C SER D 416 -8.78 -31.79 -14.40
N ARG D 417 -9.22 -30.56 -14.17
CA ARG D 417 -9.20 -29.51 -15.18
C ARG D 417 -8.64 -28.25 -14.54
N LEU D 418 -7.62 -27.67 -15.19
CA LEU D 418 -7.00 -26.43 -14.75
C LEU D 418 -7.01 -25.47 -15.93
N ASP D 419 -7.63 -24.30 -15.76
CA ASP D 419 -7.74 -23.38 -16.89
C ASP D 419 -7.48 -21.96 -16.40
N ALA D 420 -7.85 -20.98 -17.24
CA ALA D 420 -7.51 -19.59 -16.97
C ALA D 420 -8.15 -19.06 -15.69
N GLY D 421 -9.16 -19.74 -15.17
CA GLY D 421 -9.65 -19.45 -13.84
C GLY D 421 -10.46 -18.16 -13.69
N SER D 422 -10.64 -17.79 -12.43
CA SER D 422 -11.45 -16.62 -12.08
C SER D 422 -10.80 -15.30 -12.47
N TYR D 423 -9.50 -15.31 -12.75
CA TYR D 423 -8.76 -14.13 -13.20
C TYR D 423 -8.65 -14.06 -14.72
N GLY D 424 -9.09 -15.09 -15.44
CA GLY D 424 -8.97 -15.14 -16.89
C GLY D 424 -7.55 -14.95 -17.37
N THR D 425 -6.61 -15.67 -16.75
CA THR D 425 -5.18 -15.41 -16.95
C THR D 425 -4.64 -16.21 -18.13
N MET D 426 -3.95 -15.52 -19.04
CA MET D 426 -3.07 -16.18 -19.99
C MET D 426 -1.68 -16.27 -19.36
N GLY D 427 -1.03 -17.42 -19.53
CA GLY D 427 0.28 -17.66 -18.95
C GLY D 427 0.31 -18.77 -17.92
N ILE D 428 -0.82 -19.40 -17.60
CA ILE D 428 -0.83 -20.50 -16.64
C ILE D 428 -0.58 -21.86 -17.28
N GLY D 429 -0.60 -21.93 -18.61
CA GLY D 429 -0.59 -23.19 -19.34
C GLY D 429 0.45 -24.21 -18.91
N LEU D 430 1.71 -23.97 -19.26
CA LEU D 430 2.74 -24.98 -19.00
C LEU D 430 3.10 -25.05 -17.52
N GLY D 431 2.91 -23.96 -16.77
CA GLY D 431 3.13 -24.02 -15.34
C GLY D 431 2.14 -24.97 -14.67
N PHE D 432 0.86 -24.83 -15.01
CA PHE D 432 -0.15 -25.76 -14.50
C PHE D 432 0.17 -27.20 -14.93
N ALA D 433 0.61 -27.38 -16.17
CA ALA D 433 0.88 -28.73 -16.67
C ALA D 433 2.09 -29.35 -15.96
N VAL D 434 3.15 -28.56 -15.76
CA VAL D 434 4.32 -29.06 -15.02
C VAL D 434 3.93 -29.44 -13.60
N ALA D 435 3.08 -28.63 -12.96
CA ALA D 435 2.65 -28.95 -11.61
C ALA D 435 1.83 -30.24 -11.58
N ALA D 436 0.91 -30.40 -12.53
CA ALA D 436 0.13 -31.64 -12.62
C ALA D 436 1.03 -32.84 -12.87
N ALA D 437 2.05 -32.68 -13.72
CA ALA D 437 2.94 -33.80 -14.02
C ALA D 437 3.80 -34.17 -12.82
N ALA D 438 4.12 -33.20 -11.97
CA ALA D 438 4.90 -33.50 -10.77
C ALA D 438 4.05 -34.12 -9.68
N VAL D 439 2.81 -33.66 -9.52
CA VAL D 439 1.96 -34.16 -8.45
C VAL D 439 1.39 -35.53 -8.80
N HIS D 440 0.97 -35.72 -10.06
CA HIS D 440 0.35 -36.98 -10.50
C HIS D 440 1.12 -37.55 -11.68
N PRO D 441 2.37 -38.00 -11.46
CA PRO D 441 3.17 -38.51 -12.58
C PRO D 441 2.62 -39.79 -13.18
N GLY D 442 1.77 -40.51 -12.47
CA GLY D 442 1.13 -41.69 -13.01
C GLY D 442 -0.08 -41.44 -13.89
N ARG D 443 -0.48 -40.17 -14.05
CA ARG D 443 -1.65 -39.83 -14.85
C ARG D 443 -1.25 -39.03 -16.09
N PRO D 444 -1.96 -39.21 -17.20
CA PRO D 444 -1.64 -38.42 -18.40
C PRO D 444 -2.00 -36.95 -18.21
N VAL D 445 -1.12 -36.08 -18.70
CA VAL D 445 -1.31 -34.63 -18.61
C VAL D 445 -1.33 -34.06 -20.03
N ILE D 446 -2.44 -33.45 -20.40
CA ILE D 446 -2.63 -32.89 -21.74
C ILE D 446 -2.98 -31.41 -21.60
N ALA D 447 -2.22 -30.56 -22.30
CA ALA D 447 -2.48 -29.13 -22.35
C ALA D 447 -2.91 -28.77 -23.76
N VAL D 448 -4.09 -28.16 -23.89
CA VAL D 448 -4.61 -27.70 -25.17
C VAL D 448 -4.63 -26.17 -25.12
N GLN D 449 -3.72 -25.54 -25.85
CA GLN D 449 -3.53 -24.10 -25.82
C GLN D 449 -3.74 -23.49 -27.20
N GLY D 450 -4.24 -22.25 -27.21
CA GLY D 450 -4.19 -21.46 -28.42
C GLY D 450 -2.77 -20.99 -28.71
N ASP D 451 -2.56 -20.50 -29.92
CA ASP D 451 -1.22 -20.07 -30.30
C ASP D 451 -0.77 -18.88 -29.46
N SER D 452 -1.68 -17.98 -29.12
CA SER D 452 -1.33 -16.85 -28.26
C SER D 452 -0.98 -17.34 -26.86
N ALA D 453 -1.83 -18.20 -26.28
CA ALA D 453 -1.60 -18.69 -24.94
C ALA D 453 -0.26 -19.42 -24.81
N PHE D 454 0.07 -20.25 -25.80
CA PHE D 454 1.32 -21.00 -25.74
C PHE D 454 2.53 -20.07 -25.67
N GLY D 455 2.45 -18.91 -26.31
CA GLY D 455 3.57 -17.98 -26.30
C GLY D 455 3.91 -17.41 -24.95
N PHE D 456 2.97 -17.43 -24.01
CA PHE D 456 3.22 -16.86 -22.68
C PHE D 456 4.20 -17.71 -21.88
N SER D 457 4.15 -19.03 -22.06
CA SER D 457 4.93 -19.91 -21.19
C SER D 457 5.52 -21.10 -21.94
N GLY D 458 5.59 -21.04 -23.27
CA GLY D 458 6.04 -22.17 -24.05
C GLY D 458 7.44 -22.63 -23.72
N MET D 459 8.29 -21.76 -23.18
CA MET D 459 9.66 -22.13 -22.85
C MET D 459 9.73 -23.16 -21.72
N GLU D 460 8.66 -23.31 -20.95
CA GLU D 460 8.65 -24.33 -19.90
C GLU D 460 8.61 -25.75 -20.45
N PHE D 461 8.48 -25.91 -21.78
CA PHE D 461 8.62 -27.24 -22.34
C PHE D 461 10.00 -27.83 -22.05
N GLU D 462 11.03 -26.98 -22.01
CA GLU D 462 12.35 -27.45 -21.60
C GLU D 462 12.33 -27.97 -20.17
N THR D 463 11.61 -27.29 -19.28
CA THR D 463 11.48 -27.76 -17.91
C THR D 463 10.88 -29.17 -17.88
N ALA D 464 9.79 -29.38 -18.60
CA ALA D 464 9.15 -30.69 -18.66
C ALA D 464 10.12 -31.75 -19.16
N ALA D 465 10.83 -31.46 -20.24
CA ALA D 465 11.77 -32.44 -20.80
C ALA D 465 12.92 -32.71 -19.82
N ARG D 466 13.34 -31.70 -19.07
CA ARG D 466 14.45 -31.88 -18.15
C ARG D 466 14.09 -32.81 -17.00
N TYR D 467 12.84 -32.79 -16.54
CA TYR D 467 12.40 -33.69 -15.48
C TYR D 467 11.63 -34.89 -16.01
N GLY D 468 11.69 -35.14 -17.32
CA GLY D 468 11.06 -36.33 -17.88
C GLY D 468 9.55 -36.36 -17.78
N MET D 469 8.91 -35.21 -17.67
CA MET D 469 7.45 -35.13 -17.60
C MET D 469 6.85 -35.26 -19.00
N PRO D 470 6.14 -36.35 -19.29
CA PRO D 470 5.62 -36.57 -20.66
C PRO D 470 4.35 -35.77 -20.94
N ILE D 471 4.46 -34.44 -20.80
CA ILE D 471 3.33 -33.56 -21.03
C ILE D 471 3.01 -33.51 -22.52
N LYS D 472 1.72 -33.54 -22.86
CA LYS D 472 1.26 -33.52 -24.24
C LYS D 472 0.66 -32.14 -24.51
N VAL D 473 1.39 -31.32 -25.26
CA VAL D 473 0.98 -29.95 -25.55
C VAL D 473 0.35 -29.93 -26.94
N ILE D 474 -0.92 -29.54 -27.01
CA ILE D 474 -1.67 -29.44 -28.26
C ILE D 474 -1.96 -27.97 -28.52
N ILE D 475 -1.44 -27.45 -29.63
CA ILE D 475 -1.57 -26.04 -29.98
C ILE D 475 -2.55 -25.92 -31.13
N LEU D 476 -3.61 -25.13 -30.93
CA LEU D 476 -4.55 -24.79 -32.00
C LEU D 476 -4.16 -23.39 -32.49
N ASN D 477 -3.59 -23.34 -33.69
CA ASN D 477 -2.98 -22.11 -34.21
C ASN D 477 -3.88 -21.53 -35.29
N ASN D 478 -4.60 -20.47 -34.94
CA ASN D 478 -5.32 -19.68 -35.94
C ASN D 478 -4.56 -18.43 -36.34
N GLY D 479 -3.37 -18.20 -35.79
CA GLY D 479 -2.56 -17.07 -36.18
C GLY D 479 -2.91 -15.77 -35.49
N GLY D 480 -3.47 -15.81 -34.29
CA GLY D 480 -3.74 -14.58 -33.58
C GLY D 480 -4.44 -14.77 -32.27
N ILE D 481 -4.81 -13.64 -31.67
CA ILE D 481 -5.51 -13.60 -30.40
C ILE D 481 -7.00 -13.63 -30.67
N GLY D 482 -7.64 -14.76 -30.36
CA GLY D 482 -9.06 -14.97 -30.59
C GLY D 482 -9.48 -15.33 -32.00
N MET D 483 -8.79 -14.79 -32.99
CA MET D 483 -9.11 -15.07 -34.39
C MET D 483 -7.87 -14.79 -35.23
N GLY D 484 -7.89 -15.32 -36.44
CA GLY D 484 -6.81 -15.10 -37.38
C GLY D 484 -6.86 -13.72 -38.00
N SER D 485 -5.99 -13.51 -38.99
CA SER D 485 -5.91 -12.21 -39.63
C SER D 485 -5.24 -12.38 -40.99
N PRO D 486 -5.74 -11.74 -42.04
CA PRO D 486 -5.02 -11.78 -43.32
C PRO D 486 -3.67 -11.10 -43.21
N ALA D 487 -2.73 -11.55 -44.03
CA ALA D 487 -1.42 -10.93 -44.05
C ALA D 487 -1.54 -9.45 -44.39
N PRO D 488 -0.75 -8.57 -43.75
CA PRO D 488 -0.85 -7.12 -43.92
C PRO D 488 -0.66 -6.64 -45.37
N GLY D 491 2.16 -2.30 -47.58
CA GLY D 491 2.74 -1.26 -46.76
C GLY D 491 1.96 -0.97 -45.49
N GLN D 492 1.08 -1.90 -45.12
CA GLN D 492 0.25 -1.74 -43.94
C GLN D 492 0.82 -2.54 -42.77
N PRO D 493 0.66 -2.06 -41.54
CA PRO D 493 1.16 -2.80 -40.39
C PRO D 493 0.25 -3.97 -40.04
N GLY D 494 0.82 -4.95 -39.34
CA GLY D 494 0.04 -6.07 -38.88
C GLY D 494 -1.00 -5.64 -37.86
N MET D 495 -2.10 -6.39 -37.82
CA MET D 495 -3.12 -6.14 -36.82
C MET D 495 -2.55 -6.41 -35.42
N PRO D 496 -3.00 -5.66 -34.42
CA PRO D 496 -2.47 -5.87 -33.05
C PRO D 496 -2.72 -7.27 -32.52
N HIS D 497 -3.79 -7.94 -32.94
CA HIS D 497 -4.09 -9.28 -32.47
C HIS D 497 -3.45 -10.37 -33.31
N ALA D 498 -2.77 -10.01 -34.40
CA ALA D 498 -2.23 -10.99 -35.33
C ALA D 498 -0.93 -11.60 -34.83
N LEU D 499 -0.80 -12.91 -34.98
CA LEU D 499 0.46 -13.61 -34.71
C LEU D 499 0.96 -14.27 -35.99
N SER D 500 1.46 -15.49 -35.90
CA SER D 500 2.03 -16.19 -37.06
C SER D 500 1.24 -17.46 -37.33
N HIS D 501 0.37 -17.42 -38.35
CA HIS D 501 -0.40 -18.60 -38.72
C HIS D 501 0.49 -19.71 -39.29
N ASP D 502 1.64 -19.38 -39.84
CA ASP D 502 2.55 -20.36 -40.41
C ASP D 502 3.65 -20.80 -39.45
N ALA D 503 3.58 -20.38 -38.19
CA ALA D 503 4.62 -20.74 -37.23
C ALA D 503 4.66 -22.26 -37.03
N ARG D 504 5.88 -22.78 -36.89
CA ARG D 504 6.09 -24.20 -36.64
C ARG D 504 6.47 -24.42 -35.18
N TYR D 505 5.47 -24.18 -34.31
CA TYR D 505 5.69 -24.24 -32.87
C TYR D 505 6.21 -25.60 -32.42
N GLU D 506 5.89 -26.66 -33.16
CA GLU D 506 6.28 -28.00 -32.74
C GLU D 506 7.79 -28.19 -32.76
N ARG D 507 8.53 -27.35 -33.50
CA ARG D 507 9.98 -27.48 -33.53
C ARG D 507 10.62 -27.08 -32.21
N ILE D 508 9.88 -26.37 -31.36
CA ILE D 508 10.37 -26.08 -30.01
C ILE D 508 10.53 -27.37 -29.22
N ALA D 509 9.66 -28.35 -29.46
CA ALA D 509 9.82 -29.66 -28.83
C ALA D 509 11.13 -30.32 -29.24
N GLU D 510 11.46 -30.25 -30.54
CA GLU D 510 12.71 -30.82 -31.04
C GLU D 510 13.93 -30.07 -30.52
N ALA D 511 13.75 -28.85 -30.01
CA ALA D 511 14.87 -28.15 -29.40
C ALA D 511 15.28 -28.79 -28.07
N PHE D 512 14.34 -29.47 -27.40
CA PHE D 512 14.59 -29.98 -26.06
C PHE D 512 14.37 -31.49 -25.98
N GLY D 513 14.46 -32.20 -27.09
CA GLY D 513 14.42 -33.64 -27.07
C GLY D 513 13.04 -34.25 -27.02
N GLY D 514 11.99 -33.45 -27.18
CA GLY D 514 10.64 -33.98 -27.27
C GLY D 514 10.27 -34.31 -28.70
N ALA D 515 9.03 -34.74 -28.89
CA ALA D 515 8.51 -35.09 -30.20
C ALA D 515 7.62 -33.97 -30.73
N GLY D 516 7.81 -33.59 -31.98
CA GLY D 516 7.03 -32.54 -32.61
C GLY D 516 6.20 -33.08 -33.75
N PHE D 517 4.98 -32.56 -33.89
CA PHE D 517 4.05 -32.98 -34.92
C PHE D 517 3.33 -31.77 -35.47
N TYR D 518 3.20 -31.72 -36.79
CA TYR D 518 2.57 -30.59 -37.49
C TYR D 518 1.38 -31.09 -38.28
N VAL D 519 0.22 -30.49 -38.05
CA VAL D 519 -1.03 -30.88 -38.69
C VAL D 519 -1.62 -29.67 -39.40
N THR D 520 -1.89 -29.81 -40.69
CA THR D 520 -2.69 -28.85 -41.44
C THR D 520 -3.92 -29.47 -42.09
N ASP D 521 -3.91 -30.77 -42.36
CA ASP D 521 -5.00 -31.48 -42.99
C ASP D 521 -5.66 -32.40 -41.96
N SER D 522 -6.98 -32.55 -42.06
CA SER D 522 -7.72 -33.36 -41.10
C SER D 522 -7.29 -34.82 -41.13
N ALA D 523 -6.75 -35.29 -42.25
CA ALA D 523 -6.30 -36.67 -42.35
C ALA D 523 -5.07 -36.95 -41.49
N GLU D 524 -4.29 -35.93 -41.12
CA GLU D 524 -3.11 -36.11 -40.28
C GLU D 524 -3.40 -36.01 -38.80
N LEU D 525 -4.56 -35.47 -38.41
CA LEU D 525 -4.79 -35.12 -37.02
C LEU D 525 -4.79 -36.36 -36.12
N GLY D 526 -5.63 -37.34 -36.45
CA GLY D 526 -5.68 -38.59 -35.71
C GLY D 526 -4.33 -39.25 -35.55
N PRO D 527 -3.66 -39.55 -36.67
CA PRO D 527 -2.33 -40.17 -36.58
C PRO D 527 -1.31 -39.35 -35.79
N ALA D 528 -1.39 -38.02 -35.84
CA ALA D 528 -0.43 -37.20 -35.09
C ALA D 528 -0.71 -37.27 -33.59
N LEU D 529 -1.98 -37.19 -33.20
CA LEU D 529 -2.33 -37.30 -31.79
C LEU D 529 -1.96 -38.66 -31.23
N ASP D 530 -2.23 -39.73 -31.99
CA ASP D 530 -1.85 -41.07 -31.54
C ASP D 530 -0.35 -41.17 -31.31
N ALA D 531 0.45 -40.64 -32.23
CA ALA D 531 1.90 -40.72 -32.09
C ALA D 531 2.38 -39.87 -30.91
N ALA D 532 1.74 -38.72 -30.69
CA ALA D 532 2.13 -37.88 -29.56
C ALA D 532 1.79 -38.53 -28.22
N MET D 533 0.61 -39.16 -28.14
CA MET D 533 0.22 -39.81 -26.90
C MET D 533 1.10 -41.01 -26.60
N ALA D 534 1.52 -41.74 -27.65
CA ALA D 534 2.33 -42.94 -27.46
C ALA D 534 3.79 -42.61 -27.18
N PHE D 535 4.26 -41.44 -27.60
CA PHE D 535 5.67 -41.09 -27.42
C PHE D 535 6.02 -41.02 -25.94
N LYS D 536 7.10 -41.70 -25.56
CA LYS D 536 7.53 -41.76 -24.16
C LYS D 536 8.31 -40.49 -23.83
N GLY D 537 7.57 -39.38 -23.71
CA GLY D 537 8.16 -38.10 -23.41
C GLY D 537 7.22 -36.97 -23.74
N PRO D 538 7.67 -35.74 -23.51
CA PRO D 538 6.83 -34.57 -23.82
C PRO D 538 6.72 -34.37 -25.32
N ALA D 539 5.58 -33.84 -25.75
CA ALA D 539 5.30 -33.68 -27.17
C ALA D 539 4.53 -32.40 -27.44
N ILE D 540 4.67 -31.90 -28.65
CA ILE D 540 3.90 -30.75 -29.13
C ILE D 540 3.23 -31.14 -30.45
N VAL D 541 1.92 -30.94 -30.52
CA VAL D 541 1.17 -31.11 -31.76
C VAL D 541 0.66 -29.73 -32.18
N ASN D 542 1.22 -29.21 -33.26
CA ASN D 542 0.88 -27.87 -33.75
C ASN D 542 -0.17 -28.04 -34.85
N ILE D 543 -1.39 -27.55 -34.59
CA ILE D 543 -2.51 -27.72 -35.49
C ILE D 543 -2.87 -26.35 -36.06
N LYS D 544 -2.72 -26.21 -37.38
CA LYS D 544 -3.07 -24.98 -38.08
C LYS D 544 -4.55 -25.04 -38.42
N ILE D 545 -5.36 -24.30 -37.66
CA ILE D 545 -6.80 -24.30 -37.84
C ILE D 545 -7.20 -23.10 -38.69
N ALA D 546 -8.48 -23.04 -39.05
CA ALA D 546 -8.99 -21.96 -39.90
C ALA D 546 -8.88 -20.61 -39.19
N ALA D 547 -8.47 -19.59 -39.95
CA ALA D 547 -8.28 -18.27 -39.38
C ALA D 547 -9.56 -17.69 -38.81
N THR D 548 -10.71 -18.04 -39.39
CA THR D 548 -11.99 -17.45 -39.00
C THR D 548 -12.88 -18.41 -38.22
N ALA D 549 -12.37 -19.57 -37.80
CA ALA D 549 -13.17 -20.49 -37.01
C ALA D 549 -13.61 -19.84 -35.70
N ASP D 550 -14.83 -20.17 -35.27
CA ASP D 550 -15.43 -19.50 -34.12
C ASP D 550 -16.28 -20.50 -33.34
N ARG D 551 -16.69 -20.10 -32.14
CA ARG D 551 -17.58 -20.90 -31.32
C ARG D 551 -19.01 -20.79 -31.83
N LYS D 552 -19.87 -21.68 -31.33
CA LYS D 552 -21.24 -21.71 -31.79
C LYS D 552 -21.96 -20.42 -31.36
N PRO D 553 -22.89 -19.93 -32.18
CA PRO D 553 -23.61 -18.70 -31.82
C PRO D 553 -24.40 -18.89 -30.53
N GLN D 554 -24.48 -17.81 -29.75
CA GLN D 554 -25.23 -17.80 -28.50
C GLN D 554 -26.08 -16.54 -28.44
N GLN D 555 -27.13 -16.62 -27.62
CA GLN D 555 -27.98 -15.45 -27.40
C GLN D 555 -27.22 -14.34 -26.67
N PHE D 556 -26.36 -14.71 -25.73
CA PHE D 556 -25.63 -13.75 -24.91
C PHE D 556 -24.13 -13.96 -25.08
N ASN D 557 -23.40 -12.85 -25.16
CA ASN D 557 -21.94 -12.91 -25.12
C ASN D 557 -21.49 -13.38 -23.75
N TRP D 558 -20.34 -14.07 -23.72
CA TRP D 558 -19.85 -14.61 -22.46
C TRP D 558 -19.57 -13.52 -21.44
N HIS D 559 -19.19 -12.33 -21.88
CA HIS D 559 -18.86 -11.23 -20.98
C HIS D 559 -20.06 -10.32 -20.73
N GLY D 560 -20.76 -9.92 -21.79
CA GLY D 560 -21.92 -9.06 -21.66
C GLY D 560 -21.58 -7.60 -21.46
#